data_2VOI
# 
_entry.id   2VOI 
# 
_audit_conform.dict_name       mmcif_pdbx.dic 
_audit_conform.dict_version    5.382 
_audit_conform.dict_location   http://mmcif.pdb.org/dictionaries/ascii/mmcif_pdbx.dic 
# 
loop_
_database_2.database_id 
_database_2.database_code 
_database_2.pdbx_database_accession 
_database_2.pdbx_DOI 
PDB   2VOI         pdb_00002voi 10.2210/pdb2voi/pdb 
PDBE  EBI-35340    ?            ?                   
WWPDB D_1290035340 ?            ?                   
# 
loop_
_pdbx_database_related.db_name 
_pdbx_database_related.db_id 
_pdbx_database_related.content_type 
_pdbx_database_related.details 
PDB 2VOF unspecified 'STRUCTURE OF MOUSE A1 BOUND TO THE PUMA BH3-DOMAIN' 
PDB 2VOG unspecified 'STRUCTURE OF MOUSE A1 BOUND TO THE BMF BH3-DOMAIN'  
PDB 2VOH unspecified 'STRUCTURE OF MOUSE A1 BOUND TO THE BAK BH3-DOMAIN'  
# 
_pdbx_database_status.status_code                     REL 
_pdbx_database_status.entry_id                        2VOI 
_pdbx_database_status.deposit_site                    PDBE 
_pdbx_database_status.process_site                    PDBE 
_pdbx_database_status.SG_entry                        . 
_pdbx_database_status.recvd_initial_deposition_date   2008-02-17 
_pdbx_database_status.pdb_format_compatible           Y 
_pdbx_database_status.status_code_sf                  REL 
_pdbx_database_status.status_code_mr                  ? 
_pdbx_database_status.status_code_cs                  ? 
_pdbx_database_status.methods_development_category    ? 
_pdbx_database_status.status_code_nmr_data            ? 
# 
loop_
_audit_author.name 
_audit_author.pdbx_ordinal 
'Smits, C.'      1 
'Czabotar, P.E.' 2 
'Hinds, M.G.'    3 
'Day, C.L.'      4 
# 
_citation.id                        primary 
_citation.title                     'Structural Plasticity Underpins Promiscuous Binding of the Prosurvival Protein A1.' 
_citation.journal_abbrev            Structure 
_citation.journal_volume            16 
_citation.page_first                818 
_citation.page_last                 ? 
_citation.year                      2008 
_citation.journal_id_ASTM           STRUE6 
_citation.country                   UK 
_citation.journal_id_ISSN           0969-2126 
_citation.journal_id_CSD            2005 
_citation.book_publisher            ? 
_citation.pdbx_database_id_PubMed   18462686 
_citation.pdbx_database_id_DOI      10.1016/J.STR.2008.02.009 
# 
loop_
_citation_author.citation_id 
_citation_author.name 
_citation_author.ordinal 
_citation_author.identifier_ORCID 
primary 'Smits, C.'      1 ? 
primary 'Czabotar, P.E.' 2 ? 
primary 'Hinds, M.G.'    3 ? 
primary 'Day, C.L.'      4 ? 
# 
_cell.entry_id           2VOI 
_cell.length_a           61.737 
_cell.length_b           80.808 
_cell.length_c           32.184 
_cell.angle_alpha        90.00 
_cell.angle_beta         90.00 
_cell.angle_gamma        90.00 
_cell.Z_PDB              4 
_cell.pdbx_unique_axis   ? 
# 
_symmetry.entry_id                         2VOI 
_symmetry.space_group_name_H-M             'P 21 21 2' 
_symmetry.pdbx_full_space_group_name_H-M   ? 
_symmetry.cell_setting                     ? 
_symmetry.Int_Tables_number                18 
# 
loop_
_entity.id 
_entity.type 
_entity.src_method 
_entity.pdbx_description 
_entity.formula_weight 
_entity.pdbx_number_of_molecules 
_entity.pdbx_ec 
_entity.pdbx_mutation 
_entity.pdbx_fragment 
_entity.details 
1 polymer     man 'BCL-2-RELATED PROTEIN A1'                 17922.418 1  ? YES 'RESIDUES 1-152'              ? 
2 polymer     syn 'BH3-INTERACTING DOMAIN DEATH AGONIST P13' 3941.365  1  ? ?   'BH3-DOMAIN, RESIDUES 76-109' ? 
3 non-polymer syn 'CHLORIDE ION'                             35.453    1  ? ?   ?                             ? 
4 water       nat water                                      18.015    25 ? ?   ?                             ? 
# 
loop_
_entity_name_com.entity_id 
_entity_name_com.name 
1 'PROTEIN BFL-1, HEMOPOIETIC-SPECIFIC EARLY RESPONSE PROTEIN, A1-A' 
2 'BH3-INTERACTING DOMAIN DEATH AGONIST, P13 BID'                    
# 
loop_
_entity_poly.entity_id 
_entity_poly.type 
_entity_poly.nstd_linkage 
_entity_poly.nstd_monomer 
_entity_poly.pdbx_seq_one_letter_code 
_entity_poly.pdbx_seq_one_letter_code_can 
_entity_poly.pdbx_strand_id 
_entity_poly.pdbx_target_identifier 
1 'polypeptide(L)' no no 
;GPLGSMAESELMHIHSLAEHYLQYVLQVPAFESAPSQACRVLQRVAFSVQKEVEKNLKSYLDDFHVESIDTARIIFNQVM
EKEFEDGIINWGRIVTIFAFGGVLLKKLKQEQIALDVSAYKQVSSFVAEFIMNNTGEWIRQNGGWEDGFIKKFEPKS
;
;GPLGSMAESELMHIHSLAEHYLQYVLQVPAFESAPSQACRVLQRVAFSVQKEVEKNLKSYLDDFHVESIDTARIIFNQVM
EKEFEDGIINWGRIVTIFAFGGVLLKKLKQEQIALDVSAYKQVSSFVAEFIMNNTGEWIRQNGGWEDGFIKKFEPKS
;
A ? 
2 'polypeptide(L)' no no SESQEEIIHNIARHLAQIGDEMDHNIQPTLVRQL SESQEEIIHNIARHLAQIGDEMDHNIQPTLVRQL B ? 
# 
loop_
_entity_poly_seq.entity_id 
_entity_poly_seq.num 
_entity_poly_seq.mon_id 
_entity_poly_seq.hetero 
1 1   GLY n 
1 2   PRO n 
1 3   LEU n 
1 4   GLY n 
1 5   SER n 
1 6   MET n 
1 7   ALA n 
1 8   GLU n 
1 9   SER n 
1 10  GLU n 
1 11  LEU n 
1 12  MET n 
1 13  HIS n 
1 14  ILE n 
1 15  HIS n 
1 16  SER n 
1 17  LEU n 
1 18  ALA n 
1 19  GLU n 
1 20  HIS n 
1 21  TYR n 
1 22  LEU n 
1 23  GLN n 
1 24  TYR n 
1 25  VAL n 
1 26  LEU n 
1 27  GLN n 
1 28  VAL n 
1 29  PRO n 
1 30  ALA n 
1 31  PHE n 
1 32  GLU n 
1 33  SER n 
1 34  ALA n 
1 35  PRO n 
1 36  SER n 
1 37  GLN n 
1 38  ALA n 
1 39  CYS n 
1 40  ARG n 
1 41  VAL n 
1 42  LEU n 
1 43  GLN n 
1 44  ARG n 
1 45  VAL n 
1 46  ALA n 
1 47  PHE n 
1 48  SER n 
1 49  VAL n 
1 50  GLN n 
1 51  LYS n 
1 52  GLU n 
1 53  VAL n 
1 54  GLU n 
1 55  LYS n 
1 56  ASN n 
1 57  LEU n 
1 58  LYS n 
1 59  SER n 
1 60  TYR n 
1 61  LEU n 
1 62  ASP n 
1 63  ASP n 
1 64  PHE n 
1 65  HIS n 
1 66  VAL n 
1 67  GLU n 
1 68  SER n 
1 69  ILE n 
1 70  ASP n 
1 71  THR n 
1 72  ALA n 
1 73  ARG n 
1 74  ILE n 
1 75  ILE n 
1 76  PHE n 
1 77  ASN n 
1 78  GLN n 
1 79  VAL n 
1 80  MET n 
1 81  GLU n 
1 82  LYS n 
1 83  GLU n 
1 84  PHE n 
1 85  GLU n 
1 86  ASP n 
1 87  GLY n 
1 88  ILE n 
1 89  ILE n 
1 90  ASN n 
1 91  TRP n 
1 92  GLY n 
1 93  ARG n 
1 94  ILE n 
1 95  VAL n 
1 96  THR n 
1 97  ILE n 
1 98  PHE n 
1 99  ALA n 
1 100 PHE n 
1 101 GLY n 
1 102 GLY n 
1 103 VAL n 
1 104 LEU n 
1 105 LEU n 
1 106 LYS n 
1 107 LYS n 
1 108 LEU n 
1 109 LYS n 
1 110 GLN n 
1 111 GLU n 
1 112 GLN n 
1 113 ILE n 
1 114 ALA n 
1 115 LEU n 
1 116 ASP n 
1 117 VAL n 
1 118 SER n 
1 119 ALA n 
1 120 TYR n 
1 121 LYS n 
1 122 GLN n 
1 123 VAL n 
1 124 SER n 
1 125 SER n 
1 126 PHE n 
1 127 VAL n 
1 128 ALA n 
1 129 GLU n 
1 130 PHE n 
1 131 ILE n 
1 132 MET n 
1 133 ASN n 
1 134 ASN n 
1 135 THR n 
1 136 GLY n 
1 137 GLU n 
1 138 TRP n 
1 139 ILE n 
1 140 ARG n 
1 141 GLN n 
1 142 ASN n 
1 143 GLY n 
1 144 GLY n 
1 145 TRP n 
1 146 GLU n 
1 147 ASP n 
1 148 GLY n 
1 149 PHE n 
1 150 ILE n 
1 151 LYS n 
1 152 LYS n 
1 153 PHE n 
1 154 GLU n 
1 155 PRO n 
1 156 LYS n 
1 157 SER n 
2 1   SER n 
2 2   GLU n 
2 3   SER n 
2 4   GLN n 
2 5   GLU n 
2 6   GLU n 
2 7   ILE n 
2 8   ILE n 
2 9   HIS n 
2 10  ASN n 
2 11  ILE n 
2 12  ALA n 
2 13  ARG n 
2 14  HIS n 
2 15  LEU n 
2 16  ALA n 
2 17  GLN n 
2 18  ILE n 
2 19  GLY n 
2 20  ASP n 
2 21  GLU n 
2 22  MET n 
2 23  ASP n 
2 24  HIS n 
2 25  ASN n 
2 26  ILE n 
2 27  GLN n 
2 28  PRO n 
2 29  THR n 
2 30  LEU n 
2 31  VAL n 
2 32  ARG n 
2 33  GLN n 
2 34  LEU n 
# 
_entity_src_gen.entity_id                          1 
_entity_src_gen.pdbx_src_id                        1 
_entity_src_gen.pdbx_alt_source_flag               sample 
_entity_src_gen.pdbx_seq_type                      ? 
_entity_src_gen.pdbx_beg_seq_num                   ? 
_entity_src_gen.pdbx_end_seq_num                   ? 
_entity_src_gen.gene_src_common_name               MOUSE 
_entity_src_gen.gene_src_genus                     ? 
_entity_src_gen.pdbx_gene_src_gene                 ? 
_entity_src_gen.gene_src_species                   ? 
_entity_src_gen.gene_src_strain                    ? 
_entity_src_gen.gene_src_tissue                    ? 
_entity_src_gen.gene_src_tissue_fraction           ? 
_entity_src_gen.gene_src_details                   ? 
_entity_src_gen.pdbx_gene_src_fragment             ? 
_entity_src_gen.pdbx_gene_src_scientific_name      'MUS MUSCULUS' 
_entity_src_gen.pdbx_gene_src_ncbi_taxonomy_id     10090 
_entity_src_gen.pdbx_gene_src_variant              ? 
_entity_src_gen.pdbx_gene_src_cell_line            ? 
_entity_src_gen.pdbx_gene_src_atcc                 ? 
_entity_src_gen.pdbx_gene_src_organ                ? 
_entity_src_gen.pdbx_gene_src_organelle            ? 
_entity_src_gen.pdbx_gene_src_cell                 ? 
_entity_src_gen.pdbx_gene_src_cellular_location    ? 
_entity_src_gen.host_org_common_name               ? 
_entity_src_gen.pdbx_host_org_scientific_name      'ESCHERICHIA COLI' 
_entity_src_gen.pdbx_host_org_ncbi_taxonomy_id     469008 
_entity_src_gen.host_org_genus                     ? 
_entity_src_gen.pdbx_host_org_gene                 ? 
_entity_src_gen.pdbx_host_org_organ                ? 
_entity_src_gen.host_org_species                   ? 
_entity_src_gen.pdbx_host_org_tissue               ? 
_entity_src_gen.pdbx_host_org_tissue_fraction      ? 
_entity_src_gen.pdbx_host_org_strain               'BL21(DE3)' 
_entity_src_gen.pdbx_host_org_variant              'PSJS 1240' 
_entity_src_gen.pdbx_host_org_cell_line            ? 
_entity_src_gen.pdbx_host_org_atcc                 ? 
_entity_src_gen.pdbx_host_org_culture_collection   ? 
_entity_src_gen.pdbx_host_org_cell                 ? 
_entity_src_gen.pdbx_host_org_organelle            ? 
_entity_src_gen.pdbx_host_org_cellular_location    ? 
_entity_src_gen.pdbx_host_org_vector_type          PLASMID 
_entity_src_gen.pdbx_host_org_vector               ? 
_entity_src_gen.host_org_details                   ? 
_entity_src_gen.expression_system_id               ? 
_entity_src_gen.plasmid_name                       'PGEX 6P-3' 
_entity_src_gen.plasmid_details                    ? 
_entity_src_gen.pdbx_description                   ? 
# 
_pdbx_entity_src_syn.entity_id              2 
_pdbx_entity_src_syn.pdbx_src_id            1 
_pdbx_entity_src_syn.pdbx_alt_source_flag   sample 
_pdbx_entity_src_syn.pdbx_beg_seq_num       ? 
_pdbx_entity_src_syn.pdbx_end_seq_num       ? 
_pdbx_entity_src_syn.organism_scientific    'MUS MUSCULUS' 
_pdbx_entity_src_syn.organism_common_name   MOUSE 
_pdbx_entity_src_syn.ncbi_taxonomy_id       10090 
_pdbx_entity_src_syn.details                ? 
# 
loop_
_struct_ref.id 
_struct_ref.db_name 
_struct_ref.db_code 
_struct_ref.entity_id 
_struct_ref.pdbx_seq_one_letter_code 
_struct_ref.pdbx_align_begin 
_struct_ref.pdbx_db_accession 
_struct_ref.pdbx_db_isoform 
1 PDB 2VOI        1 ? ? 2VOI   ? 
2 UNP B2LA1_MOUSE 1 ? ? Q07440 ? 
3 UNP BID_MOUSE   2 ? ? P70444 ? 
# 
loop_
_struct_ref_seq.align_id 
_struct_ref_seq.ref_id 
_struct_ref_seq.pdbx_PDB_id_code 
_struct_ref_seq.pdbx_strand_id 
_struct_ref_seq.seq_align_beg 
_struct_ref_seq.pdbx_seq_align_beg_ins_code 
_struct_ref_seq.seq_align_end 
_struct_ref_seq.pdbx_seq_align_end_ins_code 
_struct_ref_seq.pdbx_db_accession 
_struct_ref_seq.db_align_beg 
_struct_ref_seq.pdbx_db_align_beg_ins_code 
_struct_ref_seq.db_align_end 
_struct_ref_seq.pdbx_db_align_end_ins_code 
_struct_ref_seq.pdbx_auth_seq_align_beg 
_struct_ref_seq.pdbx_auth_seq_align_end 
1 1 2VOI A 1 ? 5   ? 2VOI   -4 ? 0   ? -4 0   
2 2 2VOI A 6 ? 157 ? Q07440 1  ? 152 ? 1  152 
3 3 2VOI B 1 ? 34  ? P70444 76 ? 109 ? 76 109 
# 
loop_
_struct_ref_seq_dif.align_id 
_struct_ref_seq_dif.pdbx_pdb_id_code 
_struct_ref_seq_dif.mon_id 
_struct_ref_seq_dif.pdbx_pdb_strand_id 
_struct_ref_seq_dif.seq_num 
_struct_ref_seq_dif.pdbx_pdb_ins_code 
_struct_ref_seq_dif.pdbx_seq_db_name 
_struct_ref_seq_dif.pdbx_seq_db_accession_code 
_struct_ref_seq_dif.db_mon_id 
_struct_ref_seq_dif.pdbx_seq_db_seq_num 
_struct_ref_seq_dif.details 
_struct_ref_seq_dif.pdbx_auth_seq_num 
_struct_ref_seq_dif.pdbx_ordinal 
1 2VOI LYS A 109 ? UNP Q07440 PRO 104 'engineered mutation' 104 1 
1 2VOI SER A 118 ? UNP Q07440 CYS 113 'engineered mutation' 113 2 
# 
loop_
_chem_comp.id 
_chem_comp.type 
_chem_comp.mon_nstd_flag 
_chem_comp.name 
_chem_comp.pdbx_synonyms 
_chem_comp.formula 
_chem_comp.formula_weight 
ALA 'L-peptide linking' y ALANINE         ? 'C3 H7 N O2'     89.093  
ARG 'L-peptide linking' y ARGININE        ? 'C6 H15 N4 O2 1' 175.209 
ASN 'L-peptide linking' y ASPARAGINE      ? 'C4 H8 N2 O3'    132.118 
ASP 'L-peptide linking' y 'ASPARTIC ACID' ? 'C4 H7 N O4'     133.103 
CL  non-polymer         . 'CHLORIDE ION'  ? 'Cl -1'          35.453  
CYS 'L-peptide linking' y CYSTEINE        ? 'C3 H7 N O2 S'   121.158 
GLN 'L-peptide linking' y GLUTAMINE       ? 'C5 H10 N2 O3'   146.144 
GLU 'L-peptide linking' y 'GLUTAMIC ACID' ? 'C5 H9 N O4'     147.129 
GLY 'peptide linking'   y GLYCINE         ? 'C2 H5 N O2'     75.067  
HIS 'L-peptide linking' y HISTIDINE       ? 'C6 H10 N3 O2 1' 156.162 
HOH non-polymer         . WATER           ? 'H2 O'           18.015  
ILE 'L-peptide linking' y ISOLEUCINE      ? 'C6 H13 N O2'    131.173 
LEU 'L-peptide linking' y LEUCINE         ? 'C6 H13 N O2'    131.173 
LYS 'L-peptide linking' y LYSINE          ? 'C6 H15 N2 O2 1' 147.195 
MET 'L-peptide linking' y METHIONINE      ? 'C5 H11 N O2 S'  149.211 
PHE 'L-peptide linking' y PHENYLALANINE   ? 'C9 H11 N O2'    165.189 
PRO 'L-peptide linking' y PROLINE         ? 'C5 H9 N O2'     115.130 
SER 'L-peptide linking' y SERINE          ? 'C3 H7 N O3'     105.093 
THR 'L-peptide linking' y THREONINE       ? 'C4 H9 N O3'     119.119 
TRP 'L-peptide linking' y TRYPTOPHAN      ? 'C11 H12 N2 O2'  204.225 
TYR 'L-peptide linking' y TYROSINE        ? 'C9 H11 N O3'    181.189 
VAL 'L-peptide linking' y VALINE          ? 'C5 H11 N O2'    117.146 
# 
_exptl.entry_id          2VOI 
_exptl.method            'X-RAY DIFFRACTION' 
_exptl.crystals_number   1 
# 
_exptl_crystal.id                    1 
_exptl_crystal.density_meas          ? 
_exptl_crystal.density_Matthews      1.84 
_exptl_crystal.density_percent_sol   33 
_exptl_crystal.description           NONE 
# 
_exptl_crystal_grow.crystal_id      1 
_exptl_crystal_grow.method          ? 
_exptl_crystal_grow.temp            ? 
_exptl_crystal_grow.temp_details    ? 
_exptl_crystal_grow.pH              ? 
_exptl_crystal_grow.pdbx_pH_range   ? 
_exptl_crystal_grow.pdbx_details    '0.1 M CITRIC ACID, KOH (PH 4.2), 18% PEG 2000, 0.4 M LICL' 
# 
_diffrn.id                     1 
_diffrn.ambient_temp           93 
_diffrn.ambient_temp_details   ? 
_diffrn.crystal_id             1 
# 
_diffrn_detector.diffrn_id              1 
_diffrn_detector.detector               'IMAGE PLATE' 
_diffrn_detector.type                   'RIGAKU IMAGE PLATE' 
_diffrn_detector.pdbx_collection_date   ? 
_diffrn_detector.details                ? 
# 
_diffrn_radiation.diffrn_id                        1 
_diffrn_radiation.wavelength_id                    1 
_diffrn_radiation.pdbx_monochromatic_or_laue_m_l   M 
_diffrn_radiation.monochromator                    ? 
_diffrn_radiation.pdbx_diffrn_protocol             'SINGLE WAVELENGTH' 
_diffrn_radiation.pdbx_scattering_type             x-ray 
# 
_diffrn_radiation_wavelength.id           1 
_diffrn_radiation_wavelength.wavelength   1.5418 
_diffrn_radiation_wavelength.wt           1.0 
# 
_diffrn_source.diffrn_id                   1 
_diffrn_source.source                      'ROTATING ANODE' 
_diffrn_source.type                        'RIGAKU MICROMAX-007 HF' 
_diffrn_source.pdbx_synchrotron_site       ? 
_diffrn_source.pdbx_synchrotron_beamline   ? 
_diffrn_source.pdbx_wavelength             1.5418 
_diffrn_source.pdbx_wavelength_list        ? 
# 
_reflns.pdbx_diffrn_id               1 
_reflns.pdbx_ordinal                 1 
_reflns.entry_id                     2VOI 
_reflns.observed_criterion_sigma_I   1.0 
_reflns.observed_criterion_sigma_F   ? 
_reflns.d_resolution_low             28.54 
_reflns.d_resolution_high            2.10 
_reflns.number_obs                   9930 
_reflns.number_all                   ? 
_reflns.percent_possible_obs         99.9 
_reflns.pdbx_Rmerge_I_obs            0.04 
_reflns.pdbx_Rsym_value              ? 
_reflns.pdbx_netI_over_sigmaI        19.10 
_reflns.B_iso_Wilson_estimate        ? 
_reflns.pdbx_redundancy              3.6 
# 
_reflns_shell.pdbx_diffrn_id         1 
_reflns_shell.pdbx_ordinal           1 
_reflns_shell.d_res_high             2.10 
_reflns_shell.d_res_low              2.21 
_reflns_shell.percent_possible_all   99.9 
_reflns_shell.Rmerge_I_obs           0.55 
_reflns_shell.pdbx_Rsym_value        ? 
_reflns_shell.meanI_over_sigI_obs    2.20 
_reflns_shell.pdbx_redundancy        3.5 
# 
_refine.pdbx_refine_id                           'X-RAY DIFFRACTION' 
_refine.entry_id                                 2VOI 
_refine.pdbx_diffrn_id                           1 
_refine.pdbx_TLS_residual_ADP_flag               'LIKELY RESIDUAL' 
_refine.ls_number_reflns_obs                     9451 
_refine.ls_number_reflns_all                     ? 
_refine.pdbx_ls_sigma_I                          ? 
_refine.pdbx_ls_sigma_F                          ? 
_refine.pdbx_data_cutoff_high_absF               ? 
_refine.pdbx_data_cutoff_low_absF                ? 
_refine.pdbx_data_cutoff_high_rms_absF           ? 
_refine.ls_d_res_low                             26.94 
_refine.ls_d_res_high                            2.10 
_refine.ls_percent_reflns_obs                    99.8 
_refine.ls_R_factor_obs                          0.209 
_refine.ls_R_factor_all                          ? 
_refine.ls_R_factor_R_work                       0.207 
_refine.ls_R_factor_R_free                       0.242 
_refine.ls_R_factor_R_free_error                 ? 
_refine.ls_R_factor_R_free_error_details         ? 
_refine.ls_percent_reflns_R_free                 4.800 
_refine.ls_number_reflns_R_free                  478 
_refine.ls_number_parameters                     ? 
_refine.ls_number_restraints                     ? 
_refine.occupancy_min                            ? 
_refine.occupancy_max                            ? 
_refine.correlation_coeff_Fo_to_Fc               0.961 
_refine.correlation_coeff_Fo_to_Fc_free          0.950 
_refine.B_iso_mean                               52.29 
_refine.aniso_B[1][1]                            1.07000 
_refine.aniso_B[2][2]                            0.91000 
_refine.aniso_B[3][3]                            -1.99000 
_refine.aniso_B[1][2]                            0.00000 
_refine.aniso_B[1][3]                            0.00000 
_refine.aniso_B[2][3]                            0.00000 
_refine.solvent_model_details                    'BABINET MODEL WITH MASK' 
_refine.solvent_model_param_ksol                 ? 
_refine.solvent_model_param_bsol                 ? 
_refine.pdbx_solvent_vdw_probe_radii             1.20 
_refine.pdbx_solvent_ion_probe_radii             0.80 
_refine.pdbx_solvent_shrinkage_radii             0.80 
_refine.pdbx_ls_cross_valid_method               THROUGHOUT 
_refine.details                                  'HYDROGENS HAVE BEEN ADDED IN THE RIDING POSITIONS.' 
_refine.pdbx_starting_model                      'PDB ENTRY 2VOF' 
_refine.pdbx_method_to_determine_struct          'MOLECULAR REPLACEMENT' 
_refine.pdbx_isotropic_thermal_model             ? 
_refine.pdbx_stereochemistry_target_values       'MAXIMUM LIKELIHOOD' 
_refine.pdbx_stereochem_target_val_spec_case     ? 
_refine.pdbx_R_Free_selection_details            RANDOM 
_refine.pdbx_overall_ESU_R                       0.269 
_refine.pdbx_overall_ESU_R_Free                  0.200 
_refine.overall_SU_ML                            0.166 
_refine.pdbx_overall_phase_error                 ? 
_refine.overall_SU_B                             13.326 
_refine.overall_SU_R_Cruickshank_DPI             ? 
_refine.pdbx_overall_SU_R_free_Cruickshank_DPI   ? 
_refine.pdbx_overall_SU_R_Blow_DPI               ? 
_refine.pdbx_overall_SU_R_free_Blow_DPI          ? 
# 
_refine_hist.pdbx_refine_id                   'X-RAY DIFFRACTION' 
_refine_hist.cycle_id                         LAST 
_refine_hist.pdbx_number_atoms_protein        1381 
_refine_hist.pdbx_number_atoms_nucleic_acid   0 
_refine_hist.pdbx_number_atoms_ligand         1 
_refine_hist.number_atoms_solvent             25 
_refine_hist.number_atoms_total               1407 
_refine_hist.d_res_high                       2.10 
_refine_hist.d_res_low                        26.94 
# 
loop_
_refine_ls_restr.type 
_refine_ls_restr.dev_ideal 
_refine_ls_restr.dev_ideal_target 
_refine_ls_restr.weight 
_refine_ls_restr.number 
_refine_ls_restr.pdbx_refine_id 
_refine_ls_restr.pdbx_restraint_function 
r_bond_refined_d             0.010  0.022  ? 1409 'X-RAY DIFFRACTION' ? 
r_bond_other_d               0.001  0.020  ? 1245 'X-RAY DIFFRACTION' ? 
r_angle_refined_deg          1.161  1.919  ? 1902 'X-RAY DIFFRACTION' ? 
r_angle_other_deg            0.807  3.000  ? 2888 'X-RAY DIFFRACTION' ? 
r_dihedral_angle_1_deg       5.821  5.000  ? 172  'X-RAY DIFFRACTION' ? 
r_dihedral_angle_2_deg       35.673 25.205 ? 73   'X-RAY DIFFRACTION' ? 
r_dihedral_angle_3_deg       17.008 15.000 ? 241  'X-RAY DIFFRACTION' ? 
r_dihedral_angle_4_deg       15.772 15.000 ? 5    'X-RAY DIFFRACTION' ? 
r_chiral_restr               0.076  0.200  ? 208  'X-RAY DIFFRACTION' ? 
r_gen_planes_refined         0.004  0.020  ? 1584 'X-RAY DIFFRACTION' ? 
r_gen_planes_other           0.001  0.020  ? 290  'X-RAY DIFFRACTION' ? 
r_nbd_refined                0.204  0.200  ? 343  'X-RAY DIFFRACTION' ? 
r_nbd_other                  0.160  0.200  ? 1165 'X-RAY DIFFRACTION' ? 
r_nbtor_refined              0.185  0.200  ? 695  'X-RAY DIFFRACTION' ? 
r_nbtor_other                0.085  0.200  ? 770  'X-RAY DIFFRACTION' ? 
r_xyhbond_nbd_refined        0.138  0.200  ? 35   'X-RAY DIFFRACTION' ? 
r_xyhbond_nbd_other          ?      ?      ? ?    'X-RAY DIFFRACTION' ? 
r_metal_ion_refined          ?      ?      ? ?    'X-RAY DIFFRACTION' ? 
r_metal_ion_other            ?      ?      ? ?    'X-RAY DIFFRACTION' ? 
r_symmetry_vdw_refined       0.128  0.200  ? 12   'X-RAY DIFFRACTION' ? 
r_symmetry_vdw_other         0.129  0.200  ? 41   'X-RAY DIFFRACTION' ? 
r_symmetry_hbond_refined     0.203  0.200  ? 4    'X-RAY DIFFRACTION' ? 
r_symmetry_hbond_other       ?      ?      ? ?    'X-RAY DIFFRACTION' ? 
r_symmetry_metal_ion_refined ?      ?      ? ?    'X-RAY DIFFRACTION' ? 
r_symmetry_metal_ion_other   ?      ?      ? ?    'X-RAY DIFFRACTION' ? 
r_mcbond_it                  0.616  1.500  ? 892  'X-RAY DIFFRACTION' ? 
r_mcbond_other               ?      ?      ? ?    'X-RAY DIFFRACTION' ? 
r_mcangle_it                 0.979  2.000  ? 1375 'X-RAY DIFFRACTION' ? 
r_mcangle_other              ?      ?      ? ?    'X-RAY DIFFRACTION' ? 
r_scbond_it                  1.316  3.000  ? 596  'X-RAY DIFFRACTION' ? 
r_scbond_other               ?      ?      ? ?    'X-RAY DIFFRACTION' ? 
r_scangle_it                 1.932  4.500  ? 527  'X-RAY DIFFRACTION' ? 
r_scangle_other              ?      ?      ? ?    'X-RAY DIFFRACTION' ? 
r_long_range_B_refined       ?      ?      ? ?    'X-RAY DIFFRACTION' ? 
r_long_range_B_other         ?      ?      ? ?    'X-RAY DIFFRACTION' ? 
r_rigid_bond_restr           ?      ?      ? ?    'X-RAY DIFFRACTION' ? 
r_sphericity_free            ?      ?      ? ?    'X-RAY DIFFRACTION' ? 
r_sphericity_bonded          ?      ?      ? ?    'X-RAY DIFFRACTION' ? 
# 
_refine_ls_shell.pdbx_refine_id                   'X-RAY DIFFRACTION' 
_refine_ls_shell.pdbx_total_number_of_bins_used   20 
_refine_ls_shell.d_res_high                       2.10 
_refine_ls_shell.d_res_low                        2.15 
_refine_ls_shell.number_reflns_R_work             687 
_refine_ls_shell.R_factor_R_work                  0.2680 
_refine_ls_shell.percent_reflns_obs               ? 
_refine_ls_shell.R_factor_R_free                  0.3220 
_refine_ls_shell.R_factor_R_free_error            ? 
_refine_ls_shell.percent_reflns_R_free            ? 
_refine_ls_shell.number_reflns_R_free             36 
_refine_ls_shell.number_reflns_all                ? 
_refine_ls_shell.R_factor_all                     ? 
# 
_struct.entry_id                  2VOI 
_struct.title                     'Structure of mouse A1 bound to the Bid BH3-domain' 
_struct.pdbx_model_details        ? 
_struct.pdbx_CASP_flag            ? 
_struct.pdbx_model_type_details   ? 
# 
_struct_keywords.entry_id        2VOI 
_struct_keywords.pdbx_keywords   APOPTOSIS 
_struct_keywords.text            
'PROTEIN-PROTEIN COMPLEX, BH3, BCL-2, MEMBRANE, APOPTOSIS, PRO-SURVIVAL, MITOCHONDRION, PHOSPHOPROTEIN' 
# 
loop_
_struct_asym.id 
_struct_asym.pdbx_blank_PDB_chainid_flag 
_struct_asym.pdbx_modified 
_struct_asym.entity_id 
_struct_asym.details 
A N N 1 ? 
B N N 2 ? 
C N N 3 ? 
D N N 4 ? 
E N N 4 ? 
# 
_struct_biol.id   1 
# 
loop_
_struct_conf.conf_type_id 
_struct_conf.id 
_struct_conf.pdbx_PDB_helix_id 
_struct_conf.beg_label_comp_id 
_struct_conf.beg_label_asym_id 
_struct_conf.beg_label_seq_id 
_struct_conf.pdbx_beg_PDB_ins_code 
_struct_conf.end_label_comp_id 
_struct_conf.end_label_asym_id 
_struct_conf.end_label_seq_id 
_struct_conf.pdbx_end_PDB_ins_code 
_struct_conf.beg_auth_comp_id 
_struct_conf.beg_auth_asym_id 
_struct_conf.beg_auth_seq_id 
_struct_conf.end_auth_comp_id 
_struct_conf.end_auth_asym_id 
_struct_conf.end_auth_seq_id 
_struct_conf.pdbx_PDB_helix_class 
_struct_conf.details 
_struct_conf.pdbx_PDB_helix_length 
HELX_P HELX_P1 1 SER A 5   ? LEU A 26  ? SER A 0   LEU A 21  1 ? 22 
HELX_P HELX_P2 2 SER A 36  ? LEU A 57  ? SER A 31  LEU A 52  1 ? 22 
HELX_P HELX_P3 3 LEU A 57  ? ASP A 62  ? LEU A 52  ASP A 57  1 ? 6  
HELX_P HELX_P4 4 SER A 68  ? PHE A 84  ? SER A 63  PHE A 79  1 ? 17 
HELX_P HELX_P5 5 ASN A 90  ? GLN A 112 ? ASN A 85  GLN A 107 1 ? 23 
HELX_P HELX_P6 6 SER A 118 ? ASN A 142 ? SER A 113 ASN A 137 1 ? 25 
HELX_P HELX_P7 7 ASP A 147 ? PHE A 153 ? ASP A 142 PHE A 148 1 ? 7  
HELX_P HELX_P8 8 SER B 3   ? ASN B 25  ? SER B 78  ASN B 100 1 ? 23 
# 
_struct_conf_type.id          HELX_P 
_struct_conf_type.criteria    ? 
_struct_conf_type.reference   ? 
# 
_struct_site.id                   AC1 
_struct_site.pdbx_evidence_code   Software 
_struct_site.pdbx_auth_asym_id    ? 
_struct_site.pdbx_auth_comp_id    ? 
_struct_site.pdbx_auth_seq_id     ? 
_struct_site.pdbx_auth_ins_code   ? 
_struct_site.pdbx_num_residues    2 
_struct_site.details              'BINDING SITE FOR RESIDUE CL A1150' 
# 
loop_
_struct_site_gen.id 
_struct_site_gen.site_id 
_struct_site_gen.pdbx_num_res 
_struct_site_gen.label_comp_id 
_struct_site_gen.label_asym_id 
_struct_site_gen.label_seq_id 
_struct_site_gen.pdbx_auth_ins_code 
_struct_site_gen.auth_comp_id 
_struct_site_gen.auth_asym_id 
_struct_site_gen.auth_seq_id 
_struct_site_gen.label_atom_id 
_struct_site_gen.label_alt_id 
_struct_site_gen.symmetry 
_struct_site_gen.details 
1 AC1 2 HIS A 15 ? HIS A 10   . ? 1_555 ? 
2 AC1 2 HOH D .  ? HOH A 2001 . ? 1_555 ? 
# 
_atom_sites.entry_id                    2VOI 
_atom_sites.fract_transf_matrix[1][1]   -0.00476216 
_atom_sites.fract_transf_matrix[1][2]   0.01439999 
_atom_sites.fract_transf_matrix[1][3]   0.00568658 
_atom_sites.fract_transf_matrix[2][1]   0.00494410 
_atom_sites.fract_transf_matrix[2][2]   0.00554366 
_atom_sites.fract_transf_matrix[2][3]   -0.00989770 
_atom_sites.fract_transf_matrix[3][1]   -0.02697899 
_atom_sites.fract_transf_matrix[3][2]   -0.00294812 
_atom_sites.fract_transf_matrix[3][3]   -0.01512777 
_atom_sites.fract_transf_vector[1]      0.352844 
_atom_sites.fract_transf_vector[2]      -0.160392 
_atom_sites.fract_transf_vector[3]      -0.297294 
# 
loop_
_atom_type.symbol 
C  
CL 
N  
O  
S  
# 
loop_
_atom_site.group_PDB 
_atom_site.id 
_atom_site.type_symbol 
_atom_site.label_atom_id 
_atom_site.label_alt_id 
_atom_site.label_comp_id 
_atom_site.label_asym_id 
_atom_site.label_entity_id 
_atom_site.label_seq_id 
_atom_site.pdbx_PDB_ins_code 
_atom_site.Cartn_x 
_atom_site.Cartn_y 
_atom_site.Cartn_z 
_atom_site.occupancy 
_atom_site.B_iso_or_equiv 
_atom_site.pdbx_formal_charge 
_atom_site.auth_seq_id 
_atom_site.auth_comp_id 
_atom_site.auth_asym_id 
_atom_site.auth_atom_id 
_atom_site.pdbx_PDB_model_num 
ATOM   1    N  N   . SER A 1 5   ? 16.546  15.056  -6.997  1.00 57.52 ? 0    SER A N   1 
ATOM   2    C  CA  . SER A 1 5   ? 16.175  15.245  -8.439  1.00 57.70 ? 0    SER A CA  1 
ATOM   3    C  C   . SER A 1 5   ? 15.640  13.942  -9.029  1.00 57.50 ? 0    SER A C   1 
ATOM   4    O  O   . SER A 1 5   ? 14.471  13.864  -9.413  1.00 56.29 ? 0    SER A O   1 
ATOM   5    C  CB  . SER A 1 5   ? 17.370  15.746  -9.248  1.00 58.06 ? 0    SER A CB  1 
ATOM   6    O  OG  . SER A 1 5   ? 17.053  15.843  -10.628 1.00 59.29 ? 0    SER A OG  1 
ATOM   7    N  N   . MET A 1 6   ? 16.524  12.941  -9.112  1.00 57.54 ? 1    MET A N   1 
ATOM   8    C  CA  . MET A 1 6   ? 16.145  11.531  -9.313  1.00 57.52 ? 1    MET A CA  1 
ATOM   9    C  C   . MET A 1 6   ? 15.267  11.045  -8.161  1.00 55.34 ? 1    MET A C   1 
ATOM   10   O  O   . MET A 1 6   ? 14.292  10.306  -8.363  1.00 55.06 ? 1    MET A O   1 
ATOM   11   C  CB  . MET A 1 6   ? 17.423  10.659  -9.388  1.00 57.75 ? 1    MET A CB  1 
ATOM   12   C  CG  . MET A 1 6   ? 17.213  9.138   -9.236  1.00 59.33 ? 1    MET A CG  1 
ATOM   13   S  SD  . MET A 1 6   ? 18.712  8.190   -8.795  1.00 63.14 ? 1    MET A SD  1 
ATOM   14   C  CE  . MET A 1 6   ? 19.944  8.900   -9.910  1.00 61.92 ? 1    MET A CE  1 
ATOM   15   N  N   . ALA A 1 7   ? 15.639  11.423  -6.945  1.00 53.14 ? 2    ALA A N   1 
ATOM   16   C  CA  . ALA A 1 7   ? 14.843  11.073  -5.771  1.00 51.81 ? 2    ALA A CA  1 
ATOM   17   C  C   . ALA A 1 7   ? 13.494  11.801  -5.784  1.00 50.13 ? 2    ALA A C   1 
ATOM   18   O  O   . ALA A 1 7   ? 12.493  11.238  -5.379  1.00 49.21 ? 2    ALA A O   1 
ATOM   19   C  CB  . ALA A 1 7   ? 15.604  11.397  -4.515  1.00 51.71 ? 2    ALA A CB  1 
ATOM   20   N  N   . GLU A 1 8   ? 13.491  13.042  -6.252  1.00 48.83 ? 3    GLU A N   1 
ATOM   21   C  CA  . GLU A 1 8   ? 12.266  13.829  -6.388  1.00 48.44 ? 3    GLU A CA  1 
ATOM   22   C  C   . GLU A 1 8   ? 11.337  13.166  -7.399  1.00 48.36 ? 3    GLU A C   1 
ATOM   23   O  O   . GLU A 1 8   ? 10.185  12.844  -7.075  1.00 46.81 ? 3    GLU A O   1 
ATOM   24   C  CB  . GLU A 1 8   ? 12.582  15.276  -6.775  1.00 48.47 ? 3    GLU A CB  1 
ATOM   25   C  CG  . GLU A 1 8   ? 13.234  16.058  -5.635  1.00 47.93 ? 3    GLU A CG  1 
ATOM   26   C  CD  . GLU A 1 8   ? 13.440  17.517  -5.937  1.00 47.71 ? 3    GLU A CD  1 
ATOM   27   O  OE1 . GLU A 1 8   ? 13.687  17.880  -7.097  1.00 48.43 ? 3    GLU A OE1 1 
ATOM   28   O  OE2 . GLU A 1 8   ? 13.373  18.323  -4.998  1.00 48.62 ? 3    GLU A OE2 1 
ATOM   29   N  N   . SER A 1 9   ? 11.852  12.896  -8.595  1.00 48.32 ? 4    SER A N   1 
ATOM   30   C  CA  . SER A 1 9   ? 11.045  12.198  -9.611  1.00 49.42 ? 4    SER A CA  1 
ATOM   31   C  C   . SER A 1 9   ? 10.593  10.822  -9.156  1.00 48.75 ? 4    SER A C   1 
ATOM   32   O  O   . SER A 1 9   ? 9.491   10.394  -9.451  1.00 48.70 ? 4    SER A O   1 
ATOM   33   C  CB  . SER A 1 9   ? 11.805  12.084  -10.921 1.00 49.54 ? 4    SER A CB  1 
ATOM   34   O  OG  . SER A 1 9   ? 13.111  11.623  -10.658 1.00 54.33 ? 4    SER A OG  1 
ATOM   35   N  N   . GLU A 1 10  ? 11.448  10.117  -8.430  1.00 48.80 ? 5    GLU A N   1 
ATOM   36   C  CA  . GLU A 1 10  ? 11.086  8.819   -7.903  1.00 48.71 ? 5    GLU A CA  1 
ATOM   37   C  C   . GLU A 1 10  ? 9.917   8.886   -6.908  1.00 48.25 ? 5    GLU A C   1 
ATOM   38   O  O   . GLU A 1 10  ? 9.005   8.019   -6.926  1.00 47.92 ? 5    GLU A O   1 
ATOM   39   C  CB  . GLU A 1 10  ? 12.303  8.160   -7.262  1.00 49.38 ? 5    GLU A CB  1 
ATOM   40   C  CG  . GLU A 1 10  ? 11.967  6.875   -6.578  1.00 51.54 ? 5    GLU A CG  1 
ATOM   41   C  CD  . GLU A 1 10  ? 13.187  6.068   -6.211  1.00 56.40 ? 5    GLU A CD  1 
ATOM   42   O  OE1 . GLU A 1 10  ? 12.981  4.820   -6.065  1.00 54.75 ? 5    GLU A OE1 1 
ATOM   43   O  OE2 . GLU A 1 10  ? 14.312  6.682   -6.082  1.00 56.42 ? 5    GLU A OE2 1 
ATOM   44   N  N   . LEU A 1 11  ? 9.946   9.887   -6.033  1.00 47.43 ? 6    LEU A N   1 
ATOM   45   C  CA  . LEU A 1 11  ? 8.835   10.124  -5.099  1.00 47.28 ? 6    LEU A CA  1 
ATOM   46   C  C   . LEU A 1 11  ? 7.538   10.436  -5.830  1.00 47.02 ? 6    LEU A C   1 
ATOM   47   O  O   . LEU A 1 11  ? 6.490   9.990   -5.435  1.00 46.28 ? 6    LEU A O   1 
ATOM   48   C  CB  . LEU A 1 11  ? 9.143   11.284  -4.145  1.00 47.45 ? 6    LEU A CB  1 
ATOM   49   C  CG  . LEU A 1 11  ? 8.019   11.646  -3.165  1.00 46.64 ? 6    LEU A CG  1 
ATOM   50   C  CD1 . LEU A 1 11  ? 7.550   10.456  -2.325  1.00 48.79 ? 6    LEU A CD1 1 
ATOM   51   C  CD2 . LEU A 1 11  ? 8.448   12.812  -2.281  1.00 48.56 ? 6    LEU A CD2 1 
ATOM   52   N  N   . MET A 1 12  ? 7.622   11.268  -6.859  1.00 47.99 ? 7    MET A N   1 
ATOM   53   C  CA  . MET A 1 12  ? 6.453   11.673  -7.617  1.00 48.38 ? 7    MET A CA  1 
ATOM   54   C  C   . MET A 1 12  ? 5.844   10.498  -8.401  1.00 49.58 ? 7    MET A C   1 
ATOM   55   O  O   . MET A 1 12  ? 4.625   10.433  -8.496  1.00 49.21 ? 7    MET A O   1 
ATOM   56   C  CB  . MET A 1 12  ? 6.788   12.864  -8.532  1.00 48.44 ? 7    MET A CB  1 
ATOM   57   C  CG  . MET A 1 12  ? 7.129   14.135  -7.719  1.00 48.28 ? 7    MET A CG  1 
ATOM   58   S  SD  . MET A 1 12  ? 7.210   15.697  -8.568  1.00 47.14 ? 7    MET A SD  1 
ATOM   59   C  CE  . MET A 1 12  ? 8.572   15.505  -9.690  1.00 48.82 ? 7    MET A CE  1 
ATOM   60   N  N   . HIS A 1 13  ? 6.674   9.590   -8.940  1.00 50.93 ? 8    HIS A N   1 
ATOM   61   C  CA  . HIS A 1 13  ? 6.188   8.375   -9.628  1.00 52.86 ? 8    HIS A CA  1 
ATOM   62   C  C   . HIS A 1 13  ? 5.506   7.401   -8.649  1.00 52.54 ? 8    HIS A C   1 
ATOM   63   O  O   . HIS A 1 13  ? 4.430   6.851   -8.938  1.00 53.18 ? 8    HIS A O   1 
ATOM   64   C  CB  . HIS A 1 13  ? 7.329   7.685   -10.405 1.00 53.95 ? 8    HIS A CB  1 
ATOM   65   C  CG  . HIS A 1 13  ? 6.868   6.614   -11.362 1.00 58.88 ? 8    HIS A CG  1 
ATOM   66   N  ND1 . HIS A 1 13  ? 5.667   6.682   -12.048 1.00 62.31 ? 8    HIS A ND1 1 
ATOM   67   C  CD2 . HIS A 1 13  ? 7.464   5.464   -11.770 1.00 60.93 ? 8    HIS A CD2 1 
ATOM   68   C  CE1 . HIS A 1 13  ? 5.539   5.611   -12.814 1.00 61.38 ? 8    HIS A CE1 1 
ATOM   69   N  NE2 . HIS A 1 13  ? 6.616   4.858   -12.667 1.00 61.00 ? 8    HIS A NE2 1 
ATOM   70   N  N   . ILE A 1 14  ? 6.109   7.208   -7.476  1.00 51.64 ? 9    ILE A N   1 
ATOM   71   C  CA  . ILE A 1 14  ? 5.484   6.412   -6.403  1.00 51.06 ? 9    ILE A CA  1 
ATOM   72   C  C   . ILE A 1 14  ? 4.126   7.026   -6.002  1.00 51.24 ? 9    ILE A C   1 
ATOM   73   O  O   . ILE A 1 14  ? 3.139   6.305   -5.846  1.00 51.87 ? 9    ILE A O   1 
ATOM   74   C  CB  . ILE A 1 14  ? 6.399   6.309   -5.160  1.00 51.51 ? 9    ILE A CB  1 
ATOM   75   C  CG1 . ILE A 1 14  ? 7.621   5.421   -5.436  1.00 50.78 ? 9    ILE A CG1 1 
ATOM   76   C  CG2 . ILE A 1 14  ? 5.632   5.805   -3.926  1.00 50.69 ? 9    ILE A CG2 1 
ATOM   77   C  CD1 . ILE A 1 14  ? 8.814   5.714   -4.502  1.00 51.39 ? 9    ILE A CD1 1 
ATOM   78   N  N   . HIS A 1 15  ? 4.084   8.348   -5.847  1.00 50.23 ? 10   HIS A N   1 
ATOM   79   C  CA  . HIS A 1 15  ? 2.857   9.028   -5.517  1.00 49.92 ? 10   HIS A CA  1 
ATOM   80   C  C   . HIS A 1 15  ? 1.756   8.783   -6.560  1.00 49.70 ? 10   HIS A C   1 
ATOM   81   O  O   . HIS A 1 15  ? 0.623   8.549   -6.199  1.00 48.46 ? 10   HIS A O   1 
ATOM   82   C  CB  . HIS A 1 15  ? 3.091   10.530  -5.301  1.00 50.01 ? 10   HIS A CB  1 
ATOM   83   C  CG  . HIS A 1 15  ? 1.887   11.247  -4.758  1.00 50.02 ? 10   HIS A CG  1 
ATOM   84   N  ND1 . HIS A 1 15  ? 1.472   12.474  -5.217  1.00 53.75 ? 10   HIS A ND1 1 
ATOM   85   C  CD2 . HIS A 1 15  ? 0.990   10.879  -3.820  1.00 49.15 ? 10   HIS A CD2 1 
ATOM   86   C  CE1 . HIS A 1 15  ? 0.386   12.841  -4.561  1.00 52.74 ? 10   HIS A CE1 1 
ATOM   87   N  NE2 . HIS A 1 15  ? 0.083   11.894  -3.699  1.00 48.59 ? 10   HIS A NE2 1 
ATOM   88   N  N   . SER A 1 16  ? 2.089   8.836   -7.848  1.00 50.16 ? 11   SER A N   1 
ATOM   89   C  CA  . SER A 1 16  ? 1.080   8.639   -8.887  1.00 51.08 ? 11   SER A CA  1 
ATOM   90   C  C   . SER A 1 16  ? 0.561   7.193   -8.867  1.00 50.80 ? 11   SER A C   1 
ATOM   91   O  O   . SER A 1 16  ? -0.633  6.943   -9.048  1.00 50.20 ? 11   SER A O   1 
ATOM   92   C  CB  . SER A 1 16  ? 1.648   8.993   -10.258 1.00 50.82 ? 11   SER A CB  1 
ATOM   93   O  OG  . SER A 1 16  ? 2.663   8.051   -10.580 1.00 56.46 ? 11   SER A OG  1 
ATOM   94   N  N   . LEU A 1 17  ? 1.471   6.245   -8.663  1.00 50.95 ? 12   LEU A N   1 
ATOM   95   C  CA  . LEU A 1 17  ? 1.096   4.842   -8.499  1.00 51.22 ? 12   LEU A CA  1 
ATOM   96   C  C   . LEU A 1 17  ? 0.153   4.655   -7.325  1.00 51.47 ? 12   LEU A C   1 
ATOM   97   O  O   . LEU A 1 17  ? -0.878  4.017   -7.468  1.00 52.05 ? 12   LEU A O   1 
ATOM   98   C  CB  . LEU A 1 17  ? 2.334   3.934   -8.336  1.00 51.50 ? 12   LEU A CB  1 
ATOM   99   C  CG  . LEU A 1 17  ? 3.107   3.729   -9.640  1.00 50.83 ? 12   LEU A CG  1 
ATOM   100  C  CD1 . LEU A 1 17  ? 4.473   3.096   -9.375  1.00 53.19 ? 12   LEU A CD1 1 
ATOM   101  C  CD2 . LEU A 1 17  ? 2.301   2.899   -10.636 1.00 50.61 ? 12   LEU A CD2 1 
ATOM   102  N  N   . ALA A 1 18  ? 0.483   5.237   -6.180  1.00 50.98 ? 13   ALA A N   1 
ATOM   103  C  CA  . ALA A 1 18  ? -0.385  5.142   -5.003  1.00 51.07 ? 13   ALA A CA  1 
ATOM   104  C  C   . ALA A 1 18  ? -1.738  5.802   -5.224  1.00 50.67 ? 13   ALA A C   1 
ATOM   105  O  O   . ALA A 1 18  ? -2.735  5.265   -4.793  1.00 50.00 ? 13   ALA A O   1 
ATOM   106  C  CB  . ALA A 1 18  ? 0.291   5.754   -3.783  1.00 51.72 ? 13   ALA A CB  1 
ATOM   107  N  N   . GLU A 1 19  ? -1.760  6.973   -5.861  1.00 50.71 ? 14   GLU A N   1 
ATOM   108  C  CA  . GLU A 1 19  ? -3.003  7.663   -6.133  1.00 52.11 ? 14   GLU A CA  1 
ATOM   109  C  C   . GLU A 1 19  ? -3.898  6.795   -7.002  1.00 51.85 ? 14   GLU A C   1 
ATOM   110  O  O   . GLU A 1 19  ? -5.059  6.623   -6.707  1.00 52.48 ? 14   GLU A O   1 
ATOM   111  C  CB  . GLU A 1 19  ? -2.776  8.993   -6.856  1.00 52.34 ? 14   GLU A CB  1 
ATOM   112  C  CG  . GLU A 1 19  ? -2.294  10.080  -5.951  1.00 55.61 ? 14   GLU A CG  1 
ATOM   113  C  CD  . GLU A 1 19  ? -1.947  11.344  -6.686  1.00 57.72 ? 14   GLU A CD  1 
ATOM   114  O  OE1 . GLU A 1 19  ? -1.404  11.275  -7.814  1.00 60.15 ? 14   GLU A OE1 1 
ATOM   115  O  OE2 . GLU A 1 19  ? -2.219  12.416  -6.116  1.00 63.30 ? 14   GLU A OE2 1 
ATOM   116  N  N   . HIS A 1 20  ? -3.333  6.256   -8.068  1.00 51.80 ? 15   HIS A N   1 
ATOM   117  C  CA  . HIS A 1 20  ? -4.102  5.437   -8.994  1.00 52.35 ? 15   HIS A CA  1 
ATOM   118  C  C   . HIS A 1 20  ? -4.618  4.146   -8.364  1.00 51.28 ? 15   HIS A C   1 
ATOM   119  O  O   . HIS A 1 20  ? -5.732  3.752   -8.656  1.00 51.37 ? 15   HIS A O   1 
ATOM   120  C  CB  . HIS A 1 20  ? -3.289  5.152   -10.255 1.00 52.32 ? 15   HIS A CB  1 
ATOM   121  C  CG  . HIS A 1 20  ? -3.064  6.365   -11.097 1.00 54.19 ? 15   HIS A CG  1 
ATOM   122  N  ND1 . HIS A 1 20  ? -1.808  6.849   -11.389 1.00 58.33 ? 15   HIS A ND1 1 
ATOM   123  C  CD2 . HIS A 1 20  ? -3.936  7.204   -11.699 1.00 58.36 ? 15   HIS A CD2 1 
ATOM   124  C  CE1 . HIS A 1 20  ? -1.914  7.930   -12.141 1.00 58.59 ? 15   HIS A CE1 1 
ATOM   125  N  NE2 . HIS A 1 20  ? -3.196  8.168   -12.344 1.00 60.08 ? 15   HIS A NE2 1 
ATOM   126  N  N   . TYR A 1 21  ? -3.826  3.495   -7.514  1.00 50.40 ? 16   TYR A N   1 
ATOM   127  C  CA  . TYR A 1 21  ? -4.295  2.283   -6.841  1.00 50.27 ? 16   TYR A CA  1 
ATOM   128  C  C   . TYR A 1 21  ? -5.472  2.574   -5.895  1.00 50.17 ? 16   TYR A C   1 
ATOM   129  O  O   . TYR A 1 21  ? -6.453  1.812   -5.839  1.00 46.96 ? 16   TYR A O   1 
ATOM   130  C  CB  . TYR A 1 21  ? -3.201  1.580   -6.049  1.00 50.28 ? 16   TYR A CB  1 
ATOM   131  C  CG  . TYR A 1 21  ? -3.768  0.405   -5.300  1.00 49.98 ? 16   TYR A CG  1 
ATOM   132  C  CD1 . TYR A 1 21  ? -4.261  -0.708  -5.996  1.00 51.86 ? 16   TYR A CD1 1 
ATOM   133  C  CD2 . TYR A 1 21  ? -3.892  0.413   -3.915  1.00 50.63 ? 16   TYR A CD2 1 
ATOM   134  C  CE1 . TYR A 1 21  ? -4.820  -1.784  -5.322  1.00 51.53 ? 16   TYR A CE1 1 
ATOM   135  C  CE2 . TYR A 1 21  ? -4.473  -0.662  -3.237  1.00 49.96 ? 16   TYR A CE2 1 
ATOM   136  C  CZ  . TYR A 1 21  ? -4.917  -1.750  -3.946  1.00 49.85 ? 16   TYR A CZ  1 
ATOM   137  O  OH  . TYR A 1 21  ? -5.486  -2.807  -3.316  1.00 50.59 ? 16   TYR A OH  1 
ATOM   138  N  N   . LEU A 1 22  ? -5.346  3.683   -5.158  1.00 50.92 ? 17   LEU A N   1 
ATOM   139  C  CA  . LEU A 1 22  ? -6.380  4.110   -4.211  1.00 51.57 ? 17   LEU A CA  1 
ATOM   140  C  C   . LEU A 1 22  ? -7.650  4.643   -4.888  1.00 52.20 ? 17   LEU A C   1 
ATOM   141  O  O   . LEU A 1 22  ? -8.731  4.508   -4.318  1.00 51.47 ? 17   LEU A O   1 
ATOM   142  C  CB  . LEU A 1 22  ? -5.825  5.158   -3.251  1.00 51.78 ? 17   LEU A CB  1 
ATOM   143  C  CG  . LEU A 1 22  ? -4.646  4.690   -2.402  1.00 52.27 ? 17   LEU A CG  1 
ATOM   144  C  CD1 . LEU A 1 22  ? -4.079  5.870   -1.673  1.00 54.20 ? 17   LEU A CD1 1 
ATOM   145  C  CD2 . LEU A 1 22  ? -5.030  3.590   -1.412  1.00 52.00 ? 17   LEU A CD2 1 
ATOM   146  N  N   . GLN A 1 23  ? -7.517  5.238   -6.085  1.00 52.56 ? 18   GLN A N   1 
ATOM   147  C  CA  . GLN A 1 23  ? -8.670  5.649   -6.885  1.00 53.54 ? 18   GLN A CA  1 
ATOM   148  C  C   . GLN A 1 23  ? -9.406  4.422   -7.389  1.00 53.56 ? 18   GLN A C   1 
ATOM   149  O  O   . GLN A 1 23  ? -10.641 4.376   -7.396  1.00 52.38 ? 18   GLN A O   1 
ATOM   150  C  CB  . GLN A 1 23  ? -8.263  6.510   -8.092  1.00 53.77 ? 18   GLN A CB  1 
ATOM   151  C  CG  . GLN A 1 23  ? -7.963  7.971   -7.761  1.00 54.92 ? 18   GLN A CG  1 
ATOM   152  C  CD  . GLN A 1 23  ? -7.466  8.769   -8.964  1.00 54.95 ? 18   GLN A CD  1 
ATOM   153  O  OE1 . GLN A 1 23  ? -6.349  8.570   -9.435  1.00 58.00 ? 18   GLN A OE1 1 
ATOM   154  N  NE2 . GLN A 1 23  ? -8.301  9.669   -9.467  1.00 58.65 ? 18   GLN A NE2 1 
ATOM   155  N  N   . TYR A 1 24  ? -8.629  3.447   -7.840  1.00 53.82 ? 19   TYR A N   1 
ATOM   156  C  CA  . TYR A 1 24  ? -9.148  2.146   -8.215  1.00 54.61 ? 19   TYR A CA  1 
ATOM   157  C  C   . TYR A 1 24  ? -9.949  1.527   -7.054  1.00 55.15 ? 19   TYR A C   1 
ATOM   158  O  O   . TYR A 1 24  ? -11.056 1.040   -7.253  1.00 54.61 ? 19   TYR A O   1 
ATOM   159  C  CB  . TYR A 1 24  ? -7.979  1.240   -8.628  1.00 54.98 ? 19   TYR A CB  1 
ATOM   160  C  CG  . TYR A 1 24  ? -8.331  -0.207  -8.870  1.00 55.48 ? 19   TYR A CG  1 
ATOM   161  C  CD1 . TYR A 1 24  ? -8.971  -0.615  -10.042 1.00 56.19 ? 19   TYR A CD1 1 
ATOM   162  C  CD2 . TYR A 1 24  ? -8.014  -1.168  -7.929  1.00 56.17 ? 19   TYR A CD2 1 
ATOM   163  C  CE1 . TYR A 1 24  ? -9.289  -1.955  -10.258 1.00 56.23 ? 19   TYR A CE1 1 
ATOM   164  C  CE2 . TYR A 1 24  ? -8.324  -2.497  -8.128  1.00 56.84 ? 19   TYR A CE2 1 
ATOM   165  C  CZ  . TYR A 1 24  ? -8.959  -2.893  -9.283  1.00 56.43 ? 19   TYR A CZ  1 
ATOM   166  O  OH  . TYR A 1 24  ? -9.237  -4.235  -9.440  1.00 56.37 ? 19   TYR A OH  1 
ATOM   167  N  N   . VAL A 1 25  ? -9.380  1.574   -5.852  1.00 55.89 ? 20   VAL A N   1 
ATOM   168  C  CA  . VAL A 1 25  ? -9.998  1.019   -4.647  1.00 56.70 ? 20   VAL A CA  1 
ATOM   169  C  C   . VAL A 1 25  ? -11.312 1.697   -4.277  1.00 57.24 ? 20   VAL A C   1 
ATOM   170  O  O   . VAL A 1 25  ? -12.206 1.042   -3.769  1.00 57.08 ? 20   VAL A O   1 
ATOM   171  C  CB  . VAL A 1 25  ? -9.048  1.103   -3.435  1.00 56.91 ? 20   VAL A CB  1 
ATOM   172  C  CG1 . VAL A 1 25  ? -9.811  0.903   -2.103  1.00 57.22 ? 20   VAL A CG1 1 
ATOM   173  C  CG2 . VAL A 1 25  ? -7.927  0.076   -3.562  1.00 57.01 ? 20   VAL A CG2 1 
ATOM   174  N  N   . LEU A 1 26  ? -11.416 3.000   -4.526  1.00 58.40 ? 21   LEU A N   1 
ATOM   175  C  CA  . LEU A 1 26  ? -12.653 3.747   -4.291  1.00 59.58 ? 21   LEU A CA  1 
ATOM   176  C  C   . LEU A 1 26  ? -13.577 3.785   -5.523  1.00 60.37 ? 21   LEU A C   1 
ATOM   177  O  O   . LEU A 1 26  ? -14.590 4.491   -5.520  1.00 60.46 ? 21   LEU A O   1 
ATOM   178  C  CB  . LEU A 1 26  ? -12.310 5.171   -3.841  1.00 59.58 ? 21   LEU A CB  1 
ATOM   179  C  CG  . LEU A 1 26  ? -11.693 5.322   -2.449  1.00 60.90 ? 21   LEU A CG  1 
ATOM   180  C  CD1 . LEU A 1 26  ? -11.289 6.776   -2.211  1.00 61.58 ? 21   LEU A CD1 1 
ATOM   181  C  CD2 . LEU A 1 26  ? -12.641 4.837   -1.360  1.00 61.01 ? 21   LEU A CD2 1 
ATOM   182  N  N   . GLN A 1 27  ? -13.222 3.032   -6.563  1.00 61.50 ? 22   GLN A N   1 
ATOM   183  C  CA  . GLN A 1 27  ? -13.959 3.004   -7.831  1.00 63.01 ? 22   GLN A CA  1 
ATOM   184  C  C   . GLN A 1 27  ? -14.189 4.407   -8.430  1.00 64.05 ? 22   GLN A C   1 
ATOM   185  O  O   . GLN A 1 27  ? -15.316 4.782   -8.764  1.00 63.57 ? 22   GLN A O   1 
ATOM   186  C  CB  . GLN A 1 27  ? -15.294 2.254   -7.655  1.00 63.09 ? 22   GLN A CB  1 
ATOM   187  C  CG  . GLN A 1 27  ? -15.210 0.971   -6.812  1.00 64.03 ? 22   GLN A CG  1 
ATOM   188  C  CD  . GLN A 1 27  ? -14.066 0.041   -7.226  1.00 66.40 ? 22   GLN A CD  1 
ATOM   189  O  OE1 . GLN A 1 27  ? -13.349 -0.499  -6.375  1.00 65.26 ? 22   GLN A OE1 1 
ATOM   190  N  NE2 . GLN A 1 27  ? -13.882 -0.136  -8.538  1.00 67.99 ? 22   GLN A NE2 1 
ATOM   191  N  N   . VAL A 1 28  ? -13.106 5.168   -8.573  1.00 65.33 ? 23   VAL A N   1 
ATOM   192  C  CA  . VAL A 1 28  ? -13.191 6.575   -8.973  1.00 66.54 ? 23   VAL A CA  1 
ATOM   193  C  C   . VAL A 1 28  ? -12.479 6.818   -10.315 1.00 67.38 ? 23   VAL A C   1 
ATOM   194  O  O   . VAL A 1 28  ? -11.390 6.278   -10.544 1.00 66.88 ? 23   VAL A O   1 
ATOM   195  C  CB  . VAL A 1 28  ? -12.572 7.502   -7.887  1.00 66.87 ? 23   VAL A CB  1 
ATOM   196  C  CG1 . VAL A 1 28  ? -12.852 8.978   -8.175  1.00 67.22 ? 23   VAL A CG1 1 
ATOM   197  C  CG2 . VAL A 1 28  ? -13.098 7.136   -6.506  1.00 67.20 ? 23   VAL A CG2 1 
ATOM   198  N  N   . PRO A 1 29  ? -13.099 7.640   -11.201 1.00 68.60 ? 24   PRO A N   1 
ATOM   199  C  CA  . PRO A 1 29  ? -12.574 8.046   -12.506 1.00 69.35 ? 24   PRO A CA  1 
ATOM   200  C  C   . PRO A 1 29  ? -11.054 8.138   -12.668 1.00 70.06 ? 24   PRO A C   1 
ATOM   201  O  O   . PRO A 1 29  ? -10.367 8.738   -11.841 1.00 70.51 ? 24   PRO A O   1 
ATOM   202  C  CB  . PRO A 1 29  ? -13.176 9.438   -12.668 1.00 69.45 ? 24   PRO A CB  1 
ATOM   203  C  CG  . PRO A 1 29  ? -14.554 9.277   -12.105 1.00 69.22 ? 24   PRO A CG  1 
ATOM   204  C  CD  . PRO A 1 29  ? -14.432 8.245   -10.988 1.00 68.58 ? 24   PRO A CD  1 
ATOM   205  N  N   . ALA A 1 30  ? -10.544 7.521   -13.730 1.00 70.87 ? 25   ALA A N   1 
ATOM   206  C  CA  . ALA A 1 30  ? -9.239  7.884   -14.265 1.00 71.32 ? 25   ALA A CA  1 
ATOM   207  C  C   . ALA A 1 30  ? -9.515  9.082   -15.178 1.00 71.60 ? 25   ALA A C   1 
ATOM   208  O  O   . ALA A 1 30  ? -9.161  10.206  -14.844 1.00 72.22 ? 25   ALA A O   1 
ATOM   209  C  CB  . ALA A 1 30  ? -8.608  6.720   -15.033 1.00 71.41 ? 25   ALA A CB  1 
ATOM   210  N  N   . PHE A 1 31  ? -10.181 8.837   -16.303 1.00 71.70 ? 26   PHE A N   1 
ATOM   211  C  CA  . PHE A 1 31  ? -10.715 9.907   -17.182 1.00 71.96 ? 26   PHE A CA  1 
ATOM   212  C  C   . PHE A 1 31  ? -9.709  10.841  -17.871 1.00 72.00 ? 26   PHE A C   1 
ATOM   213  O  O   . PHE A 1 31  ? -10.106 11.633  -18.740 1.00 71.74 ? 26   PHE A O   1 
ATOM   214  C  CB  . PHE A 1 31  ? -11.779 10.745  -16.445 1.00 72.01 ? 26   PHE A CB  1 
ATOM   215  C  CG  . PHE A 1 31  ? -13.180 10.447  -16.884 1.00 72.09 ? 26   PHE A CG  1 
ATOM   216  C  CD1 . PHE A 1 31  ? -13.951 9.503   -16.221 1.00 72.20 ? 26   PHE A CD1 1 
ATOM   217  C  CD2 . PHE A 1 31  ? -13.720 11.092  -17.983 1.00 71.90 ? 26   PHE A CD2 1 
ATOM   218  C  CE1 . PHE A 1 31  ? -15.237 9.220   -16.640 1.00 71.82 ? 26   PHE A CE1 1 
ATOM   219  C  CE2 . PHE A 1 31  ? -15.007 10.810  -18.405 1.00 72.18 ? 26   PHE A CE2 1 
ATOM   220  C  CZ  . PHE A 1 31  ? -15.765 9.875   -17.731 1.00 72.07 ? 26   PHE A CZ  1 
ATOM   221  N  N   . GLU A 1 32  ? -8.435  10.763  -17.490 1.00 72.01 ? 27   GLU A N   1 
ATOM   222  C  CA  . GLU A 1 32  ? -7.375  11.523  -18.157 1.00 72.01 ? 27   GLU A CA  1 
ATOM   223  C  C   . GLU A 1 32  ? -6.751  10.631  -19.228 1.00 71.77 ? 27   GLU A C   1 
ATOM   224  O  O   . GLU A 1 32  ? -6.824  10.929  -20.426 1.00 71.81 ? 27   GLU A O   1 
ATOM   225  C  CB  . GLU A 1 32  ? -6.311  11.972  -17.148 1.00 72.02 ? 27   GLU A CB  1 
ATOM   226  N  N   . SER A 1 33  ? -6.166  9.525   -18.771 1.00 71.40 ? 28   SER A N   1 
ATOM   227  C  CA  . SER A 1 33  ? -5.468  8.569   -19.630 1.00 71.00 ? 28   SER A CA  1 
ATOM   228  C  C   . SER A 1 33  ? -5.748  7.132   -19.194 1.00 70.49 ? 28   SER A C   1 
ATOM   229  O  O   . SER A 1 33  ? -6.305  6.882   -18.116 1.00 70.53 ? 28   SER A O   1 
ATOM   230  C  CB  . SER A 1 33  ? -3.957  8.813   -19.557 1.00 71.01 ? 28   SER A CB  1 
ATOM   231  O  OG  . SER A 1 33  ? -3.442  8.464   -18.279 1.00 70.95 ? 28   SER A OG  1 
ATOM   232  N  N   . ALA A 1 34  ? -5.339  6.188   -20.034 1.00 69.78 ? 29   ALA A N   1 
ATOM   233  C  CA  . ALA A 1 34  ? -5.334  4.784   -19.657 1.00 69.08 ? 29   ALA A CA  1 
ATOM   234  C  C   . ALA A 1 34  ? -4.194  4.541   -18.666 1.00 68.33 ? 29   ALA A C   1 
ATOM   235  O  O   . ALA A 1 34  ? -3.136  5.170   -18.766 1.00 68.26 ? 29   ALA A O   1 
ATOM   236  C  CB  . ALA A 1 34  ? -5.170  3.904   -20.892 1.00 69.26 ? 29   ALA A CB  1 
ATOM   237  N  N   . PRO A 1 35  ? -4.416  3.653   -17.681 1.00 67.36 ? 30   PRO A N   1 
ATOM   238  C  CA  . PRO A 1 35  ? -3.320  3.210   -16.831 1.00 66.61 ? 30   PRO A CA  1 
ATOM   239  C  C   . PRO A 1 35  ? -2.113  2.713   -17.634 1.00 65.70 ? 30   PRO A C   1 
ATOM   240  O  O   . PRO A 1 35  ? -2.281  2.068   -18.670 1.00 65.43 ? 30   PRO A O   1 
ATOM   241  C  CB  . PRO A 1 35  ? -3.930  2.041   -16.048 1.00 66.88 ? 30   PRO A CB  1 
ATOM   242  C  CG  . PRO A 1 35  ? -5.401  2.246   -16.099 1.00 67.29 ? 30   PRO A CG  1 
ATOM   243  C  CD  . PRO A 1 35  ? -5.708  3.053   -17.300 1.00 67.34 ? 30   PRO A CD  1 
ATOM   244  N  N   . SER A 1 36  ? -0.913  3.024   -17.149 1.00 64.55 ? 31   SER A N   1 
ATOM   245  C  CA  . SER A 1 36  ? 0.318   2.419   -17.657 1.00 63.67 ? 31   SER A CA  1 
ATOM   246  C  C   . SER A 1 36  ? 0.346   0.937   -17.307 1.00 63.01 ? 31   SER A C   1 
ATOM   247  O  O   . SER A 1 36  ? -0.466  0.464   -16.513 1.00 62.96 ? 31   SER A O   1 
ATOM   248  C  CB  . SER A 1 36  ? 1.535   3.081   -17.014 1.00 63.59 ? 31   SER A CB  1 
ATOM   249  O  OG  . SER A 1 36  ? 1.607   2.751   -15.636 1.00 62.50 ? 31   SER A OG  1 
ATOM   250  N  N   . GLN A 1 37  ? 1.303   0.213   -17.869 1.00 62.14 ? 32   GLN A N   1 
ATOM   251  C  CA  . GLN A 1 37  ? 1.432   -1.210  -17.579 1.00 61.65 ? 32   GLN A CA  1 
ATOM   252  C  C   . GLN A 1 37  ? 1.686   -1.465  -16.095 1.00 60.79 ? 32   GLN A C   1 
ATOM   253  O  O   . GLN A 1 37  ? 1.074   -2.360  -15.521 1.00 60.38 ? 32   GLN A O   1 
ATOM   254  C  CB  . GLN A 1 37  ? 2.542   -1.843  -18.418 1.00 61.74 ? 32   GLN A CB  1 
ATOM   255  C  CG  . GLN A 1 37  ? 2.700   -3.331  -18.165 1.00 62.20 ? 32   GLN A CG  1 
ATOM   256  C  CD  . GLN A 1 37  ? 3.684   -3.983  -19.101 1.00 61.96 ? 32   GLN A CD  1 
ATOM   257  O  OE1 . GLN A 1 37  ? 4.631   -3.346  -19.570 1.00 62.85 ? 32   GLN A OE1 1 
ATOM   258  N  NE2 . GLN A 1 37  ? 3.478   -5.270  -19.370 1.00 62.28 ? 32   GLN A NE2 1 
ATOM   259  N  N   . ALA A 1 38  ? 2.570   -0.669  -15.486 1.00 59.88 ? 33   ALA A N   1 
ATOM   260  C  CA  . ALA A 1 38  ? 2.888   -0.788  -14.056 1.00 59.23 ? 33   ALA A CA  1 
ATOM   261  C  C   . ALA A 1 38  ? 1.675   -0.527  -13.154 1.00 58.66 ? 33   ALA A C   1 
ATOM   262  O  O   . ALA A 1 38  ? 1.483   -1.214  -12.152 1.00 57.43 ? 33   ALA A O   1 
ATOM   263  C  CB  . ALA A 1 38  ? 4.037   0.150   -13.679 1.00 59.28 ? 33   ALA A CB  1 
ATOM   264  N  N   . CYS A 1 39  ? 0.868   0.467   -13.519 1.00 58.19 ? 34   CYS A N   1 
ATOM   265  C  CA  . CYS A 1 39  ? -0.419  0.710   -12.862 1.00 58.25 ? 34   CYS A CA  1 
ATOM   266  C  C   . CYS A 1 39  ? -1.340  -0.512  -12.878 1.00 56.79 ? 34   CYS A C   1 
ATOM   267  O  O   . CYS A 1 39  ? -1.945  -0.847  -11.873 1.00 55.99 ? 34   CYS A O   1 
ATOM   268  C  CB  . CYS A 1 39  ? -1.146  1.884   -13.527 1.00 58.47 ? 34   CYS A CB  1 
ATOM   269  S  SG  . CYS A 1 39  ? -0.510  3.492   -13.029 1.00 63.68 ? 34   CYS A SG  1 
ATOM   270  N  N   . ARG A 1 40  ? -1.453  -1.154  -14.033 1.00 56.42 ? 35   ARG A N   1 
ATOM   271  C  CA  . ARG A 1 40  ? -2.336  -2.303  -14.203 1.00 55.66 ? 35   ARG A CA  1 
ATOM   272  C  C   . ARG A 1 40  ? -1.849  -3.514  -13.438 1.00 54.80 ? 35   ARG A C   1 
ATOM   273  O  O   . ARG A 1 40  ? -2.644  -4.203  -12.787 1.00 54.14 ? 35   ARG A O   1 
ATOM   274  C  CB  . ARG A 1 40  ? -2.467  -2.652  -15.674 1.00 55.87 ? 35   ARG A CB  1 
ATOM   275  C  CG  . ARG A 1 40  ? -3.231  -1.622  -16.467 1.00 57.21 ? 35   ARG A CG  1 
ATOM   276  C  CD  . ARG A 1 40  ? -3.703  -2.188  -17.795 1.00 58.93 ? 35   ARG A CD  1 
ATOM   277  N  NE  . ARG A 1 40  ? -2.623  -2.849  -18.531 1.00 60.60 ? 35   ARG A NE  1 
ATOM   278  C  CZ  . ARG A 1 40  ? -1.841  -2.277  -19.454 1.00 61.59 ? 35   ARG A CZ  1 
ATOM   279  N  NH1 . ARG A 1 40  ? -1.988  -0.994  -19.791 1.00 62.04 ? 35   ARG A NH1 1 
ATOM   280  N  NH2 . ARG A 1 40  ? -0.898  -3.002  -20.056 1.00 60.64 ? 35   ARG A NH2 1 
ATOM   281  N  N   . VAL A 1 41  ? -0.542  -3.762  -13.491 1.00 54.04 ? 36   VAL A N   1 
ATOM   282  C  CA  . VAL A 1 41  ? 0.042   -4.872  -12.741 1.00 53.51 ? 36   VAL A CA  1 
ATOM   283  C  C   . VAL A 1 41  ? -0.171  -4.605  -11.261 1.00 53.51 ? 36   VAL A C   1 
ATOM   284  O  O   . VAL A 1 41  ? -0.607  -5.506  -10.540 1.00 53.76 ? 36   VAL A O   1 
ATOM   285  C  CB  . VAL A 1 41  ? 1.549   -5.091  -13.051 1.00 53.17 ? 36   VAL A CB  1 
ATOM   286  C  CG1 . VAL A 1 41  ? 2.125   -6.216  -12.202 1.00 52.39 ? 36   VAL A CG1 1 
ATOM   287  C  CG2 . VAL A 1 41  ? 1.751   -5.417  -14.512 1.00 53.78 ? 36   VAL A CG2 1 
ATOM   288  N  N   . LEU A 1 42  ? 0.102   -3.370  -10.822 1.00 53.51 ? 37   LEU A N   1 
ATOM   289  C  CA  . LEU A 1 42  ? -0.042  -2.982  -9.408  1.00 53.58 ? 37   LEU A CA  1 
ATOM   290  C  C   . LEU A 1 42  ? -1.469  -3.156  -8.884  1.00 53.18 ? 37   LEU A C   1 
ATOM   291  O  O   . LEU A 1 42  ? -1.668  -3.695  -7.790  1.00 53.28 ? 37   LEU A O   1 
ATOM   292  C  CB  . LEU A 1 42  ? 0.426   -1.529  -9.168  1.00 53.55 ? 37   LEU A CB  1 
ATOM   293  C  CG  . LEU A 1 42  ? 0.408   -1.053  -7.722  1.00 54.03 ? 37   LEU A CG  1 
ATOM   294  C  CD1 . LEU A 1 42  ? 1.231   -1.973  -6.795  1.00 55.17 ? 37   LEU A CD1 1 
ATOM   295  C  CD2 . LEU A 1 42  ? 0.956   0.350   -7.629  1.00 55.01 ? 37   LEU A CD2 1 
ATOM   296  N  N   . GLN A 1 43  ? -2.447  -2.676  -9.647  1.00 52.60 ? 38   GLN A N   1 
ATOM   297  C  CA  . GLN A 1 43  ? -3.845  -2.859  -9.299  1.00 53.31 ? 38   GLN A CA  1 
ATOM   298  C  C   . GLN A 1 43  ? -4.200  -4.335  -9.137  1.00 52.36 ? 38   GLN A C   1 
ATOM   299  O  O   . GLN A 1 43  ? -4.840  -4.704  -8.154  1.00 52.36 ? 38   GLN A O   1 
ATOM   300  C  CB  . GLN A 1 43  ? -4.758  -2.194  -10.335 1.00 53.65 ? 38   GLN A CB  1 
ATOM   301  C  CG  . GLN A 1 43  ? -4.868  -0.683  -10.073 1.00 56.15 ? 38   GLN A CG  1 
ATOM   302  C  CD  . GLN A 1 43  ? -5.433  0.115   -11.254 1.00 55.36 ? 38   GLN A CD  1 
ATOM   303  O  OE1 . GLN A 1 43  ? -6.273  -0.371  -12.026 1.00 57.91 ? 38   GLN A OE1 1 
ATOM   304  N  NE2 . GLN A 1 43  ? -4.984  1.365   -11.371 1.00 59.12 ? 38   GLN A NE2 1 
ATOM   305  N  N   . ARG A 1 44  ? -3.777  -5.168  -10.079 1.00 51.08 ? 39   ARG A N   1 
ATOM   306  C  CA  . ARG A 1 44  ? -3.972  -6.614  -9.937  1.00 51.93 ? 39   ARG A CA  1 
ATOM   307  C  C   . ARG A 1 44  ? -3.312  -7.171  -8.657  1.00 51.07 ? 39   ARG A C   1 
ATOM   308  O  O   . ARG A 1 44  ? -4.006  -7.649  -7.774  1.00 50.56 ? 39   ARG A O   1 
ATOM   309  C  CB  . ARG A 1 44  ? -3.476  -7.373  -11.172 1.00 51.56 ? 39   ARG A CB  1 
ATOM   310  C  CG  . ARG A 1 44  ? -3.927  -8.833  -11.205 1.00 53.34 ? 39   ARG A CG  1 
ATOM   311  C  CD  . ARG A 1 44  ? -3.570  -9.532  -12.516 1.00 54.08 ? 39   ARG A CD  1 
ATOM   312  N  NE  . ARG A 1 44  ? -2.182  -9.281  -12.907 1.00 56.92 ? 39   ARG A NE  1 
ATOM   313  C  CZ  . ARG A 1 44  ? -1.110  -9.886  -12.390 1.00 57.84 ? 39   ARG A CZ  1 
ATOM   314  N  NH1 . ARG A 1 44  ? -1.227  -10.831 -11.449 1.00 57.62 ? 39   ARG A NH1 1 
ATOM   315  N  NH2 . ARG A 1 44  ? 0.097   -9.559  -12.841 1.00 57.81 ? 39   ARG A NH2 1 
ATOM   316  N  N   . VAL A 1 45  ? -1.992  -7.080  -8.538  1.00 50.62 ? 40   VAL A N   1 
ATOM   317  C  CA  . VAL A 1 45  ? -1.317  -7.708  -7.392  1.00 50.96 ? 40   VAL A CA  1 
ATOM   318  C  C   . VAL A 1 45  ? -1.660  -7.092  -6.028  1.00 50.99 ? 40   VAL A C   1 
ATOM   319  O  O   . VAL A 1 45  ? -1.877  -7.826  -5.072  1.00 51.16 ? 40   VAL A O   1 
ATOM   320  C  CB  . VAL A 1 45  ? 0.225   -7.834  -7.567  1.00 50.57 ? 40   VAL A CB  1 
ATOM   321  C  CG1 . VAL A 1 45  ? 0.530   -8.709  -8.765  1.00 50.91 ? 40   VAL A CG1 1 
ATOM   322  C  CG2 . VAL A 1 45  ? 0.910   -6.468  -7.674  1.00 51.21 ? 40   VAL A CG2 1 
ATOM   323  N  N   . ALA A 1 46  ? -1.695  -5.763  -5.933  1.00 51.16 ? 41   ALA A N   1 
ATOM   324  C  CA  . ALA A 1 46  ? -2.039  -5.089  -4.670  1.00 50.99 ? 41   ALA A CA  1 
ATOM   325  C  C   . ALA A 1 46  ? -3.477  -5.390  -4.240  1.00 51.16 ? 41   ALA A C   1 
ATOM   326  O  O   . ALA A 1 46  ? -3.750  -5.488  -3.051  1.00 51.49 ? 41   ALA A O   1 
ATOM   327  C  CB  . ALA A 1 46  ? -1.809  -3.567  -4.765  1.00 50.70 ? 41   ALA A CB  1 
ATOM   328  N  N   . PHE A 1 47  ? -4.390  -5.544  -5.191  1.00 50.76 ? 42   PHE A N   1 
ATOM   329  C  CA  . PHE A 1 47  ? -5.777  -5.844  -4.849  1.00 51.45 ? 42   PHE A CA  1 
ATOM   330  C  C   . PHE A 1 47  ? -5.974  -7.277  -4.327  1.00 51.71 ? 42   PHE A C   1 
ATOM   331  O  O   . PHE A 1 47  ? -6.762  -7.487  -3.402  1.00 51.17 ? 42   PHE A O   1 
ATOM   332  C  CB  . PHE A 1 47  ? -6.711  -5.593  -6.028  1.00 51.47 ? 42   PHE A CB  1 
ATOM   333  C  CG  . PHE A 1 47  ? -8.166  -5.765  -5.694  1.00 51.98 ? 42   PHE A CG  1 
ATOM   334  C  CD1 . PHE A 1 47  ? -8.821  -4.838  -4.886  1.00 52.37 ? 42   PHE A CD1 1 
ATOM   335  C  CD2 . PHE A 1 47  ? -8.876  -6.853  -6.165  1.00 51.51 ? 42   PHE A CD2 1 
ATOM   336  C  CE1 . PHE A 1 47  ? -10.165 -4.996  -4.572  1.00 51.58 ? 42   PHE A CE1 1 
ATOM   337  C  CE2 . PHE A 1 47  ? -10.225 -7.008  -5.858  1.00 52.50 ? 42   PHE A CE2 1 
ATOM   338  C  CZ  . PHE A 1 47  ? -10.865 -6.077  -5.052  1.00 51.74 ? 42   PHE A CZ  1 
ATOM   339  N  N   . SER A 1 48  ? -5.283  -8.248  -4.932  1.00 52.24 ? 43   SER A N   1 
ATOM   340  C  CA  . SER A 1 48  ? -5.251  -9.620  -4.412  1.00 52.87 ? 43   SER A CA  1 
ATOM   341  C  C   . SER A 1 48  ? -4.815  -9.633  -2.933  1.00 53.14 ? 43   SER A C   1 
ATOM   342  O  O   . SER A 1 48  ? -5.359  -10.387 -2.142  1.00 53.39 ? 43   SER A O   1 
ATOM   343  C  CB  . SER A 1 48  ? -4.281  -10.489 -5.220  1.00 53.03 ? 43   SER A CB  1 
ATOM   344  O  OG  . SER A 1 48  ? -2.928  -10.111 -4.935  1.00 55.18 ? 43   SER A OG  1 
ATOM   345  N  N   . VAL A 1 49  ? -3.825  -8.812  -2.579  1.00 52.97 ? 44   VAL A N   1 
ATOM   346  C  CA  . VAL A 1 49  ? -3.384  -8.721  -1.192  1.00 53.48 ? 44   VAL A CA  1 
ATOM   347  C  C   . VAL A 1 49  ? -4.435  -8.062  -0.303  1.00 53.74 ? 44   VAL A C   1 
ATOM   348  O  O   . VAL A 1 49  ? -4.736  -8.570  0.771   1.00 53.40 ? 44   VAL A O   1 
ATOM   349  C  CB  . VAL A 1 49  ? -2.074  -7.960  -1.054  1.00 53.28 ? 44   VAL A CB  1 
ATOM   350  C  CG1 . VAL A 1 49  ? -1.747  -7.712  0.436   1.00 54.97 ? 44   VAL A CG1 1 
ATOM   351  C  CG2 . VAL A 1 49  ? -0.953  -8.733  -1.725  1.00 51.78 ? 44   VAL A CG2 1 
ATOM   352  N  N   . GLN A 1 50  ? -4.986  -6.937  -0.751  1.00 54.34 ? 45   GLN A N   1 
ATOM   353  C  CA  . GLN A 1 50  ? -6.068  -6.280  -0.022  1.00 54.95 ? 45   GLN A CA  1 
ATOM   354  C  C   . GLN A 1 50  ? -7.181  -7.272  0.286   1.00 55.58 ? 45   GLN A C   1 
ATOM   355  O  O   . GLN A 1 50  ? -7.630  -7.373  1.422   1.00 55.91 ? 45   GLN A O   1 
ATOM   356  C  CB  . GLN A 1 50  ? -6.617  -5.099  -0.815  1.00 55.11 ? 45   GLN A CB  1 
ATOM   357  C  CG  . GLN A 1 50  ? -7.713  -4.346  -0.079  1.00 54.87 ? 45   GLN A CG  1 
ATOM   358  C  CD  . GLN A 1 50  ? -7.829  -2.881  -0.452  1.00 54.90 ? 45   GLN A CD  1 
ATOM   359  O  OE1 . GLN A 1 50  ? -8.819  -2.236  -0.090  1.00 55.54 ? 45   GLN A OE1 1 
ATOM   360  N  NE2 . GLN A 1 50  ? -6.824  -2.337  -1.163  1.00 53.54 ? 45   GLN A NE2 1 
ATOM   361  N  N   . LYS A 1 51  ? -7.600  -8.008  -0.740  1.00 56.33 ? 46   LYS A N   1 
ATOM   362  C  CA  . LYS A 1 51  ? -8.589  -9.059  -0.603  1.00 57.02 ? 46   LYS A CA  1 
ATOM   363  C  C   . LYS A 1 51  ? -8.185  -10.142 0.403   1.00 57.09 ? 46   LYS A C   1 
ATOM   364  O  O   . LYS A 1 51  ? -8.951  -10.453 1.303   1.00 57.01 ? 46   LYS A O   1 
ATOM   365  C  CB  . LYS A 1 51  ? -8.880  -9.700  -1.968  1.00 57.37 ? 46   LYS A CB  1 
ATOM   366  C  CG  . LYS A 1 51  ? -9.704  -8.817  -2.910  1.00 58.70 ? 46   LYS A CG  1 
ATOM   367  C  CD  . LYS A 1 51  ? -10.533 -9.649  -3.887  1.00 60.51 ? 46   LYS A CD  1 
ATOM   368  C  CE  . LYS A 1 51  ? -9.672  -10.397 -4.904  1.00 60.83 ? 46   LYS A CE  1 
ATOM   369  N  NZ  . LYS A 1 51  ? -10.456 -11.470 -5.578  1.00 60.67 ? 46   LYS A NZ  1 
ATOM   370  N  N   . GLU A 1 52  ? -6.993  -10.710 0.248   1.00 57.54 ? 47   GLU A N   1 
ATOM   371  C  CA  . GLU A 1 52  ? -6.536  -11.784 1.139   1.00 58.28 ? 47   GLU A CA  1 
ATOM   372  C  C   . GLU A 1 52  ? -6.524  -11.303 2.596   1.00 58.72 ? 47   GLU A C   1 
ATOM   373  O  O   . GLU A 1 52  ? -6.970  -12.002 3.499   1.00 58.17 ? 47   GLU A O   1 
ATOM   374  C  CB  . GLU A 1 52  ? -5.150  -12.278 0.717   1.00 58.28 ? 47   GLU A CB  1 
ATOM   375  C  CG  . GLU A 1 52  ? -4.727  -13.614 1.334   1.00 59.40 ? 47   GLU A CG  1 
ATOM   376  C  CD  . GLU A 1 52  ? -4.200  -13.490 2.762   1.00 60.05 ? 47   GLU A CD  1 
ATOM   377  O  OE1 . GLU A 1 52  ? -3.809  -12.363 3.155   1.00 59.70 ? 47   GLU A OE1 1 
ATOM   378  O  OE2 . GLU A 1 52  ? -4.179  -14.520 3.483   1.00 60.17 ? 47   GLU A OE2 1 
ATOM   379  N  N   . VAL A 1 53  ? -6.028  -10.088 2.795   1.00 59.52 ? 48   VAL A N   1 
ATOM   380  C  CA  . VAL A 1 53  ? -5.931  -9.466  4.114   1.00 60.06 ? 48   VAL A CA  1 
ATOM   381  C  C   . VAL A 1 53  ? -7.310  -9.252  4.746   1.00 60.30 ? 48   VAL A C   1 
ATOM   382  O  O   . VAL A 1 53  ? -7.562  -9.705  5.861   1.00 60.19 ? 48   VAL A O   1 
ATOM   383  C  CB  . VAL A 1 53  ? -5.179  -8.116  4.000   1.00 59.96 ? 48   VAL A CB  1 
ATOM   384  C  CG1 . VAL A 1 53  ? -5.332  -7.267  5.253   1.00 60.98 ? 48   VAL A CG1 1 
ATOM   385  C  CG2 . VAL A 1 53  ? -3.701  -8.361  3.701   1.00 60.79 ? 48   VAL A CG2 1 
ATOM   386  N  N   . GLU A 1 54  ? -8.196  -8.564  4.025   1.00 60.68 ? 49   GLU A N   1 
ATOM   387  C  CA  . GLU A 1 54  ? -9.529  -8.227  4.543   1.00 61.20 ? 49   GLU A CA  1 
ATOM   388  C  C   . GLU A 1 54  ? -10.366 -9.475  4.844   1.00 60.88 ? 49   GLU A C   1 
ATOM   389  O  O   . GLU A 1 54  ? -11.226 -9.468  5.721   1.00 60.35 ? 49   GLU A O   1 
ATOM   390  C  CB  . GLU A 1 54  ? -10.267 -7.303  3.557   1.00 61.32 ? 49   GLU A CB  1 
ATOM   391  C  CG  . GLU A 1 54  ? -9.679  -5.885  3.489   1.00 61.96 ? 49   GLU A CG  1 
ATOM   392  C  CD  . GLU A 1 54  ? -10.439 -4.963  2.541   1.00 62.63 ? 49   GLU A CD  1 
ATOM   393  O  OE1 . GLU A 1 54  ? -11.244 -5.467  1.733   1.00 66.20 ? 49   GLU A OE1 1 
ATOM   394  O  OE2 . GLU A 1 54  ? -10.229 -3.730  2.586   1.00 64.94 ? 49   GLU A OE2 1 
ATOM   395  N  N   . LYS A 1 55  ? -10.094 -10.536 4.092   1.00 60.89 ? 50   LYS A N   1 
ATOM   396  C  CA  . LYS A 1 55  ? -10.715 -11.838 4.276   1.00 60.93 ? 50   LYS A CA  1 
ATOM   397  C  C   . LYS A 1 55  ? -10.135 -12.527 5.504   1.00 60.68 ? 50   LYS A C   1 
ATOM   398  O  O   . LYS A 1 55  ? -10.854 -12.848 6.436   1.00 60.42 ? 50   LYS A O   1 
ATOM   399  C  CB  . LYS A 1 55  ? -10.452 -12.678 3.027   1.00 60.91 ? 50   LYS A CB  1 
ATOM   400  C  CG  . LYS A 1 55  ? -11.044 -14.063 3.003   1.00 61.56 ? 50   LYS A CG  1 
ATOM   401  C  CD  . LYS A 1 55  ? -10.861 -14.686 1.613   1.00 61.90 ? 50   LYS A CD  1 
ATOM   402  C  CE  . LYS A 1 55  ? -11.937 -14.230 0.607   1.00 62.95 ? 50   LYS A CE  1 
ATOM   403  N  NZ  . LYS A 1 55  ? -11.626 -12.920 -0.051  1.00 63.72 ? 50   LYS A NZ  1 
ATOM   404  N  N   . ASN A 1 56  ? -8.820  -12.717 5.510   1.00 60.56 ? 51   ASN A N   1 
ATOM   405  C  CA  . ASN A 1 56  ? -8.169  -13.544 6.524   1.00 60.50 ? 51   ASN A CA  1 
ATOM   406  C  C   . ASN A 1 56  ? -7.711  -12.825 7.808   1.00 60.18 ? 51   ASN A C   1 
ATOM   407  O  O   . ASN A 1 56  ? -7.338  -13.482 8.776   1.00 59.97 ? 51   ASN A O   1 
ATOM   408  C  CB  . ASN A 1 56  ? -7.022  -14.338 5.887   1.00 60.66 ? 51   ASN A CB  1 
ATOM   409  C  CG  . ASN A 1 56  ? -7.524  -15.411 4.918   1.00 61.04 ? 51   ASN A CG  1 
ATOM   410  O  OD1 . ASN A 1 56  ? -8.482  -16.128 5.207   1.00 61.59 ? 51   ASN A OD1 1 
ATOM   411  N  ND2 . ASN A 1 56  ? -6.869  -15.526 3.768   1.00 62.45 ? 51   ASN A ND2 1 
ATOM   412  N  N   . LEU A 1 57  ? -7.741  -11.495 7.829   1.00 59.74 ? 52   LEU A N   1 
ATOM   413  C  CA  . LEU A 1 57  ? -7.479  -10.751 9.072   1.00 59.28 ? 52   LEU A CA  1 
ATOM   414  C  C   . LEU A 1 57  ? -8.725  -10.006 9.549   1.00 58.93 ? 52   LEU A C   1 
ATOM   415  O  O   . LEU A 1 57  ? -8.623  -9.026  10.285  1.00 58.40 ? 52   LEU A O   1 
ATOM   416  C  CB  . LEU A 1 57  ? -6.331  -9.752  8.884   1.00 59.15 ? 52   LEU A CB  1 
ATOM   417  C  CG  . LEU A 1 57  ? -4.953  -10.277 8.475   1.00 58.84 ? 52   LEU A CG  1 
ATOM   418  C  CD1 . LEU A 1 57  ? -3.952  -9.153  8.560   1.00 57.73 ? 52   LEU A CD1 1 
ATOM   419  C  CD2 . LEU A 1 57  ? -4.521  -11.445 9.367   1.00 58.97 ? 52   LEU A CD2 1 
ATOM   420  N  N   . LYS A 1 58  ? -9.899  -10.472 9.140   1.00 59.04 ? 53   LYS A N   1 
ATOM   421  C  CA  . LYS A 1 58  ? -11.140 -9.757  9.439   1.00 59.26 ? 53   LYS A CA  1 
ATOM   422  C  C   . LYS A 1 58  ? -11.311 -9.491  10.941  1.00 59.45 ? 53   LYS A C   1 
ATOM   423  O  O   . LYS A 1 58  ? -11.617 -8.365  11.341  1.00 59.54 ? 53   LYS A O   1 
ATOM   424  C  CB  . LYS A 1 58  ? -12.346 -10.513 8.874   1.00 59.31 ? 53   LYS A CB  1 
ATOM   425  C  CG  . LYS A 1 58  ? -13.693 -9.849  9.159   1.00 59.29 ? 53   LYS A CG  1 
ATOM   426  C  CD  . LYS A 1 58  ? -14.761 -10.327 8.196   1.00 59.35 ? 53   LYS A CD  1 
ATOM   427  C  CE  . LYS A 1 58  ? -16.156 -9.885  8.639   1.00 59.27 ? 53   LYS A CE  1 
ATOM   428  N  NZ  . LYS A 1 58  ? -16.247 -8.411  8.838   1.00 58.92 ? 53   LYS A NZ  1 
ATOM   429  N  N   . SER A 1 59  ? -11.085 -10.510 11.767  1.00 59.62 ? 54   SER A N   1 
ATOM   430  C  CA  . SER A 1 59  ? -11.246 -10.361 13.216  1.00 59.87 ? 54   SER A CA  1 
ATOM   431  C  C   . SER A 1 59  ? -10.325 -9.273  13.769  1.00 59.79 ? 54   SER A C   1 
ATOM   432  O  O   . SER A 1 59  ? -10.727 -8.476  14.614  1.00 59.69 ? 54   SER A O   1 
ATOM   433  C  CB  . SER A 1 59  ? -10.989 -11.691 13.940  1.00 59.95 ? 54   SER A CB  1 
ATOM   434  O  OG  . SER A 1 59  ? -9.619  -12.057 13.880  1.00 60.46 ? 54   SER A OG  1 
ATOM   435  N  N   . TYR A 1 60  ? -9.099  -9.238  13.267  1.00 59.89 ? 55   TYR A N   1 
ATOM   436  C  CA  . TYR A 1 60  ? -8.097  -8.257  13.708  1.00 60.06 ? 55   TYR A CA  1 
ATOM   437  C  C   . TYR A 1 60  ? -8.453  -6.828  13.262  1.00 59.55 ? 55   TYR A C   1 
ATOM   438  O  O   . TYR A 1 60  ? -8.349  -5.880  14.047  1.00 59.21 ? 55   TYR A O   1 
ATOM   439  C  CB  . TYR A 1 60  ? -6.690  -8.686  13.236  1.00 60.44 ? 55   TYR A CB  1 
ATOM   440  C  CG  . TYR A 1 60  ? -6.235  -9.951  13.945  1.00 61.39 ? 55   TYR A CG  1 
ATOM   441  C  CD1 . TYR A 1 60  ? -5.453  -9.885  15.095  1.00 61.51 ? 55   TYR A CD1 1 
ATOM   442  C  CD2 . TYR A 1 60  ? -6.639  -11.213 13.500  1.00 62.00 ? 55   TYR A CD2 1 
ATOM   443  C  CE1 . TYR A 1 60  ? -5.056  -11.039 15.763  1.00 61.57 ? 55   TYR A CE1 1 
ATOM   444  C  CE2 . TYR A 1 60  ? -6.252  -12.370 14.159  1.00 61.52 ? 55   TYR A CE2 1 
ATOM   445  C  CZ  . TYR A 1 60  ? -5.460  -12.281 15.293  1.00 61.85 ? 55   TYR A CZ  1 
ATOM   446  O  OH  . TYR A 1 60  ? -5.082  -13.434 15.962  1.00 61.72 ? 55   TYR A OH  1 
ATOM   447  N  N   . LEU A 1 61  ? -8.897  -6.691  12.013  1.00 59.06 ? 56   LEU A N   1 
ATOM   448  C  CA  . LEU A 1 61  ? -9.309  -5.395  11.459  1.00 58.57 ? 56   LEU A CA  1 
ATOM   449  C  C   . LEU A 1 61  ? -10.561 -4.810  12.124  1.00 58.48 ? 56   LEU A C   1 
ATOM   450  O  O   . LEU A 1 61  ? -10.679 -3.590  12.261  1.00 58.06 ? 56   LEU A O   1 
ATOM   451  C  CB  . LEU A 1 61  ? -9.527  -5.513  9.945   1.00 58.36 ? 56   LEU A CB  1 
ATOM   452  C  CG  . LEU A 1 61  ? -8.237  -5.774  9.156   1.00 57.70 ? 56   LEU A CG  1 
ATOM   453  C  CD1 . LEU A 1 61  ? -8.544  -6.175  7.729   1.00 56.96 ? 56   LEU A CD1 1 
ATOM   454  C  CD2 . LEU A 1 61  ? -7.321  -4.554  9.211   1.00 57.04 ? 56   LEU A CD2 1 
ATOM   455  N  N   . ASP A 1 62  ? -11.478 -5.683  12.546  1.00 58.54 ? 57   ASP A N   1 
ATOM   456  C  CA  . ASP A 1 62  ? -12.708 -5.258  13.220  1.00 58.57 ? 57   ASP A CA  1 
ATOM   457  C  C   . ASP A 1 62  ? -12.478 -4.695  14.620  1.00 58.61 ? 57   ASP A C   1 
ATOM   458  O  O   . ASP A 1 62  ? -13.363 -4.043  15.172  1.00 58.67 ? 57   ASP A O   1 
ATOM   459  C  CB  . ASP A 1 62  ? -13.698 -6.425  13.324  1.00 58.49 ? 57   ASP A CB  1 
ATOM   460  C  CG  . ASP A 1 62  ? -14.261 -6.845  11.979  1.00 58.89 ? 57   ASP A CG  1 
ATOM   461  O  OD1 . ASP A 1 62  ? -13.946 -6.202  10.948  1.00 59.11 ? 57   ASP A OD1 1 
ATOM   462  O  OD2 . ASP A 1 62  ? -15.025 -7.831  11.958  1.00 59.06 ? 57   ASP A OD2 1 
ATOM   463  N  N   . ASP A 1 63  ? -11.307 -4.944  15.201  1.00 58.55 ? 58   ASP A N   1 
ATOM   464  C  CA  . ASP A 1 63  ? -11.055 -4.556  16.593  1.00 58.46 ? 58   ASP A CA  1 
ATOM   465  C  C   . ASP A 1 63  ? -10.442 -3.156  16.717  1.00 58.09 ? 58   ASP A C   1 
ATOM   466  O  O   . ASP A 1 63  ? -9.900  -2.803  17.766  1.00 57.86 ? 58   ASP A O   1 
ATOM   467  C  CB  . ASP A 1 63  ? -10.167 -5.604  17.285  1.00 58.62 ? 58   ASP A CB  1 
ATOM   468  C  CG  . ASP A 1 63  ? -10.821 -6.985  17.346  1.00 59.14 ? 58   ASP A CG  1 
ATOM   469  O  OD1 . ASP A 1 63  ? -12.068 -7.079  17.314  1.00 59.87 ? 58   ASP A OD1 1 
ATOM   470  O  OD2 . ASP A 1 63  ? -10.082 -7.988  17.430  1.00 60.05 ? 58   ASP A OD2 1 
ATOM   471  N  N   . PHE A 1 64  ? -10.524 -2.362  15.651  1.00 57.61 ? 59   PHE A N   1 
ATOM   472  C  CA  . PHE A 1 64  ? -10.142 -0.954  15.726  1.00 57.48 ? 59   PHE A CA  1 
ATOM   473  C  C   . PHE A 1 64  ? -10.857 -0.104  14.677  1.00 57.37 ? 59   PHE A C   1 
ATOM   474  O  O   . PHE A 1 64  ? -11.398 -0.625  13.703  1.00 57.26 ? 59   PHE A O   1 
ATOM   475  C  CB  . PHE A 1 64  ? -8.616  -0.783  15.636  1.00 57.32 ? 59   PHE A CB  1 
ATOM   476  C  CG  . PHE A 1 64  ? -8.036  -1.095  14.287  1.00 57.14 ? 59   PHE A CG  1 
ATOM   477  C  CD1 . PHE A 1 64  ? -7.629  -2.384  13.971  1.00 56.64 ? 59   PHE A CD1 1 
ATOM   478  C  CD2 . PHE A 1 64  ? -7.869  -0.089  13.342  1.00 57.18 ? 59   PHE A CD2 1 
ATOM   479  C  CE1 . PHE A 1 64  ? -7.078  -2.671  12.725  1.00 57.52 ? 59   PHE A CE1 1 
ATOM   480  C  CE2 . PHE A 1 64  ? -7.324  -0.360  12.093  1.00 57.12 ? 59   PHE A CE2 1 
ATOM   481  C  CZ  . PHE A 1 64  ? -6.924  -1.652  11.781  1.00 57.62 ? 59   PHE A CZ  1 
ATOM   482  N  N   . HIS A 1 65  ? -10.848 1.208   14.904  1.00 57.44 ? 60   HIS A N   1 
ATOM   483  C  CA  . HIS A 1 65  ? -11.558 2.177   14.072  1.00 57.43 ? 60   HIS A CA  1 
ATOM   484  C  C   . HIS A 1 65  ? -10.560 3.195   13.520  1.00 57.46 ? 60   HIS A C   1 
ATOM   485  O  O   . HIS A 1 65  ? -9.578  3.535   14.187  1.00 57.49 ? 60   HIS A O   1 
ATOM   486  C  CB  . HIS A 1 65  ? -12.617 2.913   14.898  1.00 57.53 ? 60   HIS A CB  1 
ATOM   487  C  CG  . HIS A 1 65  ? -13.242 2.077   15.973  1.00 57.49 ? 60   HIS A CG  1 
ATOM   488  N  ND1 . HIS A 1 65  ? -12.556 1.679   17.101  1.00 57.83 ? 60   HIS A ND1 1 
ATOM   489  C  CD2 . HIS A 1 65  ? -14.496 1.586   16.104  1.00 58.28 ? 60   HIS A CD2 1 
ATOM   490  C  CE1 . HIS A 1 65  ? -13.357 0.966   17.875  1.00 57.42 ? 60   HIS A CE1 1 
ATOM   491  N  NE2 . HIS A 1 65  ? -14.542 0.897   17.294  1.00 57.40 ? 60   HIS A NE2 1 
ATOM   492  N  N   . VAL A 1 66  ? -10.813 3.673   12.306  1.00 57.30 ? 61   VAL A N   1 
ATOM   493  C  CA  . VAL A 1 66  ? -10.022 4.737   11.693  1.00 57.19 ? 61   VAL A CA  1 
ATOM   494  C  C   . VAL A 1 66  ? -10.927 5.967   11.556  1.00 57.20 ? 61   VAL A C   1 
ATOM   495  O  O   . VAL A 1 66  ? -11.576 6.152   10.526  1.00 57.43 ? 61   VAL A O   1 
ATOM   496  C  CB  . VAL A 1 66  ? -9.480  4.293   10.306  1.00 57.30 ? 61   VAL A CB  1 
ATOM   497  C  CG1 . VAL A 1 66  ? -8.604  5.378   9.668   1.00 56.83 ? 61   VAL A CG1 1 
ATOM   498  C  CG2 . VAL A 1 66  ? -8.704  2.994   10.438  1.00 57.15 ? 61   VAL A CG2 1 
ATOM   499  N  N   . GLU A 1 67  ? -10.981 6.796   12.598  1.00 56.90 ? 62   GLU A N   1 
ATOM   500  C  CA  . GLU A 1 67  ? -11.918 7.926   12.622  1.00 56.74 ? 62   GLU A CA  1 
ATOM   501  C  C   . GLU A 1 67  ? -11.401 9.157   11.871  1.00 56.25 ? 62   GLU A C   1 
ATOM   502  O  O   . GLU A 1 67  ? -12.160 10.096  11.632  1.00 55.78 ? 62   GLU A O   1 
ATOM   503  C  CB  . GLU A 1 67  ? -12.272 8.348   14.061  1.00 56.97 ? 62   GLU A CB  1 
ATOM   504  C  CG  . GLU A 1 67  ? -12.409 7.228   15.095  1.00 57.43 ? 62   GLU A CG  1 
ATOM   505  C  CD  . GLU A 1 67  ? -11.261 7.226   16.092  1.00 57.81 ? 62   GLU A CD  1 
ATOM   506  O  OE1 . GLU A 1 67  ? -11.535 7.402   17.301  1.00 59.32 ? 62   GLU A OE1 1 
ATOM   507  O  OE2 . GLU A 1 67  ? -10.093 7.079   15.665  1.00 56.82 ? 62   GLU A OE2 1 
ATOM   508  N  N   . SER A 1 68  ? -10.120 9.146   11.509  1.00 55.88 ? 63   SER A N   1 
ATOM   509  C  CA  . SER A 1 68  ? -9.445  10.335  10.999  1.00 55.70 ? 63   SER A CA  1 
ATOM   510  C  C   . SER A 1 68  ? -8.351  9.954   10.014  1.00 55.21 ? 63   SER A C   1 
ATOM   511  O  O   . SER A 1 68  ? -7.833  8.849   10.079  1.00 54.90 ? 63   SER A O   1 
ATOM   512  C  CB  . SER A 1 68  ? -8.829  11.101  12.179  1.00 55.88 ? 63   SER A CB  1 
ATOM   513  O  OG  . SER A 1 68  ? -7.973  12.141  11.732  1.00 56.42 ? 63   SER A OG  1 
ATOM   514  N  N   . ILE A 1 69  ? -8.016  10.866  9.097   1.00 54.89 ? 64   ILE A N   1 
ATOM   515  C  CA  . ILE A 1 69  ? -6.829  10.719  8.246   1.00 55.01 ? 64   ILE A CA  1 
ATOM   516  C  C   . ILE A 1 69  ? -5.581  10.736  9.123   1.00 54.58 ? 64   ILE A C   1 
ATOM   517  O  O   . ILE A 1 69  ? -4.644  9.993   8.876   1.00 54.28 ? 64   ILE A O   1 
ATOM   518  C  CB  . ILE A 1 69  ? -6.718  11.838  7.172   1.00 55.02 ? 64   ILE A CB  1 
ATOM   519  C  CG1 . ILE A 1 69  ? -7.809  11.686  6.109   1.00 56.04 ? 64   ILE A CG1 1 
ATOM   520  C  CG2 . ILE A 1 69  ? -5.367  11.804  6.472   1.00 55.02 ? 64   ILE A CG2 1 
ATOM   521  C  CD1 . ILE A 1 69  ? -8.272  13.014  5.502   1.00 56.40 ? 64   ILE A CD1 1 
ATOM   522  N  N   . ASP A 1 70  ? -5.595  11.608  10.131  1.00 54.37 ? 65   ASP A N   1 
ATOM   523  C  CA  . ASP A 1 70  ? -4.556  11.700  11.166  1.00 54.29 ? 65   ASP A CA  1 
ATOM   524  C  C   . ASP A 1 70  ? -4.254  10.307  11.727  1.00 53.85 ? 65   ASP A C   1 
ATOM   525  O  O   . ASP A 1 70  ? -3.098  9.901   11.807  1.00 53.29 ? 65   ASP A O   1 
ATOM   526  C  CB  . ASP A 1 70  ? -5.047  12.640  12.290  1.00 54.53 ? 65   ASP A CB  1 
ATOM   527  C  CG  . ASP A 1 70  ? -3.914  13.280  13.112  1.00 55.24 ? 65   ASP A CG  1 
ATOM   528  O  OD1 . ASP A 1 70  ? -2.771  12.785  13.095  1.00 58.78 ? 65   ASP A OD1 1 
ATOM   529  O  OD2 . ASP A 1 70  ? -4.189  14.293  13.794  1.00 54.36 ? 65   ASP A OD2 1 
ATOM   530  N  N   . THR A 1 71  ? -5.316  9.585   12.085  1.00 53.66 ? 66   THR A N   1 
ATOM   531  C  CA  . THR A 1 71  ? -5.220  8.262   12.713  1.00 53.30 ? 66   THR A CA  1 
ATOM   532  C  C   . THR A 1 71  ? -4.856  7.184   11.707  1.00 52.89 ? 66   THR A C   1 
ATOM   533  O  O   . THR A 1 71  ? -4.111  6.261   12.036  1.00 52.61 ? 66   THR A O   1 
ATOM   534  C  CB  . THR A 1 71  ? -6.540  7.900   13.462  1.00 53.48 ? 66   THR A CB  1 
ATOM   535  O  OG1 . THR A 1 71  ? -6.560  8.574   14.725  1.00 53.03 ? 66   THR A OG1 1 
ATOM   536  C  CG2 . THR A 1 71  ? -6.668  6.392   13.722  1.00 54.14 ? 66   THR A CG2 1 
ATOM   537  N  N   . ALA A 1 72  ? -5.368  7.292   10.479  1.00 52.49 ? 67   ALA A N   1 
ATOM   538  C  CA  . ALA A 1 72  ? -4.967  6.370   9.413   1.00 52.00 ? 67   ALA A CA  1 
ATOM   539  C  C   . ALA A 1 72  ? -3.461  6.449   9.216   1.00 51.70 ? 67   ALA A C   1 
ATOM   540  O  O   . ALA A 1 72  ? -2.788  5.429   9.184   1.00 51.69 ? 67   ALA A O   1 
ATOM   541  C  CB  . ALA A 1 72  ? -5.685  6.691   8.106   1.00 52.19 ? 67   ALA A CB  1 
ATOM   542  N  N   . ARG A 1 73  ? -2.938  7.663   9.084   1.00 51.53 ? 68   ARG A N   1 
ATOM   543  C  CA  . ARG A 1 73  ? -1.486  7.874   8.955   1.00 52.39 ? 68   ARG A CA  1 
ATOM   544  C  C   . ARG A 1 73  ? -0.707  7.234   10.116  1.00 51.98 ? 68   ARG A C   1 
ATOM   545  O  O   . ARG A 1 73  ? 0.379   6.697   9.919   1.00 51.69 ? 68   ARG A O   1 
ATOM   546  C  CB  . ARG A 1 73  ? -1.199  9.372   8.872   1.00 52.17 ? 68   ARG A CB  1 
ATOM   547  C  CG  . ARG A 1 73  ? 0.256   9.798   8.815   1.00 53.43 ? 68   ARG A CG  1 
ATOM   548  C  CD  . ARG A 1 73  ? 0.368   11.320  9.011   1.00 55.54 ? 68   ARG A CD  1 
ATOM   549  N  NE  . ARG A 1 73  ? -0.284  12.057  7.912   1.00 59.18 ? 68   ARG A NE  1 
ATOM   550  C  CZ  . ARG A 1 73  ? -1.405  12.786  8.007   1.00 59.36 ? 68   ARG A CZ  1 
ATOM   551  N  NH1 . ARG A 1 73  ? -1.885  13.395  6.925   1.00 59.21 ? 68   ARG A NH1 1 
ATOM   552  N  NH2 . ARG A 1 73  ? -2.051  12.938  9.160   1.00 60.22 ? 68   ARG A NH2 1 
ATOM   553  N  N   . ILE A 1 74  ? -1.268  7.307   11.325  1.00 52.23 ? 69   ILE A N   1 
ATOM   554  C  CA  . ILE A 1 74  ? -0.618  6.755   12.519  1.00 52.26 ? 69   ILE A CA  1 
ATOM   555  C  C   . ILE A 1 74  ? -0.572  5.231   12.511  1.00 52.19 ? 69   ILE A C   1 
ATOM   556  O  O   . ILE A 1 74  ? 0.485   4.637   12.747  1.00 51.52 ? 69   ILE A O   1 
ATOM   557  C  CB  . ILE A 1 74  ? -1.293  7.259   13.801  1.00 52.28 ? 69   ILE A CB  1 
ATOM   558  C  CG1 . ILE A 1 74  ? -0.772  8.663   14.120  1.00 52.58 ? 69   ILE A CG1 1 
ATOM   559  C  CG2 . ILE A 1 74  ? -1.044  6.315   14.970  1.00 52.68 ? 69   ILE A CG2 1 
ATOM   560  C  CD1 . ILE A 1 74  ? -1.567  9.403   15.162  1.00 52.33 ? 69   ILE A CD1 1 
ATOM   561  N  N   . ILE A 1 75  ? -1.721  4.610   12.251  1.00 52.24 ? 70   ILE A N   1 
ATOM   562  C  CA  . ILE A 1 75  ? -1.838  3.148   12.231  1.00 52.33 ? 70   ILE A CA  1 
ATOM   563  C  C   . ILE A 1 75  ? -1.027  2.568   11.078  1.00 52.56 ? 70   ILE A C   1 
ATOM   564  O  O   . ILE A 1 75  ? -0.404  1.514   11.207  1.00 51.81 ? 70   ILE A O   1 
ATOM   565  C  CB  . ILE A 1 75  ? -3.320  2.694   12.152  1.00 52.08 ? 70   ILE A CB  1 
ATOM   566  C  CG1 . ILE A 1 75  ? -4.049  3.084   13.446  1.00 52.87 ? 70   ILE A CG1 1 
ATOM   567  C  CG2 . ILE A 1 75  ? -3.415  1.193   11.944  1.00 51.58 ? 70   ILE A CG2 1 
ATOM   568  C  CD1 . ILE A 1 75  ? -5.571  2.886   13.427  1.00 52.95 ? 70   ILE A CD1 1 
ATOM   569  N  N   . PHE A 1 76  ? -1.029  3.281   9.957   1.00 52.82 ? 71   PHE A N   1 
ATOM   570  C  CA  . PHE A 1 76  ? -0.298  2.859   8.789   1.00 53.36 ? 71   PHE A CA  1 
ATOM   571  C  C   . PHE A 1 76  ? 1.205   2.841   9.092   1.00 53.54 ? 71   PHE A C   1 
ATOM   572  O  O   . PHE A 1 76  ? 1.897   1.852   8.820   1.00 51.86 ? 71   PHE A O   1 
ATOM   573  C  CB  . PHE A 1 76  ? -0.593  3.796   7.619   1.00 53.54 ? 71   PHE A CB  1 
ATOM   574  C  CG  . PHE A 1 76  ? 0.260   3.538   6.427   1.00 54.73 ? 71   PHE A CG  1 
ATOM   575  C  CD1 . PHE A 1 76  ? -0.053  2.514   5.534   1.00 54.84 ? 71   PHE A CD1 1 
ATOM   576  C  CD2 . PHE A 1 76  ? 1.391   4.311   6.188   1.00 54.71 ? 71   PHE A CD2 1 
ATOM   577  C  CE1 . PHE A 1 76  ? 0.755   2.275   4.433   1.00 55.01 ? 71   PHE A CE1 1 
ATOM   578  C  CE2 . PHE A 1 76  ? 2.184   4.072   5.088   1.00 55.55 ? 71   PHE A CE2 1 
ATOM   579  C  CZ  . PHE A 1 76  ? 1.873   3.049   4.218   1.00 53.86 ? 71   PHE A CZ  1 
ATOM   580  N  N   . ASN A 1 77  ? 1.694   3.934   9.674   1.00 54.37 ? 72   ASN A N   1 
ATOM   581  C  CA  . ASN A 1 77  ? 3.130   4.083   9.923   1.00 55.11 ? 72   ASN A CA  1 
ATOM   582  C  C   . ASN A 1 77  ? 3.632   3.088   10.950  1.00 55.46 ? 72   ASN A C   1 
ATOM   583  O  O   . ASN A 1 77  ? 4.745   2.597   10.830  1.00 55.95 ? 72   ASN A O   1 
ATOM   584  C  CB  . ASN A 1 77  ? 3.487   5.513   10.350  1.00 55.20 ? 72   ASN A CB  1 
ATOM   585  C  CG  . ASN A 1 77  ? 3.540   6.484   9.177   1.00 55.99 ? 72   ASN A CG  1 
ATOM   586  O  OD1 . ASN A 1 77  ? 3.540   7.701   9.371   1.00 59.51 ? 72   ASN A OD1 1 
ATOM   587  N  ND2 . ASN A 1 77  ? 3.574   5.960   7.969   1.00 55.05 ? 72   ASN A ND2 1 
ATOM   588  N  N   . GLN A 1 78  ? 2.813   2.774   11.945  1.00 55.77 ? 73   GLN A N   1 
ATOM   589  C  CA  . GLN A 1 78  ? 3.244   1.815   12.960  1.00 56.28 ? 73   GLN A CA  1 
ATOM   590  C  C   . GLN A 1 78  ? 3.134   0.366   12.465  1.00 56.31 ? 73   GLN A C   1 
ATOM   591  O  O   . GLN A 1 78  ? 4.016   -0.438  12.752  1.00 55.63 ? 73   GLN A O   1 
ATOM   592  C  CB  . GLN A 1 78  ? 2.543   2.048   14.304  1.00 56.10 ? 73   GLN A CB  1 
ATOM   593  C  CG  . GLN A 1 78  ? 1.070   1.776   14.336  1.00 56.65 ? 73   GLN A CG  1 
ATOM   594  C  CD  . GLN A 1 78  ? 0.415   2.289   15.621  1.00 56.61 ? 73   GLN A CD  1 
ATOM   595  O  OE1 . GLN A 1 78  ? 1.049   2.948   16.450  1.00 57.43 ? 73   GLN A OE1 1 
ATOM   596  N  NE2 . GLN A 1 78  ? -0.864  1.983   15.783  1.00 57.45 ? 73   GLN A NE2 1 
ATOM   597  N  N   . VAL A 1 79  ? 2.096   0.036   11.692  1.00 56.46 ? 74   VAL A N   1 
ATOM   598  C  CA  . VAL A 1 79  ? 2.028   -1.302  11.082  1.00 56.68 ? 74   VAL A CA  1 
ATOM   599  C  C   . VAL A 1 79  ? 3.216   -1.502  10.131  1.00 57.24 ? 74   VAL A C   1 
ATOM   600  O  O   . VAL A 1 79  ? 3.856   -2.559  10.157  1.00 57.02 ? 74   VAL A O   1 
ATOM   601  C  CB  . VAL A 1 79  ? 0.716   -1.579  10.304  1.00 56.18 ? 74   VAL A CB  1 
ATOM   602  C  CG1 . VAL A 1 79  ? 0.825   -2.899  9.533   1.00 55.38 ? 74   VAL A CG1 1 
ATOM   603  C  CG2 . VAL A 1 79  ? -0.486  -1.622  11.247  1.00 56.54 ? 74   VAL A CG2 1 
ATOM   604  N  N   . MET A 1 80  ? 3.491   -0.487  9.309   1.00 57.84 ? 75   MET A N   1 
ATOM   605  C  CA  . MET A 1 80  ? 4.591   -0.530  8.355   1.00 58.33 ? 75   MET A CA  1 
ATOM   606  C  C   . MET A 1 80  ? 5.970   -0.560  9.010   1.00 58.97 ? 75   MET A C   1 
ATOM   607  O  O   . MET A 1 80  ? 6.854   -1.255  8.510   1.00 59.17 ? 75   MET A O   1 
ATOM   608  C  CB  . MET A 1 80  ? 4.533   0.662   7.401   1.00 58.76 ? 75   MET A CB  1 
ATOM   609  C  CG  . MET A 1 80  ? 3.414   0.632   6.354   1.00 58.93 ? 75   MET A CG  1 
ATOM   610  S  SD  . MET A 1 80  ? 3.365   -0.805  5.249   1.00 60.64 ? 75   MET A SD  1 
ATOM   611  C  CE  . MET A 1 80  ? 2.094   -1.825  5.980   1.00 60.97 ? 75   MET A CE  1 
ATOM   612  N  N   . GLU A 1 81  ? 6.166   0.196   10.099  1.00 59.43 ? 76   GLU A N   1 
ATOM   613  C  CA  . GLU A 1 81  ? 7.457   0.210   10.803  1.00 59.94 ? 76   GLU A CA  1 
ATOM   614  C  C   . GLU A 1 81  ? 7.748   -1.189  11.334  1.00 59.39 ? 76   GLU A C   1 
ATOM   615  O  O   . GLU A 1 81  ? 8.852   -1.703  11.171  1.00 59.90 ? 76   GLU A O   1 
ATOM   616  C  CB  . GLU A 1 81  ? 7.494   1.246   11.943  1.00 60.10 ? 76   GLU A CB  1 
ATOM   617  C  CG  . GLU A 1 81  ? 8.912   1.487   12.500  1.00 61.31 ? 76   GLU A CG  1 
ATOM   618  C  CD  . GLU A 1 81  ? 8.974   2.398   13.731  1.00 61.64 ? 76   GLU A CD  1 
ATOM   619  O  OE1 . GLU A 1 81  ? 8.627   1.945   14.846  1.00 64.10 ? 76   GLU A OE1 1 
ATOM   620  O  OE2 . GLU A 1 81  ? 9.412   3.561   13.595  1.00 64.10 ? 76   GLU A OE2 1 
ATOM   621  N  N   . LYS A 1 82  ? 6.741   -1.810  11.942  1.00 59.01 ? 77   LYS A N   1 
ATOM   622  C  CA  . LYS A 1 82  ? 6.861   -3.174  12.452  1.00 58.56 ? 77   LYS A CA  1 
ATOM   623  C  C   . LYS A 1 82  ? 7.020   -4.233  11.343  1.00 58.14 ? 77   LYS A C   1 
ATOM   624  O  O   . LYS A 1 82  ? 7.726   -5.217  11.540  1.00 58.04 ? 77   LYS A O   1 
ATOM   625  C  CB  . LYS A 1 82  ? 5.666   -3.522  13.351  1.00 58.87 ? 77   LYS A CB  1 
ATOM   626  N  N   . GLU A 1 83  ? 6.375   -4.044  10.193  1.00 57.28 ? 78   GLU A N   1 
ATOM   627  C  CA  . GLU A 1 83  ? 6.539   -4.982  9.068   1.00 56.75 ? 78   GLU A CA  1 
ATOM   628  C  C   . GLU A 1 83  ? 7.983   -5.043  8.536   1.00 56.43 ? 78   GLU A C   1 
ATOM   629  O  O   . GLU A 1 83  ? 8.468   -6.107  8.177   1.00 55.46 ? 78   GLU A O   1 
ATOM   630  C  CB  . GLU A 1 83  ? 5.599   -4.627  7.897   1.00 56.22 ? 78   GLU A CB  1 
ATOM   631  C  CG  . GLU A 1 83  ? 5.713   -5.614  6.724   1.00 56.01 ? 78   GLU A CG  1 
ATOM   632  C  CD  . GLU A 1 83  ? 4.790   -5.331  5.531   1.00 56.56 ? 78   GLU A CD  1 
ATOM   633  O  OE1 . GLU A 1 83  ? 3.952   -4.408  5.594   1.00 56.02 ? 78   GLU A OE1 1 
ATOM   634  O  OE2 . GLU A 1 83  ? 4.919   -6.055  4.517   1.00 53.75 ? 78   GLU A OE2 1 
ATOM   635  N  N   . PHE A 1 84  ? 8.623   -3.877  8.456   1.00 56.65 ? 79   PHE A N   1 
ATOM   636  C  CA  . PHE A 1 84  ? 9.938   -3.710  7.836   1.00 56.75 ? 79   PHE A CA  1 
ATOM   637  C  C   . PHE A 1 84  ? 11.060  -3.597  8.869   1.00 56.70 ? 79   PHE A C   1 
ATOM   638  O  O   . PHE A 1 84  ? 12.158  -3.151  8.547   1.00 56.44 ? 79   PHE A O   1 
ATOM   639  C  CB  . PHE A 1 84  ? 9.903   -2.496  6.897   1.00 57.07 ? 79   PHE A CB  1 
ATOM   640  C  CG  . PHE A 1 84  ? 9.101   -2.739  5.658   1.00 57.49 ? 79   PHE A CG  1 
ATOM   641  C  CD1 . PHE A 1 84  ? 7.749   -2.436  5.615   1.00 57.29 ? 79   PHE A CD1 1 
ATOM   642  C  CD2 . PHE A 1 84  ? 9.687   -3.325  4.543   1.00 58.37 ? 79   PHE A CD2 1 
ATOM   643  C  CE1 . PHE A 1 84  ? 7.004   -2.691  4.495   1.00 57.81 ? 79   PHE A CE1 1 
ATOM   644  C  CE2 . PHE A 1 84  ? 8.940   -3.587  3.406   1.00 58.92 ? 79   PHE A CE2 1 
ATOM   645  C  CZ  . PHE A 1 84  ? 7.595   -3.262  3.380   1.00 58.24 ? 79   PHE A CZ  1 
ATOM   646  N  N   . GLU A 1 85  ? 10.768  -4.054  10.091  1.00 56.55 ? 80   GLU A N   1 
ATOM   647  C  CA  . GLU A 1 85  ? 11.700  -4.106  11.211  1.00 56.66 ? 80   GLU A CA  1 
ATOM   648  C  C   . GLU A 1 85  ? 12.997  -4.869  10.962  1.00 56.22 ? 80   GLU A C   1 
ATOM   649  O  O   . GLU A 1 85  ? 14.074  -4.454  11.411  1.00 55.72 ? 80   GLU A O   1 
ATOM   650  C  CB  . GLU A 1 85  ? 11.023  -4.779  12.413  1.00 56.93 ? 80   GLU A CB  1 
ATOM   651  C  CG  . GLU A 1 85  ? 10.500  -3.811  13.433  1.00 58.42 ? 80   GLU A CG  1 
ATOM   652  C  CD  . GLU A 1 85  ? 10.138  -4.482  14.740  1.00 60.97 ? 80   GLU A CD  1 
ATOM   653  O  OE1 . GLU A 1 85  ? 9.905   -5.716  14.757  1.00 62.73 ? 80   GLU A OE1 1 
ATOM   654  O  OE2 . GLU A 1 85  ? 10.100  -3.763  15.758  1.00 61.84 ? 80   GLU A OE2 1 
ATOM   655  N  N   . ASP A 1 86  ? 12.868  -6.024  10.319  1.00 55.41 ? 81   ASP A N   1 
ATOM   656  C  CA  . ASP A 1 86  ? 14.011  -6.850  9.968   1.00 54.81 ? 81   ASP A CA  1 
ATOM   657  C  C   . ASP A 1 86  ? 14.905  -6.239  8.881   1.00 54.88 ? 81   ASP A C   1 
ATOM   658  O  O   . ASP A 1 86  ? 15.977  -6.769  8.602   1.00 55.13 ? 81   ASP A O   1 
ATOM   659  C  CB  . ASP A 1 86  ? 13.547  -8.243  9.541   1.00 54.43 ? 81   ASP A CB  1 
ATOM   660  C  CG  . ASP A 1 86  ? 12.507  -8.216  8.428   1.00 54.09 ? 81   ASP A CG  1 
ATOM   661  O  OD1 . ASP A 1 86  ? 12.331  -7.179  7.724   1.00 51.94 ? 81   ASP A OD1 1 
ATOM   662  O  OD2 . ASP A 1 86  ? 11.848  -9.257  8.270   1.00 52.93 ? 81   ASP A OD2 1 
ATOM   663  N  N   . GLY A 1 87  ? 14.460  -5.146  8.262   1.00 55.23 ? 82   GLY A N   1 
ATOM   664  C  CA  . GLY A 1 87  ? 15.235  -4.466  7.224   1.00 55.31 ? 82   GLY A CA  1 
ATOM   665  C  C   . GLY A 1 87  ? 15.139  -5.120  5.856   1.00 55.49 ? 82   GLY A C   1 
ATOM   666  O  O   . GLY A 1 87  ? 15.848  -4.721  4.930   1.00 56.19 ? 82   GLY A O   1 
ATOM   667  N  N   . ILE A 1 88  ? 14.245  -6.097  5.711   1.00 54.89 ? 83   ILE A N   1 
ATOM   668  C  CA  . ILE A 1 88  ? 14.100  -6.822  4.454   1.00 54.26 ? 83   ILE A CA  1 
ATOM   669  C  C   . ILE A 1 88  ? 13.105  -6.139  3.517   1.00 53.90 ? 83   ILE A C   1 
ATOM   670  O  O   . ILE A 1 88  ? 11.957  -5.846  3.890   1.00 53.01 ? 83   ILE A O   1 
ATOM   671  C  CB  . ILE A 1 88  ? 13.731  -8.310  4.701   1.00 54.46 ? 83   ILE A CB  1 
ATOM   672  C  CG1 . ILE A 1 88  ? 14.967  -9.041  5.235   1.00 54.31 ? 83   ILE A CG1 1 
ATOM   673  C  CG2 . ILE A 1 88  ? 13.233  -8.972  3.419   1.00 53.85 ? 83   ILE A CG2 1 
ATOM   674  C  CD1 . ILE A 1 88  ? 14.671  -10.250 6.093   1.00 55.39 ? 83   ILE A CD1 1 
ATOM   675  N  N   . ILE A 1 89  ? 13.582  -5.867  2.299   1.00 53.22 ? 84   ILE A N   1 
ATOM   676  C  CA  . ILE A 1 89  ? 12.766  -5.261  1.245   1.00 52.83 ? 84   ILE A CA  1 
ATOM   677  C  C   . ILE A 1 89  ? 12.748  -6.191  0.050   1.00 52.26 ? 84   ILE A C   1 
ATOM   678  O  O   . ILE A 1 89  ? 13.796  -6.699  -0.379  1.00 51.67 ? 84   ILE A O   1 
ATOM   679  C  CB  . ILE A 1 89  ? 13.319  -3.895  0.782   1.00 53.05 ? 84   ILE A CB  1 
ATOM   680  C  CG1 . ILE A 1 89  ? 13.338  -2.907  1.950   1.00 52.81 ? 84   ILE A CG1 1 
ATOM   681  C  CG2 . ILE A 1 89  ? 12.473  -3.318  -0.378  1.00 52.78 ? 84   ILE A CG2 1 
ATOM   682  C  CD1 . ILE A 1 89  ? 14.378  -1.909  1.805   1.00 53.39 ? 84   ILE A CD1 1 
ATOM   683  N  N   . ASN A 1 90  ? 11.551  -6.421  -0.478  1.00 51.67 ? 85   ASN A N   1 
ATOM   684  C  CA  . ASN A 1 90  ? 11.398  -7.087  -1.764  1.00 51.04 ? 85   ASN A CA  1 
ATOM   685  C  C   . ASN A 1 90  ? 10.124  -6.600  -2.451  1.00 50.65 ? 85   ASN A C   1 
ATOM   686  O  O   . ASN A 1 90  ? 9.332   -5.880  -1.842  1.00 49.95 ? 85   ASN A O   1 
ATOM   687  C  CB  . ASN A 1 90  ? 11.454  -8.608  -1.595  1.00 51.33 ? 85   ASN A CB  1 
ATOM   688  C  CG  . ASN A 1 90  ? 10.323  -9.170  -0.737  1.00 51.57 ? 85   ASN A CG  1 
ATOM   689  O  OD1 . ASN A 1 90  ? 9.154   -9.031  -1.072  1.00 51.98 ? 85   ASN A OD1 1 
ATOM   690  N  ND2 . ASN A 1 90  ? 10.683  -9.869  0.353   1.00 50.90 ? 85   ASN A ND2 1 
ATOM   691  N  N   . TRP A 1 91  ? 9.924   -6.990  -3.704  1.00 50.24 ? 86   TRP A N   1 
ATOM   692  C  CA  . TRP A 1 91  ? 8.774   -6.492  -4.483  1.00 50.34 ? 86   TRP A CA  1 
ATOM   693  C  C   . TRP A 1 91  ? 7.445   -6.876  -3.856  1.00 50.39 ? 86   TRP A C   1 
ATOM   694  O  O   . TRP A 1 91  ? 6.512   -6.092  -3.873  1.00 49.63 ? 86   TRP A O   1 
ATOM   695  C  CB  . TRP A 1 91  ? 8.820   -6.961  -5.951  1.00 50.15 ? 86   TRP A CB  1 
ATOM   696  C  CG  . TRP A 1 91  ? 9.782   -6.173  -6.829  1.00 50.48 ? 86   TRP A CG  1 
ATOM   697  C  CD1 . TRP A 1 91  ? 10.843  -6.667  -7.523  1.00 51.27 ? 86   TRP A CD1 1 
ATOM   698  C  CD2 . TRP A 1 91  ? 9.744   -4.762  -7.111  1.00 50.27 ? 86   TRP A CD2 1 
ATOM   699  N  NE1 . TRP A 1 91  ? 11.487  -5.652  -8.190  1.00 51.41 ? 86   TRP A NE1 1 
ATOM   700  C  CE2 . TRP A 1 91  ? 10.827  -4.476  -7.965  1.00 51.17 ? 86   TRP A CE2 1 
ATOM   701  C  CE3 . TRP A 1 91  ? 8.912   -3.714  -6.708  1.00 50.63 ? 86   TRP A CE3 1 
ATOM   702  C  CZ2 . TRP A 1 91  ? 11.107  -3.172  -8.426  1.00 51.60 ? 86   TRP A CZ2 1 
ATOM   703  C  CZ3 . TRP A 1 91  ? 9.188   -2.418  -7.164  1.00 50.62 ? 86   TRP A CZ3 1 
ATOM   704  C  CH2 . TRP A 1 91  ? 10.278  -2.167  -8.026  1.00 50.04 ? 86   TRP A CH2 1 
ATOM   705  N  N   . GLY A 1 92  ? 7.369   -8.087  -3.303  1.00 51.09 ? 87   GLY A N   1 
ATOM   706  C  CA  . GLY A 1 92  ? 6.144   -8.565  -2.666  1.00 51.33 ? 87   GLY A CA  1 
ATOM   707  C  C   . GLY A 1 92  ? 5.721   -7.736  -1.475  1.00 51.26 ? 87   GLY A C   1 
ATOM   708  O  O   . GLY A 1 92  ? 4.573   -7.341  -1.381  1.00 51.88 ? 87   GLY A O   1 
ATOM   709  N  N   . ARG A 1 93  ? 6.662   -7.459  -0.569  1.00 51.33 ? 88   ARG A N   1 
ATOM   710  C  CA  . ARG A 1 93  ? 6.437   -6.531  0.554   1.00 50.56 ? 88   ARG A CA  1 
ATOM   711  C  C   . ARG A 1 93  ? 6.034   -5.132  0.124   1.00 50.68 ? 88   ARG A C   1 
ATOM   712  O  O   . ARG A 1 93  ? 5.213   -4.486  0.778   1.00 50.25 ? 88   ARG A O   1 
ATOM   713  C  CB  . ARG A 1 93  ? 7.701   -6.436  1.427   1.00 50.65 ? 88   ARG A CB  1 
ATOM   714  C  CG  . ARG A 1 93  ? 8.057   -7.745  2.127   1.00 50.10 ? 88   ARG A CG  1 
ATOM   715  C  CD  . ARG A 1 93  ? 9.172   -7.520  3.141   1.00 50.16 ? 88   ARG A CD  1 
ATOM   716  N  NE  . ARG A 1 93  ? 9.344   -8.651  4.044   1.00 49.48 ? 88   ARG A NE  1 
ATOM   717  C  CZ  . ARG A 1 93  ? 9.948   -8.591  5.227   1.00 49.36 ? 88   ARG A CZ  1 
ATOM   718  N  NH1 . ARG A 1 93  ? 10.409  -7.439  5.711   1.00 50.70 ? 88   ARG A NH1 1 
ATOM   719  N  NH2 . ARG A 1 93  ? 10.048  -9.686  5.944   1.00 48.23 ? 88   ARG A NH2 1 
ATOM   720  N  N   . ILE A 1 94  ? 6.625   -4.644  -0.962  1.00 51.12 ? 89   ILE A N   1 
ATOM   721  C  CA  . ILE A 1 94  ? 6.299   -3.320  -1.474  1.00 51.12 ? 89   ILE A CA  1 
ATOM   722  C  C   . ILE A 1 94  ? 4.830   -3.267  -1.893  1.00 51.14 ? 89   ILE A C   1 
ATOM   723  O  O   . ILE A 1 94  ? 4.130   -2.321  -1.570  1.00 51.72 ? 89   ILE A O   1 
ATOM   724  C  CB  . ILE A 1 94  ? 7.260   -2.899  -2.619  1.00 51.87 ? 89   ILE A CB  1 
ATOM   725  C  CG1 . ILE A 1 94  ? 8.651   -2.561  -2.020  1.00 53.19 ? 89   ILE A CG1 1 
ATOM   726  C  CG2 . ILE A 1 94  ? 6.676   -1.730  -3.411  1.00 49.42 ? 89   ILE A CG2 1 
ATOM   727  C  CD1 . ILE A 1 94  ? 9.794   -2.475  -3.047  1.00 51.58 ? 89   ILE A CD1 1 
ATOM   728  N  N   . VAL A 1 95  ? 4.372   -4.295  -2.590  1.00 51.47 ? 90   VAL A N   1 
ATOM   729  C  CA  . VAL A 1 95  ? 2.948   -4.457  -2.889  1.00 51.35 ? 90   VAL A CA  1 
ATOM   730  C  C   . VAL A 1 95  ? 2.037   -4.402  -1.635  1.00 51.34 ? 90   VAL A C   1 
ATOM   731  O  O   . VAL A 1 95  ? 0.961   -3.815  -1.692  1.00 51.83 ? 90   VAL A O   1 
ATOM   732  C  CB  . VAL A 1 95  ? 2.668   -5.768  -3.712  1.00 51.06 ? 90   VAL A CB  1 
ATOM   733  C  CG1 . VAL A 1 95  ? 1.170   -5.962  -3.936  1.00 51.26 ? 90   VAL A CG1 1 
ATOM   734  C  CG2 . VAL A 1 95  ? 3.347   -5.731  -5.059  1.00 51.34 ? 90   VAL A CG2 1 
ATOM   735  N  N   . THR A 1 96  ? 2.465   -4.990  -0.517  1.00 51.33 ? 91   THR A N   1 
ATOM   736  C  CA  . THR A 1 96  ? 1.660   -4.965  0.709   1.00 51.53 ? 91   THR A CA  1 
ATOM   737  C  C   . THR A 1 96  ? 1.504   -3.559  1.272   1.00 52.06 ? 91   THR A C   1 
ATOM   738  O  O   . THR A 1 96  ? 0.498   -3.267  1.922   1.00 52.82 ? 91   THR A O   1 
ATOM   739  C  CB  . THR A 1 96  ? 2.182   -5.916  1.840   1.00 50.93 ? 91   THR A CB  1 
ATOM   740  O  OG1 . THR A 1 96  ? 3.424   -5.441  2.392   1.00 51.84 ? 91   THR A OG1 1 
ATOM   741  C  CG2 . THR A 1 96  ? 2.344   -7.334  1.334   1.00 50.73 ? 91   THR A CG2 1 
ATOM   742  N  N   . ILE A 1 97  ? 2.474   -2.686  1.013   1.00 52.14 ? 92   ILE A N   1 
ATOM   743  C  CA  . ILE A 1 97  ? 2.351   -1.313  1.454   1.00 52.20 ? 92   ILE A CA  1 
ATOM   744  C  C   . ILE A 1 97  ? 1.141   -0.611  0.781   1.00 52.17 ? 92   ILE A C   1 
ATOM   745  O  O   . ILE A 1 97  ? 0.329   -0.013  1.465   1.00 52.45 ? 92   ILE A O   1 
ATOM   746  C  CB  . ILE A 1 97  ? 3.622   -0.487  1.235   1.00 51.34 ? 92   ILE A CB  1 
ATOM   747  C  CG1 . ILE A 1 97  ? 4.844   -1.157  1.859   1.00 51.83 ? 92   ILE A CG1 1 
ATOM   748  C  CG2 . ILE A 1 97  ? 3.406   0.929   1.795   1.00 50.34 ? 92   ILE A CG2 1 
ATOM   749  C  CD1 . ILE A 1 97  ? 6.144   -0.518  1.508   1.00 52.39 ? 92   ILE A CD1 1 
ATOM   750  N  N   . PHE A 1 98  ? 1.055   -0.662  -0.548  1.00 52.84 ? 93   PHE A N   1 
ATOM   751  C  CA  . PHE A 1 98  ? -0.089  -0.117  -1.277  1.00 52.21 ? 93   PHE A CA  1 
ATOM   752  C  C   . PHE A 1 98  ? -1.402  -0.736  -0.755  1.00 52.30 ? 93   PHE A C   1 
ATOM   753  O  O   . PHE A 1 98  ? -2.401  -0.044  -0.514  1.00 51.76 ? 93   PHE A O   1 
ATOM   754  C  CB  . PHE A 1 98  ? 0.031   -0.429  -2.768  1.00 52.80 ? 93   PHE A CB  1 
ATOM   755  C  CG  . PHE A 1 98  ? 1.120   0.341   -3.483  1.00 54.41 ? 93   PHE A CG  1 
ATOM   756  C  CD1 . PHE A 1 98  ? 2.361   -0.227  -3.701  1.00 54.49 ? 93   PHE A CD1 1 
ATOM   757  C  CD2 . PHE A 1 98  ? 0.891   1.643   -3.948  1.00 52.96 ? 93   PHE A CD2 1 
ATOM   758  C  CE1 . PHE A 1 98  ? 3.375   0.486   -4.398  1.00 53.41 ? 93   PHE A CE1 1 
ATOM   759  C  CE2 . PHE A 1 98  ? 1.892   2.345   -4.610  1.00 54.04 ? 93   PHE A CE2 1 
ATOM   760  C  CZ  . PHE A 1 98  ? 3.139   1.754   -4.844  1.00 51.38 ? 93   PHE A CZ  1 
ATOM   761  N  N   . ALA A 1 99  ? -1.397  -2.058  -0.618  1.00 51.68 ? 94   ALA A N   1 
ATOM   762  C  CA  . ALA A 1 99  ? -2.587  -2.788  -0.191  1.00 51.30 ? 94   ALA A CA  1 
ATOM   763  C  C   . ALA A 1 99  ? -3.104  -2.342  1.190   1.00 51.01 ? 94   ALA A C   1 
ATOM   764  O  O   . ALA A 1 99  ? -4.312  -2.113  1.352   1.00 51.18 ? 94   ALA A O   1 
ATOM   765  C  CB  . ALA A 1 99  ? -2.318  -4.309  -0.204  1.00 50.92 ? 94   ALA A CB  1 
ATOM   766  N  N   . PHE A 1 100 ? -2.218  -2.216  2.173   1.00 49.58 ? 95   PHE A N   1 
ATOM   767  C  CA  . PHE A 1 100 ? -2.663  -1.772  3.485   1.00 49.67 ? 95   PHE A CA  1 
ATOM   768  C  C   . PHE A 1 100 ? -3.140  -0.315  3.499   1.00 49.43 ? 95   PHE A C   1 
ATOM   769  O  O   . PHE A 1 100 ? -4.061  0.028   4.227   1.00 50.09 ? 95   PHE A O   1 
ATOM   770  C  CB  . PHE A 1 100 ? -1.582  -1.999  4.548   1.00 49.58 ? 95   PHE A CB  1 
ATOM   771  C  CG  . PHE A 1 100 ? -2.103  -1.905  5.947   1.00 48.81 ? 95   PHE A CG  1 
ATOM   772  C  CD1 . PHE A 1 100 ? -3.069  -2.795  6.394   1.00 47.90 ? 95   PHE A CD1 1 
ATOM   773  C  CD2 . PHE A 1 100 ? -1.639  -0.926  6.809   1.00 49.20 ? 95   PHE A CD2 1 
ATOM   774  C  CE1 . PHE A 1 100 ? -3.559  -2.725  7.665   1.00 48.79 ? 95   PHE A CE1 1 
ATOM   775  C  CE2 . PHE A 1 100 ? -2.130  -0.842  8.093   1.00 49.77 ? 95   PHE A CE2 1 
ATOM   776  C  CZ  . PHE A 1 100 ? -3.094  -1.750  8.528   1.00 50.22 ? 95   PHE A CZ  1 
ATOM   777  N  N   . GLY A 1 101 ? -2.505  0.545   2.710   1.00 49.34 ? 96   GLY A N   1 
ATOM   778  C  CA  . GLY A 1 101 ? -3.010  1.880   2.491   1.00 49.44 ? 96   GLY A CA  1 
ATOM   779  C  C   . GLY A 1 101 ? -4.464  1.811   2.044   1.00 49.76 ? 96   GLY A C   1 
ATOM   780  O  O   . GLY A 1 101 ? -5.329  2.503   2.578   1.00 48.76 ? 96   GLY A O   1 
ATOM   781  N  N   . GLY A 1 102 ? -4.718  0.955   1.065   1.00 50.20 ? 97   GLY A N   1 
ATOM   782  C  CA  . GLY A 1 102 ? -6.078  0.668   0.614   1.00 50.61 ? 97   GLY A CA  1 
ATOM   783  C  C   . GLY A 1 102 ? -7.029  0.148   1.680   1.00 50.72 ? 97   GLY A C   1 
ATOM   784  O  O   . GLY A 1 102 ? -8.167  0.617   1.769   1.00 50.88 ? 97   GLY A O   1 
ATOM   785  N  N   . VAL A 1 103 ? -6.574  -0.813  2.486   1.00 51.04 ? 98   VAL A N   1 
ATOM   786  C  CA  . VAL A 1 103 ? -7.410  -1.367  3.556   1.00 50.59 ? 98   VAL A CA  1 
ATOM   787  C  C   . VAL A 1 103 ? -7.873  -0.244  4.484   1.00 50.92 ? 98   VAL A C   1 
ATOM   788  O  O   . VAL A 1 103 ? -9.054  -0.179  4.842   1.00 50.07 ? 98   VAL A O   1 
ATOM   789  C  CB  . VAL A 1 103 ? -6.679  -2.484  4.366   1.00 50.81 ? 98   VAL A CB  1 
ATOM   790  C  CG1 . VAL A 1 103 ? -7.507  -2.925  5.600   1.00 49.58 ? 98   VAL A CG1 1 
ATOM   791  C  CG2 . VAL A 1 103 ? -6.396  -3.712  3.496   1.00 49.90 ? 98   VAL A CG2 1 
ATOM   792  N  N   . LEU A 1 104 ? -6.954  0.656   4.855   1.00 51.08 ? 99   LEU A N   1 
ATOM   793  C  CA  . LEU A 1 104 ? -7.302  1.753   5.777   1.00 51.28 ? 99   LEU A CA  1 
ATOM   794  C  C   . LEU A 1 104 ? -8.213  2.810   5.153   1.00 51.37 ? 99   LEU A C   1 
ATOM   795  O  O   . LEU A 1 104 ? -9.123  3.306   5.814   1.00 50.97 ? 99   LEU A O   1 
ATOM   796  C  CB  . LEU A 1 104 ? -6.053  2.437   6.319   1.00 51.22 ? 99   LEU A CB  1 
ATOM   797  C  CG  . LEU A 1 104 ? -5.097  1.581   7.141   1.00 52.11 ? 99   LEU A CG  1 
ATOM   798  C  CD1 . LEU A 1 104 ? -3.832  2.367   7.406   1.00 53.08 ? 99   LEU A CD1 1 
ATOM   799  C  CD2 . LEU A 1 104 ? -5.722  1.111   8.431   1.00 53.03 ? 99   LEU A CD2 1 
ATOM   800  N  N   . LEU A 1 105 ? -7.963  3.161   3.895   1.00 51.62 ? 100  LEU A N   1 
ATOM   801  C  CA  . LEU A 1 105 ? -8.793  4.152   3.184   1.00 52.25 ? 100  LEU A CA  1 
ATOM   802  C  C   . LEU A 1 105 ? -10.264 3.694   3.105   1.00 52.18 ? 100  LEU A C   1 
ATOM   803  O  O   . LEU A 1 105 ? -11.210 4.484   3.236   1.00 52.02 ? 100  LEU A O   1 
ATOM   804  C  CB  . LEU A 1 105 ? -8.243  4.341   1.771   1.00 52.84 ? 100  LEU A CB  1 
ATOM   805  C  CG  . LEU A 1 105 ? -8.414  5.662   1.001   1.00 53.88 ? 100  LEU A CG  1 
ATOM   806  C  CD1 . LEU A 1 105 ? -8.538  5.342   -0.482  1.00 54.66 ? 100  LEU A CD1 1 
ATOM   807  C  CD2 . LEU A 1 105 ? -9.562  6.484   1.440   1.00 54.61 ? 100  LEU A CD2 1 
ATOM   808  N  N   . LYS A 1 106 ? -10.429 2.406   2.857   1.00 52.52 ? 101  LYS A N   1 
ATOM   809  C  CA  . LYS A 1 106 ? -11.732 1.750   2.808   1.00 53.05 ? 101  LYS A CA  1 
ATOM   810  C  C   . LYS A 1 106 ? -12.344 1.649   4.222   1.00 52.64 ? 101  LYS A C   1 
ATOM   811  O  O   . LYS A 1 106 ? -13.573 1.725   4.404   1.00 52.74 ? 101  LYS A O   1 
ATOM   812  C  CB  . LYS A 1 106 ? -11.527 0.362   2.182   1.00 53.13 ? 101  LYS A CB  1 
ATOM   813  C  CG  . LYS A 1 106 ? -12.776 -0.337  1.624   1.00 54.73 ? 101  LYS A CG  1 
ATOM   814  C  CD  . LYS A 1 106 ? -12.336 -1.484  0.685   1.00 55.03 ? 101  LYS A CD  1 
ATOM   815  C  CE  . LYS A 1 106 ? -13.289 -2.689  0.707   1.00 57.15 ? 101  LYS A CE  1 
ATOM   816  N  NZ  . LYS A 1 106 ? -12.609 -3.922  0.166   1.00 57.69 ? 101  LYS A NZ  1 
ATOM   817  N  N   . LYS A 1 107 ? -11.486 1.490   5.225   1.00 52.21 ? 102  LYS A N   1 
ATOM   818  C  CA  . LYS A 1 107 ? -11.921 1.555   6.620   1.00 52.19 ? 102  LYS A CA  1 
ATOM   819  C  C   . LYS A 1 107 ? -12.412 2.972   6.931   1.00 52.29 ? 102  LYS A C   1 
ATOM   820  O  O   . LYS A 1 107 ? -13.458 3.165   7.568   1.00 52.13 ? 102  LYS A O   1 
ATOM   821  C  CB  . LYS A 1 107 ? -10.770 1.177   7.565   1.00 52.08 ? 102  LYS A CB  1 
ATOM   822  C  CG  . LYS A 1 107 ? -11.192 0.462   8.821   1.00 52.09 ? 102  LYS A CG  1 
ATOM   823  C  CD  . LYS A 1 107 ? -10.877 -1.036  8.796   1.00 51.93 ? 102  LYS A CD  1 
ATOM   824  C  CE  . LYS A 1 107 ? -11.808 -1.801  9.766   1.00 50.84 ? 102  LYS A CE  1 
ATOM   825  N  NZ  . LYS A 1 107 ? -11.852 -1.135  11.081  1.00 49.62 ? 102  LYS A NZ  1 
ATOM   826  N  N   . LEU A 1 108 ? -11.658 3.962   6.463   1.00 52.34 ? 103  LEU A N   1 
ATOM   827  C  CA  . LEU A 1 108 ? -11.975 5.363   6.727   1.00 52.87 ? 103  LEU A CA  1 
ATOM   828  C  C   . LEU A 1 108 ? -13.341 5.742   6.138   1.00 53.18 ? 103  LEU A C   1 
ATOM   829  O  O   . LEU A 1 108 ? -14.154 6.364   6.813   1.00 52.37 ? 103  LEU A O   1 
ATOM   830  C  CB  . LEU A 1 108 ? -10.890 6.283   6.155   1.00 53.01 ? 103  LEU A CB  1 
ATOM   831  C  CG  . LEU A 1 108 ? -10.358 7.475   6.962   1.00 53.65 ? 103  LEU A CG  1 
ATOM   832  C  CD1 . LEU A 1 108 ? -9.814  8.518   5.994   1.00 54.88 ? 103  LEU A CD1 1 
ATOM   833  C  CD2 . LEU A 1 108 ? -11.370 8.123   7.885   1.00 53.42 ? 103  LEU A CD2 1 
ATOM   834  N  N   . LYS A 1 109 ? -13.570 5.359   4.882   1.00 53.81 ? 104  LYS A N   1 
ATOM   835  C  CA  . LYS A 1 109 ? -14.810 5.696   4.167   1.00 54.36 ? 104  LYS A CA  1 
ATOM   836  C  C   . LYS A 1 109 ? -16.042 4.992   4.741   1.00 55.11 ? 104  LYS A C   1 
ATOM   837  O  O   . LYS A 1 109 ? -17.134 5.569   4.749   1.00 54.91 ? 104  LYS A O   1 
ATOM   838  C  CB  . LYS A 1 109 ? -14.686 5.352   2.680   1.00 54.12 ? 104  LYS A CB  1 
ATOM   839  N  N   . GLN A 1 110 ? -15.876 3.753   5.210   1.00 56.17 ? 105  GLN A N   1 
ATOM   840  C  CA  . GLN A 1 110 ? -16.992 2.997   5.810   1.00 57.28 ? 105  GLN A CA  1 
ATOM   841  C  C   . GLN A 1 110 ? -17.419 3.578   7.167   1.00 57.90 ? 105  GLN A C   1 
ATOM   842  O  O   . GLN A 1 110 ? -18.544 3.345   7.626   1.00 58.03 ? 105  GLN A O   1 
ATOM   843  C  CB  . GLN A 1 110 ? -16.650 1.499   5.933   1.00 57.27 ? 105  GLN A CB  1 
ATOM   844  C  CG  . GLN A 1 110 ? -15.902 1.095   7.205   1.00 57.93 ? 105  GLN A CG  1 
ATOM   845  C  CD  . GLN A 1 110 ? -15.279 -0.297  7.126   1.00 58.19 ? 105  GLN A CD  1 
ATOM   846  O  OE1 . GLN A 1 110 ? -14.472 -0.589  6.233   1.00 62.00 ? 105  GLN A OE1 1 
ATOM   847  N  NE2 . GLN A 1 110 ? -15.631 -1.154  8.077   1.00 58.69 ? 105  GLN A NE2 1 
ATOM   848  N  N   . GLU A 1 111 ? -16.520 4.329   7.800   1.00 58.80 ? 106  GLU A N   1 
ATOM   849  C  CA  . GLU A 1 111 ? -16.803 5.018   9.062   1.00 59.79 ? 106  GLU A CA  1 
ATOM   850  C  C   . GLU A 1 111 ? -17.160 6.500   8.875   1.00 60.34 ? 106  GLU A C   1 
ATOM   851  O  O   . GLU A 1 111 ? -17.561 7.165   9.821   1.00 60.32 ? 106  GLU A O   1 
ATOM   852  C  CB  . GLU A 1 111 ? -15.604 4.869   10.001  1.00 59.88 ? 106  GLU A CB  1 
ATOM   853  C  CG  . GLU A 1 111 ? -15.451 3.441   10.552  1.00 60.51 ? 106  GLU A CG  1 
ATOM   854  C  CD  . GLU A 1 111 ? -14.011 2.948   10.556  1.00 61.16 ? 106  GLU A CD  1 
ATOM   855  O  OE1 . GLU A 1 111 ? -13.109 3.752   10.870  1.00 61.36 ? 106  GLU A OE1 1 
ATOM   856  O  OE2 . GLU A 1 111 ? -13.787 1.756   10.241  1.00 60.72 ? 106  GLU A OE2 1 
ATOM   857  N  N   . GLN A 1 112 ? -17.014 7.003   7.653   1.00 61.16 ? 107  GLN A N   1 
ATOM   858  C  CA  . GLN A 1 112 ? -17.362 8.382   7.312   1.00 61.94 ? 107  GLN A CA  1 
ATOM   859  C  C   . GLN A 1 112 ? -18.669 8.362   6.519   1.00 62.58 ? 107  GLN A C   1 
ATOM   860  O  O   . GLN A 1 112 ? -18.940 7.404   5.792   1.00 62.71 ? 107  GLN A O   1 
ATOM   861  C  CB  . GLN A 1 112 ? -16.247 8.992   6.452   1.00 62.13 ? 107  GLN A CB  1 
ATOM   862  C  CG  . GLN A 1 112 ? -16.093 10.502  6.557   1.00 62.38 ? 107  GLN A CG  1 
ATOM   863  C  CD  . GLN A 1 112 ? -15.145 10.931  7.670   1.00 62.51 ? 107  GLN A CD  1 
ATOM   864  O  OE1 . GLN A 1 112 ? -13.977 10.543  7.696   1.00 61.69 ? 107  GLN A OE1 1 
ATOM   865  N  NE2 . GLN A 1 112 ? -15.650 11.753  8.588   1.00 63.71 ? 107  GLN A NE2 1 
ATOM   866  N  N   . ILE A 1 113 ? -19.483 9.403   6.650   1.00 63.34 ? 108  ILE A N   1 
ATOM   867  C  CA  . ILE A 1 113 ? -20.664 9.532   5.797   1.00 64.04 ? 108  ILE A CA  1 
ATOM   868  C  C   . ILE A 1 113 ? -20.162 9.814   4.377   1.00 64.65 ? 108  ILE A C   1 
ATOM   869  O  O   . ILE A 1 113 ? -20.578 9.172   3.409   1.00 65.04 ? 108  ILE A O   1 
ATOM   870  C  CB  . ILE A 1 113 ? -21.619 10.651  6.275   1.00 64.04 ? 108  ILE A CB  1 
ATOM   871  N  N   . ALA A 1 114 ? -19.243 10.767  4.275   1.00 65.09 ? 109  ALA A N   1 
ATOM   872  C  CA  . ALA A 1 114 ? -18.580 11.069  3.017   1.00 65.47 ? 109  ALA A CA  1 
ATOM   873  C  C   . ALA A 1 114 ? -17.185 11.587  3.303   1.00 65.91 ? 109  ALA A C   1 
ATOM   874  O  O   . ALA A 1 114 ? -17.012 12.639  3.920   1.00 65.75 ? 109  ALA A O   1 
ATOM   875  C  CB  . ALA A 1 114 ? -19.373 12.094  2.224   1.00 65.45 ? 109  ALA A CB  1 
ATOM   876  N  N   . LEU A 1 115 ? -16.192 10.814  2.895   1.00 66.79 ? 110  LEU A N   1 
ATOM   877  C  CA  . LEU A 1 115 ? -14.824 11.305  2.824   1.00 67.50 ? 110  LEU A CA  1 
ATOM   878  C  C   . LEU A 1 115 ? -14.711 12.093  1.528   1.00 68.01 ? 110  LEU A C   1 
ATOM   879  O  O   . LEU A 1 115 ? -15.455 11.828  0.579   1.00 68.06 ? 110  LEU A O   1 
ATOM   880  C  CB  . LEU A 1 115 ? -13.817 10.149  2.867   1.00 67.72 ? 110  LEU A CB  1 
ATOM   881  C  CG  . LEU A 1 115 ? -13.604 9.260   1.632   1.00 68.08 ? 110  LEU A CG  1 
ATOM   882  C  CD1 . LEU A 1 115 ? -12.545 8.242   1.951   1.00 68.58 ? 110  LEU A CD1 1 
ATOM   883  C  CD2 . LEU A 1 115 ? -14.882 8.560   1.171   1.00 68.71 ? 110  LEU A CD2 1 
ATOM   884  N  N   . ASP A 1 116 ? -13.797 13.060  1.487   1.00 68.56 ? 111  ASP A N   1 
ATOM   885  C  CA  . ASP A 1 116 ? -13.615 13.886  0.284   1.00 68.91 ? 111  ASP A CA  1 
ATOM   886  C  C   . ASP A 1 116 ? -12.412 13.444  -0.537  1.00 69.13 ? 111  ASP A C   1 
ATOM   887  O  O   . ASP A 1 116 ? -11.514 12.788  -0.028  1.00 69.36 ? 111  ASP A O   1 
ATOM   888  C  CB  . ASP A 1 116 ? -13.517 15.389  0.617   1.00 68.98 ? 111  ASP A CB  1 
ATOM   889  C  CG  . ASP A 1 116 ? -12.775 15.673  1.916   1.00 69.34 ? 111  ASP A CG  1 
ATOM   890  O  OD1 . ASP A 1 116 ? -11.956 14.828  2.347   1.00 69.32 ? 111  ASP A OD1 1 
ATOM   891  O  OD2 . ASP A 1 116 ? -13.025 16.754  2.503   1.00 69.79 ? 111  ASP A OD2 1 
ATOM   892  N  N   . VAL A 1 117 ? -12.435 13.795  -1.822  1.00 69.55 ? 112  VAL A N   1 
ATOM   893  C  CA  . VAL A 1 117 ? -11.299 13.614  -2.722  1.00 69.65 ? 112  VAL A CA  1 
ATOM   894  C  C   . VAL A 1 117 ? -10.210 14.554  -2.243  1.00 69.82 ? 112  VAL A C   1 
ATOM   895  O  O   . VAL A 1 117 ? -10.171 15.732  -2.617  1.00 69.77 ? 112  VAL A O   1 
ATOM   896  C  CB  . VAL A 1 117 ? -11.671 13.940  -4.187  1.00 69.90 ? 112  VAL A CB  1 
ATOM   897  N  N   . SER A 1 118 ? -9.317  14.002  -1.424  1.00 69.92 ? 113  SER A N   1 
ATOM   898  C  CA  . SER A 1 118 ? -8.580  14.766  -0.415  1.00 70.01 ? 113  SER A CA  1 
ATOM   899  C  C   . SER A 1 118 ? -8.139  13.760  0.641   1.00 69.75 ? 113  SER A C   1 
ATOM   900  O  O   . SER A 1 118 ? -6.960  13.678  0.978   1.00 70.31 ? 113  SER A O   1 
ATOM   901  C  CB  . SER A 1 118 ? -9.473  15.843  0.233   1.00 70.11 ? 113  SER A CB  1 
ATOM   902  O  OG  . SER A 1 118 ? -8.979  16.250  1.502   1.00 70.92 ? 113  SER A OG  1 
ATOM   903  N  N   . ALA A 1 119 ? -9.099  12.991  1.150   1.00 68.87 ? 114  ALA A N   1 
ATOM   904  C  CA  . ALA A 1 119 ? -8.795  11.846  1.988   1.00 68.05 ? 114  ALA A CA  1 
ATOM   905  C  C   . ALA A 1 119 ? -7.865  10.881  1.248   1.00 67.32 ? 114  ALA A C   1 
ATOM   906  O  O   . ALA A 1 119 ? -6.814  10.513  1.776   1.00 67.16 ? 114  ALA A O   1 
ATOM   907  C  CB  . ALA A 1 119 ? -10.067 11.142  2.396   1.00 68.00 ? 114  ALA A CB  1 
ATOM   908  N  N   . TYR A 1 120 ? -8.238  10.491  0.023   1.00 66.41 ? 115  TYR A N   1 
ATOM   909  C  CA  . TYR A 1 120 ? -7.432  9.532   -0.758  1.00 65.51 ? 115  TYR A CA  1 
ATOM   910  C  C   . TYR A 1 120 ? -6.133  10.176  -1.258  1.00 63.98 ? 115  TYR A C   1 
ATOM   911  O  O   . TYR A 1 120 ? -5.160  9.478   -1.539  1.00 63.13 ? 115  TYR A O   1 
ATOM   912  C  CB  . TYR A 1 120 ? -8.225  8.943   -1.936  1.00 66.35 ? 115  TYR A CB  1 
ATOM   913  C  CG  . TYR A 1 120 ? -7.961  9.620   -3.263  1.00 67.11 ? 115  TYR A CG  1 
ATOM   914  C  CD1 . TYR A 1 120 ? -6.938  9.173   -4.096  1.00 68.45 ? 115  TYR A CD1 1 
ATOM   915  C  CD2 . TYR A 1 120 ? -8.717  10.711  -3.677  1.00 68.31 ? 115  TYR A CD2 1 
ATOM   916  C  CE1 . TYR A 1 120 ? -6.671  9.790   -5.299  1.00 68.59 ? 115  TYR A CE1 1 
ATOM   917  C  CE2 . TYR A 1 120 ? -8.465  11.335  -4.896  1.00 68.42 ? 115  TYR A CE2 1 
ATOM   918  C  CZ  . TYR A 1 120 ? -7.435  10.865  -5.699  1.00 68.82 ? 115  TYR A CZ  1 
ATOM   919  O  OH  . TYR A 1 120 ? -7.164  11.472  -6.904  1.00 69.56 ? 115  TYR A OH  1 
ATOM   920  N  N   . LYS A 1 121 ? -6.150  11.498  -1.399  1.00 62.30 ? 116  LYS A N   1 
ATOM   921  C  CA  . LYS A 1 121 ? -4.950  12.274  -1.687  1.00 61.40 ? 116  LYS A CA  1 
ATOM   922  C  C   . LYS A 1 121 ? -3.988  12.240  -0.500  1.00 59.77 ? 116  LYS A C   1 
ATOM   923  O  O   . LYS A 1 121 ? -2.788  12.048  -0.682  1.00 59.21 ? 116  LYS A O   1 
ATOM   924  C  CB  . LYS A 1 121 ? -5.308  13.735  -2.021  1.00 61.31 ? 116  LYS A CB  1 
ATOM   925  C  CG  . LYS A 1 121 ? -4.203  14.766  -1.652  1.00 62.14 ? 116  LYS A CG  1 
ATOM   926  C  CD  . LYS A 1 121 ? -4.718  16.215  -1.579  1.00 62.29 ? 116  LYS A CD  1 
ATOM   927  C  CE  . LYS A 1 121 ? -3.758  17.116  -0.790  1.00 62.86 ? 116  LYS A CE  1 
ATOM   928  N  NZ  . LYS A 1 121 ? -4.348  18.467  -0.499  1.00 62.60 ? 116  LYS A NZ  1 
ATOM   929  N  N   . GLN A 1 122 ? -4.514  12.448  0.707   1.00 58.19 ? 117  GLN A N   1 
ATOM   930  C  CA  . GLN A 1 122 ? -3.675  12.531  1.904   1.00 57.31 ? 117  GLN A CA  1 
ATOM   931  C  C   . GLN A 1 122 ? -3.121  11.171  2.270   1.00 56.16 ? 117  GLN A C   1 
ATOM   932  O  O   . GLN A 1 122 ? -2.008  11.075  2.774   1.00 56.25 ? 117  GLN A O   1 
ATOM   933  C  CB  . GLN A 1 122 ? -4.446  13.112  3.087   1.00 57.46 ? 117  GLN A CB  1 
ATOM   934  C  CG  . GLN A 1 122 ? -4.560  14.625  3.080   1.00 57.60 ? 117  GLN A CG  1 
ATOM   935  C  CD  . GLN A 1 122 ? -5.164  15.154  4.366   1.00 58.35 ? 117  GLN A CD  1 
ATOM   936  O  OE1 . GLN A 1 122 ? -4.587  14.994  5.454   1.00 60.15 ? 117  GLN A OE1 1 
ATOM   937  N  NE2 . GLN A 1 122 ? -6.328  15.792  4.255   1.00 58.08 ? 117  GLN A NE2 1 
ATOM   938  N  N   . VAL A 1 123 ? -3.895  10.125  1.994   1.00 54.76 ? 118  VAL A N   1 
ATOM   939  C  CA  . VAL A 1 123 ? -3.440  8.759   2.161   1.00 53.91 ? 118  VAL A CA  1 
ATOM   940  C  C   . VAL A 1 123 ? -2.385  8.378   1.115   1.00 53.90 ? 118  VAL A C   1 
ATOM   941  O  O   . VAL A 1 123 ? -1.402  7.706   1.425   1.00 52.36 ? 118  VAL A O   1 
ATOM   942  C  CB  . VAL A 1 123 ? -4.610  7.757   2.091   1.00 53.75 ? 118  VAL A CB  1 
ATOM   943  C  CG1 . VAL A 1 123 ? -4.097  6.349   2.143   1.00 52.85 ? 118  VAL A CG1 1 
ATOM   944  C  CG2 . VAL A 1 123 ? -5.616  7.999   3.250   1.00 53.52 ? 118  VAL A CG2 1 
ATOM   945  N  N   . SER A 1 124 ? -2.586  8.811   -0.123  1.00 53.42 ? 119  SER A N   1 
ATOM   946  C  CA  . SER A 1 124 ? -1.622  8.499   -1.165  1.00 53.46 ? 119  SER A CA  1 
ATOM   947  C  C   . SER A 1 124 ? -0.275  9.145   -0.813  1.00 53.29 ? 119  SER A C   1 
ATOM   948  O  O   . SER A 1 124 ? 0.782   8.561   -1.043  1.00 53.62 ? 119  SER A O   1 
ATOM   949  C  CB  . SER A 1 124 ? -2.134  8.929   -2.548  1.00 52.99 ? 119  SER A CB  1 
ATOM   950  O  OG  . SER A 1 124 ? -2.311  10.332  -2.604  1.00 53.97 ? 119  SER A OG  1 
ATOM   951  N  N   . SER A 1 125 ? -0.329  10.336  -0.229  1.00 53.51 ? 120  SER A N   1 
ATOM   952  C  CA  . SER A 1 125 ? 0.868   11.040  0.206   1.00 53.46 ? 120  SER A CA  1 
ATOM   953  C  C   . SER A 1 125 ? 1.648   10.278  1.295   1.00 52.84 ? 120  SER A C   1 
ATOM   954  O  O   . SER A 1 125 ? 2.859   10.063  1.149   1.00 51.18 ? 120  SER A O   1 
ATOM   955  C  CB  . SER A 1 125 ? 0.509   12.451  0.675   1.00 54.16 ? 120  SER A CB  1 
ATOM   956  O  OG  . SER A 1 125 ? 1.578   13.017  1.423   1.00 57.11 ? 120  SER A OG  1 
ATOM   957  N  N   . PHE A 1 126 ? 0.977   9.874   2.380   1.00 52.30 ? 121  PHE A N   1 
ATOM   958  C  CA  . PHE A 1 126 ? 1.681   9.142   3.434   1.00 52.19 ? 121  PHE A CA  1 
ATOM   959  C  C   . PHE A 1 126 ? 2.099   7.741   2.971   1.00 52.07 ? 121  PHE A C   1 
ATOM   960  O  O   . PHE A 1 126 ? 3.128   7.226   3.387   1.00 51.08 ? 121  PHE A O   1 
ATOM   961  C  CB  . PHE A 1 126 ? 0.999   9.245   4.839   1.00 51.90 ? 121  PHE A CB  1 
ATOM   962  C  CG  . PHE A 1 126 ? -0.264  8.421   5.037   1.00 52.03 ? 121  PHE A CG  1 
ATOM   963  C  CD1 . PHE A 1 126 ? -1.442  9.045   5.455   1.00 51.41 ? 121  PHE A CD1 1 
ATOM   964  C  CD2 . PHE A 1 126 ? -0.264  7.032   4.917   1.00 51.08 ? 121  PHE A CD2 1 
ATOM   965  C  CE1 . PHE A 1 126 ? -2.600  8.316   5.699   1.00 50.72 ? 121  PHE A CE1 1 
ATOM   966  C  CE2 . PHE A 1 126 ? -1.430  6.295   5.147   1.00 50.56 ? 121  PHE A CE2 1 
ATOM   967  C  CZ  . PHE A 1 126 ? -2.591  6.940   5.550   1.00 51.09 ? 121  PHE A CZ  1 
ATOM   968  N  N   . VAL A 1 127 ? 1.330   7.126   2.082   1.00 51.94 ? 122  VAL A N   1 
ATOM   969  C  CA  . VAL A 1 127 ? 1.766   5.866   1.519   1.00 51.87 ? 122  VAL A CA  1 
ATOM   970  C  C   . VAL A 1 127 ? 3.065   6.112   0.746   1.00 52.00 ? 122  VAL A C   1 
ATOM   971  O  O   . VAL A 1 127 ? 4.101   5.451   0.998   1.00 51.62 ? 122  VAL A O   1 
ATOM   972  C  CB  . VAL A 1 127 ? 0.680   5.219   0.632   1.00 51.94 ? 122  VAL A CB  1 
ATOM   973  C  CG1 . VAL A 1 127 ? 1.269   4.102   -0.255  1.00 51.37 ? 122  VAL A CG1 1 
ATOM   974  C  CG2 . VAL A 1 127 ? -0.460  4.689   1.503   1.00 52.56 ? 122  VAL A CG2 1 
ATOM   975  N  N   . ALA A 1 128 ? 3.024   7.093   -0.149  1.00 51.47 ? 123  ALA A N   1 
ATOM   976  C  CA  . ALA A 1 128 ? 4.161   7.386   -1.002  1.00 52.11 ? 123  ALA A CA  1 
ATOM   977  C  C   . ALA A 1 128 ? 5.433   7.715   -0.213  1.00 52.29 ? 123  ALA A C   1 
ATOM   978  O  O   . ALA A 1 128 ? 6.522   7.245   -0.554  1.00 51.87 ? 123  ALA A O   1 
ATOM   979  C  CB  . ALA A 1 128 ? 3.828   8.501   -1.937  1.00 51.80 ? 123  ALA A CB  1 
ATOM   980  N  N   . GLU A 1 129 ? 5.290   8.557   0.810   1.00 52.61 ? 124  GLU A N   1 
ATOM   981  C  CA  . GLU A 1 129 ? 6.403   8.912   1.684   1.00 52.84 ? 124  GLU A CA  1 
ATOM   982  C  C   . GLU A 1 129 ? 7.065   7.681   2.314   1.00 52.58 ? 124  GLU A C   1 
ATOM   983  O  O   . GLU A 1 129 ? 8.291   7.557   2.278   1.00 53.46 ? 124  GLU A O   1 
ATOM   984  C  CB  . GLU A 1 129 ? 5.946   9.918   2.749   1.00 52.94 ? 124  GLU A CB  1 
ATOM   985  C  CG  . GLU A 1 129 ? 5.681   11.298  2.189   1.00 52.92 ? 124  GLU A CG  1 
ATOM   986  C  CD  . GLU A 1 129 ? 5.065   12.246  3.182   1.00 54.78 ? 124  GLU A CD  1 
ATOM   987  O  OE1 . GLU A 1 129 ? 5.116   11.956  4.402   1.00 60.33 ? 124  GLU A OE1 1 
ATOM   988  O  OE2 . GLU A 1 129 ? 4.543   13.299  2.750   1.00 56.41 ? 124  GLU A OE2 1 
ATOM   989  N  N   . PHE A 1 130 ? 6.274   6.753   2.845   1.00 52.50 ? 125  PHE A N   1 
ATOM   990  C  CA  . PHE A 1 130 ? 6.836   5.540   3.449   1.00 52.32 ? 125  PHE A CA  1 
ATOM   991  C  C   . PHE A 1 130 ? 7.604   4.670   2.442   1.00 52.50 ? 125  PHE A C   1 
ATOM   992  O  O   . PHE A 1 130 ? 8.723   4.258   2.708   1.00 50.81 ? 125  PHE A O   1 
ATOM   993  C  CB  . PHE A 1 130 ? 5.779   4.661   4.119   1.00 52.48 ? 125  PHE A CB  1 
ATOM   994  C  CG  . PHE A 1 130 ? 6.384   3.478   4.848   1.00 52.97 ? 125  PHE A CG  1 
ATOM   995  C  CD1 . PHE A 1 130 ? 6.606   2.275   4.181   1.00 53.56 ? 125  PHE A CD1 1 
ATOM   996  C  CD2 . PHE A 1 130 ? 6.817   3.597   6.158   1.00 55.44 ? 125  PHE A CD2 1 
ATOM   997  C  CE1 . PHE A 1 130 ? 7.201   1.204   4.802   1.00 51.60 ? 125  PHE A CE1 1 
ATOM   998  C  CE2 . PHE A 1 130 ? 7.426   2.500   6.806   1.00 55.42 ? 125  PHE A CE2 1 
ATOM   999  C  CZ  . PHE A 1 130 ? 7.610   1.305   6.111   1.00 54.56 ? 125  PHE A CZ  1 
ATOM   1000 N  N   . ILE A 1 131 ? 6.958   4.359   1.320   1.00 52.82 ? 126  ILE A N   1 
ATOM   1001 C  CA  . ILE A 1 131 ? 7.571   3.581   0.243   1.00 53.62 ? 126  ILE A CA  1 
ATOM   1002 C  C   . ILE A 1 131 ? 8.872   4.271   -0.165  1.00 53.18 ? 126  ILE A C   1 
ATOM   1003 O  O   . ILE A 1 131 ? 9.913   3.639   -0.241  1.00 53.55 ? 126  ILE A O   1 
ATOM   1004 C  CB  . ILE A 1 131 ? 6.620   3.455   -0.972  1.00 53.79 ? 126  ILE A CB  1 
ATOM   1005 C  CG1 . ILE A 1 131 ? 5.401   2.588   -0.611  1.00 55.06 ? 126  ILE A CG1 1 
ATOM   1006 C  CG2 . ILE A 1 131 ? 7.330   2.877   -2.173  1.00 55.18 ? 126  ILE A CG2 1 
ATOM   1007 C  CD1 . ILE A 1 131 ? 4.213   2.689   -1.609  1.00 54.43 ? 126  ILE A CD1 1 
ATOM   1008 N  N   . MET A 1 132 ? 8.813   5.576   -0.399  1.00 52.52 ? 127  MET A N   1 
ATOM   1009 C  CA  . MET A 1 132 ? 9.999   6.306   -0.817  1.00 52.30 ? 127  MET A CA  1 
ATOM   1010 C  C   . MET A 1 132 ? 11.110  6.272   0.211   1.00 52.08 ? 127  MET A C   1 
ATOM   1011 O  O   . MET A 1 132 ? 12.225  5.891   -0.103  1.00 51.61 ? 127  MET A O   1 
ATOM   1012 C  CB  . MET A 1 132 ? 9.671   7.763   -1.100  1.00 51.94 ? 127  MET A CB  1 
ATOM   1013 C  CG  . MET A 1 132 ? 10.856  8.561   -1.513  1.00 52.33 ? 127  MET A CG  1 
ATOM   1014 S  SD  . MET A 1 132 ? 11.566  7.953   -3.045  1.00 53.45 ? 127  MET A SD  1 
ATOM   1015 C  CE  . MET A 1 132 ? 13.067  8.881   -3.141  1.00 53.73 ? 127  MET A CE  1 
ATOM   1016 N  N   . ASN A 1 133 ? 10.798  6.678   1.436   1.00 52.12 ? 128  ASN A N   1 
ATOM   1017 C  CA  . ASN A 1 133 ? 11.812  6.776   2.486   1.00 52.90 ? 128  ASN A CA  1 
ATOM   1018 C  C   . ASN A 1 133 ? 12.378  5.434   2.923   1.00 53.37 ? 128  ASN A C   1 
ATOM   1019 O  O   . ASN A 1 133 ? 13.532  5.364   3.326   1.00 54.33 ? 128  ASN A O   1 
ATOM   1020 C  CB  . ASN A 1 133 ? 11.266  7.525   3.702   1.00 52.61 ? 128  ASN A CB  1 
ATOM   1021 C  CG  . ASN A 1 133 ? 10.807  8.930   3.370   1.00 52.70 ? 128  ASN A CG  1 
ATOM   1022 O  OD1 . ASN A 1 133 ? 9.987   9.507   4.086   1.00 54.73 ? 128  ASN A OD1 1 
ATOM   1023 N  ND2 . ASN A 1 133 ? 11.335  9.495   2.289   1.00 51.61 ? 128  ASN A ND2 1 
ATOM   1024 N  N   . ASN A 1 134 ? 11.569  4.378   2.846   1.00 54.01 ? 129  ASN A N   1 
ATOM   1025 C  CA  . ASN A 1 134 ? 11.997  3.024   3.250   1.00 54.50 ? 129  ASN A CA  1 
ATOM   1026 C  C   . ASN A 1 134 ? 12.499  2.123   2.116   1.00 54.50 ? 129  ASN A C   1 
ATOM   1027 O  O   . ASN A 1 134 ? 13.341  1.265   2.355   1.00 55.79 ? 129  ASN A O   1 
ATOM   1028 C  CB  . ASN A 1 134 ? 10.881  2.308   4.036   1.00 53.85 ? 129  ASN A CB  1 
ATOM   1029 C  CG  . ASN A 1 134 ? 10.575  2.987   5.383   1.00 54.97 ? 129  ASN A CG  1 
ATOM   1030 O  OD1 . ASN A 1 134 ? 11.113  2.602   6.415   1.00 57.23 ? 129  ASN A OD1 1 
ATOM   1031 N  ND2 . ASN A 1 134 ? 9.724   3.998   5.364   1.00 54.19 ? 129  ASN A ND2 1 
ATOM   1032 N  N   . THR A 1 135 ? 11.994  2.296   0.899   1.00 54.64 ? 130  THR A N   1 
ATOM   1033 C  CA  . THR A 1 135 ? 12.316  1.379   -0.218  1.00 54.23 ? 130  THR A CA  1 
ATOM   1034 C  C   . THR A 1 135 ? 12.764  2.040   -1.536  1.00 54.65 ? 130  THR A C   1 
ATOM   1035 O  O   . THR A 1 135 ? 13.085  1.340   -2.498  1.00 54.98 ? 130  THR A O   1 
ATOM   1036 C  CB  . THR A 1 135 ? 11.115  0.470   -0.554  1.00 54.37 ? 130  THR A CB  1 
ATOM   1037 O  OG1 . THR A 1 135 ? 10.064  1.241   -1.176  1.00 53.94 ? 130  THR A OG1 1 
ATOM   1038 C  CG2 . THR A 1 135 ? 10.575  -0.210  0.705   1.00 54.76 ? 130  THR A CG2 1 
ATOM   1039 N  N   . GLY A 1 136 ? 12.779  3.372   -1.589  1.00 55.35 ? 131  GLY A N   1 
ATOM   1040 C  CA  . GLY A 1 136 ? 13.081  4.091   -2.816  1.00 55.32 ? 131  GLY A CA  1 
ATOM   1041 C  C   . GLY A 1 136 ? 14.440  3.777   -3.404  1.00 55.44 ? 131  GLY A C   1 
ATOM   1042 O  O   . GLY A 1 136 ? 14.572  3.597   -4.611  1.00 55.18 ? 131  GLY A O   1 
ATOM   1043 N  N   . GLU A 1 137 ? 15.453  3.674   -2.555  1.00 55.95 ? 132  GLU A N   1 
ATOM   1044 C  CA  . GLU A 1 137 ? 16.788  3.318   -3.041  1.00 56.05 ? 132  GLU A CA  1 
ATOM   1045 C  C   . GLU A 1 137 ? 16.811  1.871   -3.500  1.00 55.24 ? 132  GLU A C   1 
ATOM   1046 O  O   . GLU A 1 137 ? 17.341  1.557   -4.566  1.00 54.92 ? 132  GLU A O   1 
ATOM   1047 C  CB  . GLU A 1 137 ? 17.866  3.565   -1.979  1.00 56.51 ? 132  GLU A CB  1 
ATOM   1048 C  CG  . GLU A 1 137 ? 19.280  3.542   -2.560  1.00 58.31 ? 132  GLU A CG  1 
ATOM   1049 C  CD  . GLU A 1 137 ? 19.534  4.688   -3.542  1.00 60.84 ? 132  GLU A CD  1 
ATOM   1050 O  OE1 . GLU A 1 137 ? 18.836  5.726   -3.470  1.00 62.44 ? 132  GLU A OE1 1 
ATOM   1051 O  OE2 . GLU A 1 137 ? 20.453  4.554   -4.372  1.00 62.60 ? 132  GLU A OE2 1 
ATOM   1052 N  N   . TRP A 1 138 ? 16.205  0.986   -2.712  1.00 54.79 ? 133  TRP A N   1 
ATOM   1053 C  CA  . TRP A 1 138 ? 16.081  -0.407  -3.132  1.00 54.20 ? 133  TRP A CA  1 
ATOM   1054 C  C   . TRP A 1 138 ? 15.414  -0.534  -4.498  1.00 53.98 ? 133  TRP A C   1 
ATOM   1055 O  O   . TRP A 1 138 ? 15.890  -1.298  -5.340  1.00 54.39 ? 133  TRP A O   1 
ATOM   1056 C  CB  . TRP A 1 138 ? 15.313  -1.229  -2.103  1.00 54.34 ? 133  TRP A CB  1 
ATOM   1057 C  CG  . TRP A 1 138 ? 15.327  -2.698  -2.380  1.00 53.87 ? 133  TRP A CG  1 
ATOM   1058 C  CD1 . TRP A 1 138 ? 16.204  -3.614  -1.876  1.00 53.61 ? 133  TRP A CD1 1 
ATOM   1059 C  CD2 . TRP A 1 138 ? 14.442  -3.421  -3.244  1.00 53.86 ? 133  TRP A CD2 1 
ATOM   1060 N  NE1 . TRP A 1 138 ? 15.914  -4.859  -2.360  1.00 53.54 ? 133  TRP A NE1 1 
ATOM   1061 C  CE2 . TRP A 1 138 ? 14.830  -4.777  -3.193  1.00 53.55 ? 133  TRP A CE2 1 
ATOM   1062 C  CE3 . TRP A 1 138 ? 13.344  -3.058  -4.044  1.00 53.90 ? 133  TRP A CE3 1 
ATOM   1063 C  CZ2 . TRP A 1 138 ? 14.178  -5.778  -3.923  1.00 53.26 ? 133  TRP A CZ2 1 
ATOM   1064 C  CZ3 . TRP A 1 138 ? 12.690  -4.056  -4.766  1.00 53.51 ? 133  TRP A CZ3 1 
ATOM   1065 C  CH2 . TRP A 1 138 ? 13.112  -5.400  -4.698  1.00 53.27 ? 133  TRP A CH2 1 
ATOM   1066 N  N   . ILE A 1 139 ? 14.316  0.185   -4.723  1.00 53.95 ? 134  ILE A N   1 
ATOM   1067 C  CA  . ILE A 1 139 ? 13.611  0.117   -6.014  1.00 54.13 ? 134  ILE A CA  1 
ATOM   1068 C  C   . ILE A 1 139 ? 14.531  0.528   -7.139  1.00 54.60 ? 134  ILE A C   1 
ATOM   1069 O  O   . ILE A 1 139 ? 14.554  -0.095  -8.202  1.00 54.20 ? 134  ILE A O   1 
ATOM   1070 C  CB  . ILE A 1 139 ? 12.336  0.997   -6.031  1.00 54.70 ? 134  ILE A CB  1 
ATOM   1071 C  CG1 . ILE A 1 139 ? 11.199  0.309   -5.257  1.00 55.01 ? 134  ILE A CG1 1 
ATOM   1072 C  CG2 . ILE A 1 139 ? 11.852  1.260   -7.463  1.00 54.98 ? 134  ILE A CG2 1 
ATOM   1073 C  CD1 . ILE A 1 139 ? 10.145  1.275   -4.731  1.00 56.90 ? 134  ILE A CD1 1 
ATOM   1074 N  N   . ARG A 1 140 ? 15.298  1.583   -6.891  1.00 55.20 ? 135  ARG A N   1 
ATOM   1075 C  CA  . ARG A 1 140 ? 16.216  2.123   -7.881  1.00 56.02 ? 135  ARG A CA  1 
ATOM   1076 C  C   . ARG A 1 140 ? 17.282  1.077   -8.283  1.00 55.57 ? 135  ARG A C   1 
ATOM   1077 O  O   . ARG A 1 140 ? 17.569  0.896   -9.467  1.00 55.38 ? 135  ARG A O   1 
ATOM   1078 C  CB  . ARG A 1 140 ? 16.839  3.401   -7.317  1.00 56.11 ? 135  ARG A CB  1 
ATOM   1079 C  CG  . ARG A 1 140 ? 17.941  4.019   -8.147  1.00 59.18 ? 135  ARG A CG  1 
ATOM   1080 C  CD  . ARG A 1 140 ? 18.709  5.033   -7.305  1.00 61.65 ? 135  ARG A CD  1 
ATOM   1081 N  NE  . ARG A 1 140 ? 20.119  5.072   -7.664  1.00 63.12 ? 135  ARG A NE  1 
ATOM   1082 C  CZ  . ARG A 1 140 ? 21.016  4.139   -7.349  1.00 63.62 ? 135  ARG A CZ  1 
ATOM   1083 N  NH1 . ARG A 1 140 ? 20.673  3.045   -6.666  1.00 63.78 ? 135  ARG A NH1 1 
ATOM   1084 N  NH2 . ARG A 1 140 ? 22.274  4.303   -7.730  1.00 63.67 ? 135  ARG A NH2 1 
ATOM   1085 N  N   . GLN A 1 141 ? 17.831  0.386   -7.287  1.00 55.52 ? 136  GLN A N   1 
ATOM   1086 C  CA  . GLN A 1 141 ? 18.802  -0.693  -7.499  1.00 56.34 ? 136  GLN A CA  1 
ATOM   1087 C  C   . GLN A 1 141 ? 18.218  -1.965  -8.103  1.00 55.81 ? 136  GLN A C   1 
ATOM   1088 O  O   . GLN A 1 141 ? 18.969  -2.788  -8.586  1.00 56.08 ? 136  GLN A O   1 
ATOM   1089 C  CB  . GLN A 1 141 ? 19.454  -1.082  -6.172  1.00 56.20 ? 136  GLN A CB  1 
ATOM   1090 C  CG  . GLN A 1 141 ? 20.217  0.048   -5.490  1.00 58.05 ? 136  GLN A CG  1 
ATOM   1091 C  CD  . GLN A 1 141 ? 20.461  -0.207  -4.011  1.00 58.94 ? 136  GLN A CD  1 
ATOM   1092 O  OE1 . GLN A 1 141 ? 20.095  -1.272  -3.473  1.00 63.67 ? 136  GLN A OE1 1 
ATOM   1093 N  NE2 . GLN A 1 141 ? 21.091  0.767   -3.341  1.00 61.02 ? 136  GLN A NE2 1 
ATOM   1094 N  N   . ASN A 1 142 ? 16.901  -2.155  -8.059  1.00 55.43 ? 137  ASN A N   1 
ATOM   1095 C  CA  . ASN A 1 142 ? 16.311  -3.407  -8.564  1.00 55.39 ? 137  ASN A CA  1 
ATOM   1096 C  C   . ASN A 1 142 ? 15.450  -3.237  -9.813  1.00 55.44 ? 137  ASN A C   1 
ATOM   1097 O  O   . ASN A 1 142 ? 14.487  -3.966  -10.028 1.00 55.25 ? 137  ASN A O   1 
ATOM   1098 C  CB  . ASN A 1 142 ? 15.552  -4.123  -7.440  1.00 55.47 ? 137  ASN A CB  1 
ATOM   1099 C  CG  . ASN A 1 142 ? 16.494  -4.707  -6.402  1.00 54.68 ? 137  ASN A CG  1 
ATOM   1100 O  OD1 . ASN A 1 142 ? 16.928  -5.843  -6.541  1.00 55.57 ? 137  ASN A OD1 1 
ATOM   1101 N  ND2 . ASN A 1 142 ? 16.860  -3.914  -5.392  1.00 53.48 ? 137  ASN A ND2 1 
ATOM   1102 N  N   . GLY A 1 143 ? 15.831  -2.276  -10.646 1.00 55.91 ? 138  GLY A N   1 
ATOM   1103 C  CA  . GLY A 1 143 ? 15.246  -2.123  -11.979 1.00 56.25 ? 138  GLY A CA  1 
ATOM   1104 C  C   . GLY A 1 143 ? 14.062  -1.178  -12.057 1.00 56.22 ? 138  GLY A C   1 
ATOM   1105 O  O   . GLY A 1 143 ? 13.425  -1.071  -13.109 1.00 56.31 ? 138  GLY A O   1 
ATOM   1106 N  N   . GLY A 1 144 ? 13.756  -0.489  -10.963 1.00 56.63 ? 139  GLY A N   1 
ATOM   1107 C  CA  . GLY A 1 144 ? 12.619  0.454   -10.940 1.00 56.78 ? 139  GLY A CA  1 
ATOM   1108 C  C   . GLY A 1 144 ? 11.295  -0.205  -11.288 1.00 57.12 ? 139  GLY A C   1 
ATOM   1109 O  O   . GLY A 1 144 ? 11.197  -1.421  -11.276 1.00 57.14 ? 139  GLY A O   1 
ATOM   1110 N  N   . TRP A 1 145 ? 10.293  0.595   -11.650 1.00 57.78 ? 140  TRP A N   1 
ATOM   1111 C  CA  . TRP A 1 145 ? 8.923   0.095   -11.877 1.00 58.37 ? 140  TRP A CA  1 
ATOM   1112 C  C   . TRP A 1 145 ? 8.662   -0.557  -13.233 1.00 59.19 ? 140  TRP A C   1 
ATOM   1113 O  O   . TRP A 1 145 ? 7.780   -1.410  -13.335 1.00 59.15 ? 140  TRP A O   1 
ATOM   1114 C  CB  . TRP A 1 145 ? 7.898   1.226   -11.667 1.00 57.87 ? 140  TRP A CB  1 
ATOM   1115 C  CG  . TRP A 1 145 ? 7.938   1.725   -10.303 1.00 57.41 ? 140  TRP A CG  1 
ATOM   1116 C  CD1 . TRP A 1 145 ? 8.610   2.815   -9.852  1.00 57.93 ? 140  TRP A CD1 1 
ATOM   1117 C  CD2 . TRP A 1 145 ? 7.324   1.129   -9.165  1.00 56.97 ? 140  TRP A CD2 1 
ATOM   1118 N  NE1 . TRP A 1 145 ? 8.453   2.940   -8.501  1.00 56.95 ? 140  TRP A NE1 1 
ATOM   1119 C  CE2 . TRP A 1 145 ? 7.672   1.914   -8.051  1.00 57.22 ? 140  TRP A CE2 1 
ATOM   1120 C  CE3 . TRP A 1 145 ? 6.521   -0.001  -8.977  1.00 56.48 ? 140  TRP A CE3 1 
ATOM   1121 C  CZ2 . TRP A 1 145 ? 7.221   1.630   -6.774  1.00 57.10 ? 140  TRP A CZ2 1 
ATOM   1122 C  CZ3 . TRP A 1 145 ? 6.094   -0.290  -7.706  1.00 57.24 ? 140  TRP A CZ3 1 
ATOM   1123 C  CH2 . TRP A 1 145 ? 6.439   0.518   -6.624  1.00 57.69 ? 140  TRP A CH2 1 
ATOM   1124 N  N   . GLU A 1 146 ? 9.395   -0.145  -14.269 1.00 60.31 ? 141  GLU A N   1 
ATOM   1125 C  CA  . GLU A 1 146 ? 9.127   -0.618  -15.638 1.00 61.30 ? 141  GLU A CA  1 
ATOM   1126 C  C   . GLU A 1 146 ? 9.797   -1.942  -15.937 1.00 61.31 ? 141  GLU A C   1 
ATOM   1127 O  O   . GLU A 1 146 ? 9.286   -2.750  -16.727 1.00 61.93 ? 141  GLU A O   1 
ATOM   1128 C  CB  . GLU A 1 146 ? 9.577   0.399   -16.692 1.00 62.17 ? 141  GLU A CB  1 
ATOM   1129 C  CG  . GLU A 1 146 ? 8.528   1.441   -17.012 1.00 64.37 ? 141  GLU A CG  1 
ATOM   1130 C  CD  . GLU A 1 146 ? 8.260   2.341   -15.843 1.00 67.80 ? 141  GLU A CD  1 
ATOM   1131 O  OE1 . GLU A 1 146 ? 9.247   2.931   -15.337 1.00 71.11 ? 141  GLU A OE1 1 
ATOM   1132 O  OE2 . GLU A 1 146 ? 7.076   2.459   -15.423 1.00 70.38 ? 141  GLU A OE2 1 
ATOM   1133 N  N   . ASP A 1 147 ? 10.967  -2.144  -15.350 1.00 60.99 ? 142  ASP A N   1 
ATOM   1134 C  CA  . ASP A 1 147 ? 11.688  -3.374  -15.550 1.00 60.99 ? 142  ASP A CA  1 
ATOM   1135 C  C   . ASP A 1 147 ? 11.483  -4.217  -14.320 1.00 59.87 ? 142  ASP A C   1 
ATOM   1136 O  O   . ASP A 1 147 ? 10.745  -5.188  -14.372 1.00 60.39 ? 142  ASP A O   1 
ATOM   1137 C  CB  . ASP A 1 147 ? 13.170  -3.109  -15.837 1.00 61.28 ? 142  ASP A CB  1 
ATOM   1138 C  CG  . ASP A 1 147 ? 13.390  -2.563  -17.221 1.00 62.78 ? 142  ASP A CG  1 
ATOM   1139 O  OD1 . ASP A 1 147 ? 13.800  -1.379  -17.336 1.00 63.36 ? 142  ASP A OD1 1 
ATOM   1140 O  OD2 . ASP A 1 147 ? 13.149  -3.327  -18.195 1.00 65.52 ? 142  ASP A OD2 1 
ATOM   1141 N  N   . GLY A 1 148 ? 12.095  -3.809  -13.212 1.00 59.09 ? 143  GLY A N   1 
ATOM   1142 C  CA  . GLY A 1 148 ? 11.971  -4.505  -11.932 1.00 58.09 ? 143  GLY A CA  1 
ATOM   1143 C  C   . GLY A 1 148 ? 10.578  -5.054  -11.677 1.00 57.56 ? 143  GLY A C   1 
ATOM   1144 O  O   . GLY A 1 148 ? 10.351  -6.251  -11.815 1.00 56.45 ? 143  GLY A O   1 
ATOM   1145 N  N   . PHE A 1 149 ? 9.650   -4.155  -11.340 1.00 57.03 ? 144  PHE A N   1 
ATOM   1146 C  CA  . PHE A 1 149 ? 8.305   -4.514  -10.869 1.00 56.15 ? 144  PHE A CA  1 
ATOM   1147 C  C   . PHE A 1 149 ? 7.503   -5.338  -11.863 1.00 56.07 ? 144  PHE A C   1 
ATOM   1148 O  O   . PHE A 1 149 ? 6.999   -6.408  -11.495 1.00 55.76 ? 144  PHE A O   1 
ATOM   1149 C  CB  . PHE A 1 149 ? 7.518   -3.249  -10.506 1.00 55.97 ? 144  PHE A CB  1 
ATOM   1150 C  CG  . PHE A 1 149 ? 6.120   -3.519  -10.009 1.00 54.44 ? 144  PHE A CG  1 
ATOM   1151 C  CD1 . PHE A 1 149 ? 5.010   -3.218  -10.794 1.00 55.05 ? 144  PHE A CD1 1 
ATOM   1152 C  CD2 . PHE A 1 149 ? 5.915   -4.078  -8.769  1.00 54.55 ? 144  PHE A CD2 1 
ATOM   1153 C  CE1 . PHE A 1 149 ? 3.707   -3.467  -10.331 1.00 55.14 ? 144  PHE A CE1 1 
ATOM   1154 C  CE2 . PHE A 1 149 ? 4.619   -4.326  -8.295  1.00 56.11 ? 144  PHE A CE2 1 
ATOM   1155 C  CZ  . PHE A 1 149 ? 3.513   -4.027  -9.080  1.00 54.74 ? 144  PHE A CZ  1 
ATOM   1156 N  N   . ILE A 1 150 ? 7.402   -4.851  -13.109 1.00 55.78 ? 145  ILE A N   1 
ATOM   1157 C  CA  . ILE A 1 150 ? 6.623   -5.526  -14.176 1.00 56.10 ? 145  ILE A CA  1 
ATOM   1158 C  C   . ILE A 1 150 ? 7.170   -6.902  -14.586 1.00 56.45 ? 145  ILE A C   1 
ATOM   1159 O  O   . ILE A 1 150 ? 6.389   -7.834  -14.824 1.00 55.81 ? 145  ILE A O   1 
ATOM   1160 C  CB  . ILE A 1 150 ? 6.521   -4.644  -15.459 1.00 56.42 ? 145  ILE A CB  1 
ATOM   1161 C  CG1 . ILE A 1 150 ? 5.593   -3.447  -15.224 1.00 56.99 ? 145  ILE A CG1 1 
ATOM   1162 C  CG2 . ILE A 1 150 ? 6.033   -5.452  -16.672 1.00 56.41 ? 145  ILE A CG2 1 
ATOM   1163 C  CD1 . ILE A 1 150 ? 5.705   -2.371  -16.307 1.00 56.63 ? 145  ILE A CD1 1 
ATOM   1164 N  N   . LYS A 1 151 ? 8.493   -7.020  -14.724 1.00 56.54 ? 146  LYS A N   1 
ATOM   1165 C  CA  . LYS A 1 151 ? 9.096   -8.315  -15.058 1.00 56.85 ? 146  LYS A CA  1 
ATOM   1166 C  C   . LYS A 1 151 ? 8.971   -9.300  -13.900 1.00 56.66 ? 146  LYS A C   1 
ATOM   1167 O  O   . LYS A 1 151 ? 8.794   -10.477 -14.114 1.00 56.67 ? 146  LYS A O   1 
ATOM   1168 C  CB  . LYS A 1 151 ? 10.558  -8.169  -15.508 1.00 57.23 ? 146  LYS A CB  1 
ATOM   1169 C  CG  . LYS A 1 151 ? 10.717  -7.989  -17.045 1.00 57.80 ? 146  LYS A CG  1 
ATOM   1170 C  CD  . LYS A 1 151 ? 9.974   -6.741  -17.567 1.00 58.42 ? 146  LYS A CD  1 
ATOM   1171 C  CE  . LYS A 1 151 ? 9.858   -6.737  -19.082 1.00 58.77 ? 146  LYS A CE  1 
ATOM   1172 N  NZ  . LYS A 1 151 ? 11.186  -6.769  -19.741 1.00 58.40 ? 146  LYS A NZ  1 
ATOM   1173 N  N   . LYS A 1 152 ? 9.032   -8.804  -12.671 1.00 56.99 ? 147  LYS A N   1 
ATOM   1174 C  CA  . LYS A 1 152 ? 8.776   -9.636  -11.497 1.00 57.09 ? 147  LYS A CA  1 
ATOM   1175 C  C   . LYS A 1 152 ? 7.363   -10.239 -11.483 1.00 57.10 ? 147  LYS A C   1 
ATOM   1176 O  O   . LYS A 1 152 ? 7.219   -11.412 -11.189 1.00 57.22 ? 147  LYS A O   1 
ATOM   1177 C  CB  . LYS A 1 152 ? 9.020   -8.820  -10.224 1.00 56.54 ? 147  LYS A CB  1 
ATOM   1178 C  CG  . LYS A 1 152 ? 8.710   -9.523  -8.907  1.00 56.48 ? 147  LYS A CG  1 
ATOM   1179 C  CD  . LYS A 1 152 ? 9.600   -10.733 -8.704  1.00 56.51 ? 147  LYS A CD  1 
ATOM   1180 C  CE  . LYS A 1 152 ? 9.461   -11.299 -7.310  1.00 55.88 ? 147  LYS A CE  1 
ATOM   1181 N  NZ  . LYS A 1 152 ? 10.101  -12.663 -7.252  1.00 57.21 ? 147  LYS A NZ  1 
ATOM   1182 N  N   . PHE A 1 153 ? 6.339   -9.438  -11.787 1.00 57.67 ? 148  PHE A N   1 
ATOM   1183 C  CA  . PHE A 1 153 ? 4.932   -9.854  -11.666 1.00 58.39 ? 148  PHE A CA  1 
ATOM   1184 C  C   . PHE A 1 153 ? 4.226   -10.006 -13.019 1.00 59.76 ? 148  PHE A C   1 
ATOM   1185 O  O   . PHE A 1 153 ? 2.998   -9.962  -13.082 1.00 60.26 ? 148  PHE A O   1 
ATOM   1186 C  CB  . PHE A 1 153 ? 4.153   -8.860  -10.780 1.00 58.06 ? 148  PHE A CB  1 
ATOM   1187 C  CG  . PHE A 1 153 ? 4.551   -8.905  -9.330  1.00 57.47 ? 148  PHE A CG  1 
ATOM   1188 C  CD1 . PHE A 1 153 ? 4.357   -10.060 -8.587  1.00 56.94 ? 148  PHE A CD1 1 
ATOM   1189 C  CD2 . PHE A 1 153 ? 5.118   -7.800  -8.710  1.00 57.02 ? 148  PHE A CD2 1 
ATOM   1190 C  CE1 . PHE A 1 153 ? 4.734   -10.120 -7.263  1.00 56.75 ? 148  PHE A CE1 1 
ATOM   1191 C  CE2 . PHE A 1 153 ? 5.495   -7.851  -7.380  1.00 56.90 ? 148  PHE A CE2 1 
ATOM   1192 C  CZ  . PHE A 1 153 ? 5.306   -9.026  -6.657  1.00 56.48 ? 148  PHE A CZ  1 
ATOM   1193 N  N   . GLU A 1 154 ? 5.002   -10.236 -14.077 1.00 60.98 ? 149  GLU A N   1 
ATOM   1194 C  CA  . GLU A 1 154 ? 4.523   -10.265 -15.481 1.00 61.93 ? 149  GLU A CA  1 
ATOM   1195 C  C   . GLU A 1 154 ? 3.718   -9.013  -15.877 1.00 62.26 ? 149  GLU A C   1 
ATOM   1196 O  O   . GLU A 1 154 ? 3.685   -8.633  -17.051 1.00 62.50 ? 149  GLU A O   1 
ATOM   1197 C  CB  . GLU A 1 154 ? 3.734   -11.547 -15.806 1.00 62.23 ? 149  GLU A CB  1 
ATOM   1198 C  CG  . GLU A 1 154 ? 2.292   -11.580 -15.270 1.00 63.22 ? 149  GLU A CG  1 
ATOM   1199 C  CD  . GLU A 1 154 ? 1.308   -12.266 -16.204 1.00 64.54 ? 149  GLU A CD  1 
ATOM   1200 O  OE1 . GLU A 1 154 ? 1.695   -13.231 -16.907 1.00 64.67 ? 149  GLU A OE1 1 
ATOM   1201 O  OE2 . GLU A 1 154 ? 0.133   -11.827 -16.219 1.00 65.42 ? 149  GLU A OE2 1 
ATOM   1202 N  N   . SER B 2 3   ? -6.268  -5.818  22.359  1.00 42.20 ? 78   SER B N   1 
ATOM   1203 C  CA  . SER B 2 3   ? -4.854  -5.350  22.498  1.00 42.32 ? 78   SER B CA  1 
ATOM   1204 C  C   . SER B 2 3   ? -4.349  -4.742  21.193  1.00 42.63 ? 78   SER B C   1 
ATOM   1205 O  O   . SER B 2 3   ? -4.135  -5.463  20.222  1.00 42.80 ? 78   SER B O   1 
ATOM   1206 C  CB  . SER B 2 3   ? -3.945  -6.513  22.899  1.00 42.28 ? 78   SER B CB  1 
ATOM   1207 O  OG  . SER B 2 3   ? -2.585  -6.120  22.884  1.00 41.97 ? 78   SER B OG  1 
ATOM   1208 N  N   . GLN B 2 4   ? -4.150  -3.425  21.174  1.00 42.88 ? 79   GLN B N   1 
ATOM   1209 C  CA  . GLN B 2 4   ? -3.697  -2.727  19.962  1.00 42.98 ? 79   GLN B CA  1 
ATOM   1210 C  C   . GLN B 2 4   ? -2.327  -3.218  19.494  1.00 43.20 ? 79   GLN B C   1 
ATOM   1211 O  O   . GLN B 2 4   ? -2.101  -3.379  18.292  1.00 43.05 ? 79   GLN B O   1 
ATOM   1212 C  CB  . GLN B 2 4   ? -3.657  -1.213  20.185  1.00 43.02 ? 79   GLN B CB  1 
ATOM   1213 N  N   . GLU B 2 5   ? -1.420  -3.456  20.444  1.00 43.29 ? 80   GLU B N   1 
ATOM   1214 C  CA  . GLU B 2 5   ? -0.130  -4.073  20.148  1.00 43.58 ? 80   GLU B CA  1 
ATOM   1215 C  C   . GLU B 2 5   ? -0.357  -5.364  19.376  1.00 43.80 ? 80   GLU B C   1 
ATOM   1216 O  O   . GLU B 2 5   ? 0.104   -5.512  18.240  1.00 43.56 ? 80   GLU B O   1 
ATOM   1217 C  CB  . GLU B 2 5   ? 0.640   -4.401  21.434  1.00 43.70 ? 80   GLU B CB  1 
ATOM   1218 C  CG  . GLU B 2 5   ? 1.155   -3.201  22.215  1.00 43.68 ? 80   GLU B CG  1 
ATOM   1219 C  CD  . GLU B 2 5   ? 2.302   -3.565  23.155  1.00 43.91 ? 80   GLU B CD  1 
ATOM   1220 O  OE1 . GLU B 2 5   ? 3.258   -4.226  22.691  1.00 44.65 ? 80   GLU B OE1 1 
ATOM   1221 O  OE2 . GLU B 2 5   ? 2.254   -3.187  24.349  1.00 43.08 ? 80   GLU B OE2 1 
ATOM   1222 N  N   . GLU B 2 6   ? -1.097  -6.281  20.001  1.00 44.08 ? 81   GLU B N   1 
ATOM   1223 C  CA  . GLU B 2 6   ? -1.378  -7.600  19.431  1.00 44.36 ? 81   GLU B CA  1 
ATOM   1224 C  C   . GLU B 2 6   ? -1.943  -7.499  18.010  1.00 44.50 ? 81   GLU B C   1 
ATOM   1225 O  O   . GLU B 2 6   ? -1.550  -8.267  17.134  1.00 44.32 ? 81   GLU B O   1 
ATOM   1226 C  CB  . GLU B 2 6   ? -2.341  -8.389  20.331  1.00 44.21 ? 81   GLU B CB  1 
ATOM   1227 N  N   . ILE B 2 7   ? -2.851  -6.546  17.795  1.00 44.93 ? 82   ILE B N   1 
ATOM   1228 C  CA  . ILE B 2 7   ? -3.435  -6.305  16.467  1.00 45.31 ? 82   ILE B CA  1 
ATOM   1229 C  C   . ILE B 2 7   ? -2.359  -5.882  15.477  1.00 45.46 ? 82   ILE B C   1 
ATOM   1230 O  O   . ILE B 2 7   ? -2.089  -6.593  14.515  1.00 45.32 ? 82   ILE B O   1 
ATOM   1231 C  CB  . ILE B 2 7   ? -4.535  -5.214  16.502  1.00 45.36 ? 82   ILE B CB  1 
ATOM   1232 C  CG1 . ILE B 2 7   ? -5.727  -5.666  17.354  1.00 45.92 ? 82   ILE B CG1 1 
ATOM   1233 C  CG2 . ILE B 2 7   ? -5.000  -4.853  15.084  1.00 45.63 ? 82   ILE B CG2 1 
ATOM   1234 C  CD1 . ILE B 2 7   ? -6.379  -6.954  16.890  1.00 46.54 ? 82   ILE B CD1 1 
ATOM   1235 N  N   . ILE B 2 8   ? -1.728  -4.740  15.728  1.00 45.94 ? 83   ILE B N   1 
ATOM   1236 C  CA  . ILE B 2 8   ? -0.785  -4.193  14.765  1.00 46.52 ? 83   ILE B CA  1 
ATOM   1237 C  C   . ILE B 2 8   ? 0.465   -5.072  14.616  1.00 47.28 ? 83   ILE B C   1 
ATOM   1238 O  O   . ILE B 2 8   ? 1.152   -4.990  13.592  1.00 47.46 ? 83   ILE B O   1 
ATOM   1239 C  CB  . ILE B 2 8   ? -0.421  -2.691  15.035  1.00 46.64 ? 83   ILE B CB  1 
ATOM   1240 C  CG1 . ILE B 2 8   ? 0.704   -2.537  16.065  1.00 46.67 ? 83   ILE B CG1 1 
ATOM   1241 C  CG2 . ILE B 2 8   ? -1.666  -1.862  15.392  1.00 46.08 ? 83   ILE B CG2 1 
ATOM   1242 C  CD1 . ILE B 2 8   ? 2.030   -2.108  15.431  1.00 46.66 ? 83   ILE B CD1 1 
ATOM   1243 N  N   . HIS B 2 9   ? 0.741   -5.910  15.622  1.00 47.78 ? 84   HIS B N   1 
ATOM   1244 C  CA  . HIS B 2 9   ? 1.776   -6.939  15.530  1.00 48.23 ? 84   HIS B CA  1 
ATOM   1245 C  C   . HIS B 2 9   ? 1.369   -8.039  14.555  1.00 48.57 ? 84   HIS B C   1 
ATOM   1246 O  O   . HIS B 2 9   ? 2.141   -8.399  13.655  1.00 48.98 ? 84   HIS B O   1 
ATOM   1247 C  CB  . HIS B 2 9   ? 2.053   -7.578  16.904  1.00 48.38 ? 84   HIS B CB  1 
ATOM   1248 C  CG  . HIS B 2 9   ? 3.021   -8.724  16.851  1.00 48.95 ? 84   HIS B CG  1 
ATOM   1249 N  ND1 . HIS B 2 9   ? 4.282   -8.662  17.408  1.00 50.03 ? 84   HIS B ND1 1 
ATOM   1250 C  CD2 . HIS B 2 9   ? 2.920   -9.957  16.294  1.00 49.28 ? 84   HIS B CD2 1 
ATOM   1251 C  CE1 . HIS B 2 9   ? 4.911   -9.806  17.202  1.00 49.73 ? 84   HIS B CE1 1 
ATOM   1252 N  NE2 . HIS B 2 9   ? 4.109   -10.607 16.523  1.00 49.16 ? 84   HIS B NE2 1 
ATOM   1253 N  N   . ASN B 2 10  ? 0.176   -8.594  14.766  1.00 48.57 ? 85   ASN B N   1 
ATOM   1254 C  CA  . ASN B 2 10  ? -0.315  -9.700  13.941  1.00 48.79 ? 85   ASN B CA  1 
ATOM   1255 C  C   . ASN B 2 10  ? -0.602  -9.300  12.496  1.00 48.88 ? 85   ASN B C   1 
ATOM   1256 O  O   . ASN B 2 10  ? -0.555  -10.148 11.612  1.00 48.91 ? 85   ASN B O   1 
ATOM   1257 C  CB  . ASN B 2 10  ? -1.571  -10.334 14.545  1.00 48.48 ? 85   ASN B CB  1 
ATOM   1258 C  CG  . ASN B 2 10  ? -1.270  -11.205 15.755  1.00 48.95 ? 85   ASN B CG  1 
ATOM   1259 O  OD1 . ASN B 2 10  ? -0.437  -12.112 15.701  1.00 49.33 ? 85   ASN B OD1 1 
ATOM   1260 N  ND2 . ASN B 2 10  ? -1.965  -10.942 16.851  1.00 47.29 ? 85   ASN B ND2 1 
ATOM   1261 N  N   . ILE B 2 11  ? -0.924  -8.028  12.261  1.00 49.47 ? 86   ILE B N   1 
ATOM   1262 C  CA  . ILE B 2 11  ? -1.150  -7.525  10.890  1.00 49.70 ? 86   ILE B CA  1 
ATOM   1263 C  C   . ILE B 2 11  ? 0.193   -7.387  10.176  1.00 49.88 ? 86   ILE B C   1 
ATOM   1264 O  O   . ILE B 2 11  ? 0.399   -7.964  9.112   1.00 49.96 ? 86   ILE B O   1 
ATOM   1265 C  CB  . ILE B 2 11  ? -1.910  -6.178  10.891  1.00 49.91 ? 86   ILE B CB  1 
ATOM   1266 C  CG1 . ILE B 2 11  ? -3.328  -6.384  11.444  1.00 49.68 ? 86   ILE B CG1 1 
ATOM   1267 C  CG2 . ILE B 2 11  ? -1.987  -5.585  9.470   1.00 50.81 ? 86   ILE B CG2 1 
ATOM   1268 C  CD1 . ILE B 2 11  ? -4.163  -5.139  11.491  1.00 49.57 ? 86   ILE B CD1 1 
ATOM   1269 N  N   . ALA B 2 12  ? 1.099   -6.632  10.790  1.00 50.31 ? 87   ALA B N   1 
ATOM   1270 C  CA  . ALA B 2 12  ? 2.476   -6.490  10.337  1.00 50.83 ? 87   ALA B CA  1 
ATOM   1271 C  C   . ALA B 2 12  ? 3.123   -7.811  9.918   1.00 51.45 ? 87   ALA B C   1 
ATOM   1272 O  O   . ALA B 2 12  ? 3.708   -7.902  8.840   1.00 51.23 ? 87   ALA B O   1 
ATOM   1273 C  CB  . ALA B 2 12  ? 3.313   -5.824  11.425  1.00 50.86 ? 87   ALA B CB  1 
ATOM   1274 N  N   . ARG B 2 13  ? 3.019   -8.821  10.778  1.00 52.27 ? 88   ARG B N   1 
ATOM   1275 C  CA  . ARG B 2 13  ? 3.625   -10.139 10.534  1.00 52.78 ? 88   ARG B CA  1 
ATOM   1276 C  C   . ARG B 2 13  ? 2.939   -10.885 9.375   1.00 53.39 ? 88   ARG B C   1 
ATOM   1277 O  O   . ARG B 2 13  ? 3.615   -11.481 8.525   1.00 54.56 ? 88   ARG B O   1 
ATOM   1278 C  CB  . ARG B 2 13  ? 3.614   -10.992 11.815  1.00 52.57 ? 88   ARG B CB  1 
ATOM   1279 N  N   . HIS B 2 14  ? 1.609   -10.842 9.328   1.00 53.09 ? 89   HIS B N   1 
ATOM   1280 C  CA  . HIS B 2 14  ? 0.859   -11.420 8.208   1.00 53.23 ? 89   HIS B CA  1 
ATOM   1281 C  C   . HIS B 2 14  ? 1.230   -10.744 6.870   1.00 53.03 ? 89   HIS B C   1 
ATOM   1282 O  O   . HIS B 2 14  ? 1.384   -11.419 5.848   1.00 53.25 ? 89   HIS B O   1 
ATOM   1283 C  CB  . HIS B 2 14  ? -0.649  -11.301 8.467   1.00 53.17 ? 89   HIS B CB  1 
ATOM   1284 C  CG  . HIS B 2 14  ? -1.508  -11.767 7.327   1.00 53.74 ? 89   HIS B CG  1 
ATOM   1285 N  ND1 . HIS B 2 14  ? -2.084  -13.019 7.292   1.00 54.03 ? 89   HIS B ND1 1 
ATOM   1286 C  CD2 . HIS B 2 14  ? -1.909  -11.138 6.198   1.00 53.91 ? 89   HIS B CD2 1 
ATOM   1287 C  CE1 . HIS B 2 14  ? -2.791  -13.146 6.183   1.00 53.83 ? 89   HIS B CE1 1 
ATOM   1288 N  NE2 . HIS B 2 14  ? -2.704  -12.017 5.503   1.00 53.64 ? 89   HIS B NE2 1 
ATOM   1289 N  N   . LEU B 2 15  ? 1.367   -9.421  6.885   1.00 52.75 ? 90   LEU B N   1 
ATOM   1290 C  CA  . LEU B 2 15  ? 1.736   -8.670  5.681   1.00 52.64 ? 90   LEU B CA  1 
ATOM   1291 C  C   . LEU B 2 15  ? 3.140   -8.996  5.187   1.00 52.97 ? 90   LEU B C   1 
ATOM   1292 O  O   . LEU B 2 15  ? 3.352   -9.168  4.000   1.00 53.69 ? 90   LEU B O   1 
ATOM   1293 C  CB  . LEU B 2 15  ? 1.620   -7.155  5.913   1.00 52.63 ? 90   LEU B CB  1 
ATOM   1294 C  CG  . LEU B 2 15  ? 0.238   -6.530  6.122   1.00 50.04 ? 90   LEU B CG  1 
ATOM   1295 C  CD1 . LEU B 2 15  ? 0.403   -5.038  6.323   1.00 47.96 ? 90   LEU B CD1 1 
ATOM   1296 C  CD2 . LEU B 2 15  ? -0.740  -6.821  4.956   1.00 50.69 ? 90   LEU B CD2 1 
ATOM   1297 N  N   . ALA B 2 16  ? 4.099   -9.070  6.101   1.00 53.60 ? 91   ALA B N   1 
ATOM   1298 C  CA  . ALA B 2 16  ? 5.478   -9.511  5.773   1.00 53.81 ? 91   ALA B CA  1 
ATOM   1299 C  C   . ALA B 2 16  ? 5.449   -10.934 5.224   1.00 53.47 ? 91   ALA B C   1 
ATOM   1300 O  O   . ALA B 2 16  ? 6.089   -11.221 4.231   1.00 53.73 ? 91   ALA B O   1 
ATOM   1301 C  CB  . ALA B 2 16  ? 6.393   -9.446  7.021   1.00 52.94 ? 91   ALA B CB  1 
ATOM   1302 N  N   . GLN B 2 17  ? 4.682   -11.802 5.875   1.00 53.32 ? 92   GLN B N   1 
ATOM   1303 C  CA  . GLN B 2 17  ? 4.511   -13.187 5.420   1.00 53.14 ? 92   GLN B CA  1 
ATOM   1304 C  C   . GLN B 2 17  ? 3.899   -13.262 4.011   1.00 53.12 ? 92   GLN B C   1 
ATOM   1305 O  O   . GLN B 2 17  ? 4.405   -13.996 3.156   1.00 52.15 ? 92   GLN B O   1 
ATOM   1306 C  CB  . GLN B 2 17  ? 3.639   -13.975 6.411   1.00 52.86 ? 92   GLN B CB  1 
ATOM   1307 C  CG  . GLN B 2 17  ? 4.179   -15.358 6.738   1.00 53.34 ? 92   GLN B CG  1 
ATOM   1308 C  CD  . GLN B 2 17  ? 3.632   -15.912 8.037   1.00 53.22 ? 92   GLN B CD  1 
ATOM   1309 O  OE1 . GLN B 2 17  ? 4.262   -16.767 8.676   1.00 54.10 ? 92   GLN B OE1 1 
ATOM   1310 N  NE2 . GLN B 2 17  ? 2.458   -15.430 8.442   1.00 52.16 ? 92   GLN B NE2 1 
ATOM   1311 N  N   . ILE B 2 18  ? 2.815   -12.513 3.776   1.00 53.59 ? 93   ILE B N   1 
ATOM   1312 C  CA  . ILE B 2 18  ? 2.152   -12.520 2.452   1.00 53.99 ? 93   ILE B CA  1 
ATOM   1313 C  C   . ILE B 2 18  ? 3.012   -11.835 1.392   1.00 53.52 ? 93   ILE B C   1 
ATOM   1314 O  O   . ILE B 2 18  ? 3.059   -12.285 0.255   1.00 53.44 ? 93   ILE B O   1 
ATOM   1315 C  CB  . ILE B 2 18  ? 0.699   -11.940 2.471   1.00 54.22 ? 93   ILE B CB  1 
ATOM   1316 C  CG1 . ILE B 2 18  ? -0.125  -12.519 1.315   1.00 54.96 ? 93   ILE B CG1 1 
ATOM   1317 C  CG2 . ILE B 2 18  ? 0.673   -10.423 2.383   1.00 54.87 ? 93   ILE B CG2 1 
ATOM   1318 C  CD1 . ILE B 2 18  ? -0.892  -13.802 1.664   1.00 55.23 ? 93   ILE B CD1 1 
ATOM   1319 N  N   . GLY B 2 19  ? 3.712   -10.767 1.766   1.00 54.05 ? 94   GLY B N   1 
ATOM   1320 C  CA  . GLY B 2 19  ? 4.669   -10.122 0.854   1.00 53.19 ? 94   GLY B CA  1 
ATOM   1321 C  C   . GLY B 2 19  ? 5.798   -11.059 0.457   1.00 53.30 ? 94   GLY B C   1 
ATOM   1322 O  O   . GLY B 2 19  ? 6.128   -11.167 -0.723  1.00 53.53 ? 94   GLY B O   1 
ATOM   1323 N  N   . ASP B 2 20  ? 6.385   -11.752 1.438   1.00 53.37 ? 95   ASP B N   1 
ATOM   1324 C  CA  . ASP B 2 20  ? 7.484   -12.706 1.178   1.00 53.40 ? 95   ASP B CA  1 
ATOM   1325 C  C   . ASP B 2 20  ? 7.034   -13.914 0.337   1.00 53.38 ? 95   ASP B C   1 
ATOM   1326 O  O   . ASP B 2 20  ? 7.778   -14.418 -0.508  1.00 53.57 ? 95   ASP B O   1 
ATOM   1327 C  CB  . ASP B 2 20  ? 8.107   -13.203 2.489   1.00 52.98 ? 95   ASP B CB  1 
ATOM   1328 C  CG  . ASP B 2 20  ? 8.942   -12.143 3.197   1.00 53.65 ? 95   ASP B CG  1 
ATOM   1329 O  OD1 . ASP B 2 20  ? 9.336   -11.135 2.571   1.00 52.02 ? 95   ASP B OD1 1 
ATOM   1330 O  OD2 . ASP B 2 20  ? 9.211   -12.330 4.402   1.00 54.40 ? 95   ASP B OD2 1 
ATOM   1331 N  N   . GLU B 2 21  ? 5.829   -14.383 0.598   1.00 53.49 ? 96   GLU B N   1 
ATOM   1332 C  CA  . GLU B 2 21  ? 5.188   -15.413 -0.229  1.00 54.02 ? 96   GLU B CA  1 
ATOM   1333 C  C   . GLU B 2 21  ? 5.013   -14.948 -1.677  1.00 54.00 ? 96   GLU B C   1 
ATOM   1334 O  O   . GLU B 2 21  ? 5.384   -15.644 -2.615  1.00 53.63 ? 96   GLU B O   1 
ATOM   1335 C  CB  . GLU B 2 21  ? 3.827   -15.748 0.356   1.00 53.28 ? 96   GLU B CB  1 
ATOM   1336 C  CG  . GLU B 2 21  ? 3.919   -16.645 1.567   1.00 55.85 ? 96   GLU B CG  1 
ATOM   1337 C  CD  . GLU B 2 21  ? 2.603   -16.771 2.300   1.00 56.03 ? 96   GLU B CD  1 
ATOM   1338 O  OE1 . GLU B 2 21  ? 2.623   -17.210 3.484   1.00 58.22 ? 96   GLU B OE1 1 
ATOM   1339 O  OE2 . GLU B 2 21  ? 1.550   -16.418 1.702   1.00 56.93 ? 96   GLU B OE2 1 
ATOM   1340 N  N   . MET B 2 22  ? 4.433   -13.764 -1.835  1.00 54.52 ? 97   MET B N   1 
ATOM   1341 C  CA  . MET B 2 22  ? 4.278   -13.132 -3.150  1.00 55.37 ? 97   MET B CA  1 
ATOM   1342 C  C   . MET B 2 22  ? 5.595   -13.094 -3.918  1.00 55.16 ? 97   MET B C   1 
ATOM   1343 O  O   . MET B 2 22  ? 5.662   -13.448 -5.095  1.00 54.77 ? 97   MET B O   1 
ATOM   1344 C  CB  . MET B 2 22  ? 3.783   -11.692 -2.991  1.00 55.38 ? 97   MET B CB  1 
ATOM   1345 C  CG  . MET B 2 22  ? 2.305   -11.516 -3.138  1.00 55.58 ? 97   MET B CG  1 
ATOM   1346 S  SD  . MET B 2 22  ? 2.063   -10.103 -4.189  1.00 56.62 ? 97   MET B SD  1 
ATOM   1347 C  CE  . MET B 2 22  ? 0.311   -10.210 -4.538  1.00 56.62 ? 97   MET B CE  1 
ATOM   1348 N  N   . ASP B 2 23  ? 6.639   -12.667 -3.214  1.00 55.58 ? 98   ASP B N   1 
ATOM   1349 C  CA  . ASP B 2 23  ? 7.966   -12.491 -3.793  1.00 55.62 ? 98   ASP B CA  1 
ATOM   1350 C  C   . ASP B 2 23  ? 8.596   -13.793 -4.306  1.00 55.90 ? 98   ASP B C   1 
ATOM   1351 O  O   . ASP B 2 23  ? 9.435   -13.769 -5.201  1.00 55.83 ? 98   ASP B O   1 
ATOM   1352 C  CB  . ASP B 2 23  ? 8.892   -11.857 -2.756  1.00 55.52 ? 98   ASP B CB  1 
ATOM   1353 C  CG  . ASP B 2 23  ? 10.165  -11.351 -3.359  1.00 55.09 ? 98   ASP B CG  1 
ATOM   1354 O  OD1 . ASP B 2 23  ? 10.070  -10.441 -4.207  1.00 54.59 ? 98   ASP B OD1 1 
ATOM   1355 O  OD2 . ASP B 2 23  ? 11.248  -11.857 -2.999  1.00 53.80 ? 98   ASP B OD2 1 
ATOM   1356 N  N   . HIS B 2 24  ? 8.199   -14.925 -3.736  1.00 56.51 ? 99   HIS B N   1 
ATOM   1357 C  CA  . HIS B 2 24  ? 8.747   -16.233 -4.125  1.00 56.83 ? 99   HIS B CA  1 
ATOM   1358 C  C   . HIS B 2 24  ? 7.780   -17.090 -4.934  1.00 57.15 ? 99   HIS B C   1 
ATOM   1359 O  O   . HIS B 2 24  ? 8.118   -18.203 -5.310  1.00 56.55 ? 99   HIS B O   1 
ATOM   1360 C  CB  . HIS B 2 24  ? 9.167   -16.996 -2.877  1.00 56.94 ? 99   HIS B CB  1 
ATOM   1361 C  CG  . HIS B 2 24  ? 10.361  -16.413 -2.201  1.00 56.62 ? 99   HIS B CG  1 
ATOM   1362 N  ND1 . HIS B 2 24  ? 10.303  -15.252 -1.461  1.00 57.57 ? 99   HIS B ND1 1 
ATOM   1363 C  CD2 . HIS B 2 24  ? 11.648  -16.826 -2.157  1.00 56.44 ? 99   HIS B CD2 1 
ATOM   1364 C  CE1 . HIS B 2 24  ? 11.505  -14.975 -0.988  1.00 57.22 ? 99   HIS B CE1 1 
ATOM   1365 N  NE2 . HIS B 2 24  ? 12.338  -15.918 -1.393  1.00 56.99 ? 99   HIS B NE2 1 
ATOM   1366 N  N   . ASN B 2 25  ? 6.590   -16.567 -5.215  1.00 57.69 ? 100  ASN B N   1 
ATOM   1367 C  CA  . ASN B 2 25  ? 5.573   -17.327 -5.938  1.00 58.26 ? 100  ASN B CA  1 
ATOM   1368 C  C   . ASN B 2 25  ? 6.076   -17.787 -7.317  1.00 58.52 ? 100  ASN B C   1 
ATOM   1369 O  O   . ASN B 2 25  ? 6.951   -17.155 -7.909  1.00 58.85 ? 100  ASN B O   1 
ATOM   1370 C  CB  . ASN B 2 25  ? 4.298   -16.489 -6.083  1.00 58.39 ? 100  ASN B CB  1 
ATOM   1371 C  CG  . ASN B 2 25  ? 3.166   -17.254 -6.738  1.00 58.91 ? 100  ASN B CG  1 
ATOM   1372 O  OD1 . ASN B 2 25  ? 2.714   -16.903 -7.832  1.00 60.29 ? 100  ASN B OD1 1 
ATOM   1373 N  ND2 . ASN B 2 25  ? 2.719   -18.325 -6.087  1.00 59.69 ? 100  ASN B ND2 1 
ATOM   1374 N  N   . ILE B 2 26  ? 5.522   -18.891 -7.810  1.00 58.74 ? 101  ILE B N   1 
ATOM   1375 C  CA  . ILE B 2 26  ? 5.918   -19.469 -9.093  1.00 58.95 ? 101  ILE B CA  1 
ATOM   1376 C  C   . ILE B 2 26  ? 4.674   -19.958 -9.836  1.00 58.99 ? 101  ILE B C   1 
ATOM   1377 O  O   . ILE B 2 26  ? 4.549   -19.785 -11.051 1.00 59.04 ? 101  ILE B O   1 
ATOM   1378 C  CB  . ILE B 2 26  ? 6.936   -20.635 -8.893  1.00 59.08 ? 101  ILE B CB  1 
ATOM   1379 C  CG1 . ILE B 2 26  ? 7.113   -21.445 -10.187 1.00 59.07 ? 101  ILE B CG1 1 
ATOM   1380 C  CG2 . ILE B 2 26  ? 6.507   -21.550 -7.724  1.00 59.13 ? 101  ILE B CG2 1 
ATOM   1381 C  CD1 . ILE B 2 26  ? 8.040   -22.640 -10.048 1.00 59.10 ? 101  ILE B CD1 1 
HETATM 1382 CL CL  . CL  C 3 .   ? 3.617   14.004  -6.555  0.50 44.99 ? 1150 CL  A CL  1 
HETATM 1383 O  O   . HOH D 4 .   ? 2.720   12.309  -8.889  1.00 43.88 ? 2001 HOH A O   1 
HETATM 1384 O  O   . HOH D 4 .   ? 4.483   11.222  -11.836 1.00 64.97 ? 2002 HOH A O   1 
HETATM 1385 O  O   . HOH D 4 .   ? 1.420   6.007   -12.299 1.00 57.84 ? 2003 HOH A O   1 
HETATM 1386 O  O   . HOH D 4 .   ? -11.438 -4.966  -10.868 1.00 51.17 ? 2004 HOH A O   1 
HETATM 1387 O  O   . HOH D 4 .   ? -8.073  -7.026  -9.883  1.00 65.58 ? 2005 HOH A O   1 
HETATM 1388 O  O   . HOH D 4 .   ? -0.691  6.296   -15.483 1.00 74.23 ? 2006 HOH A O   1 
HETATM 1389 O  O   . HOH D 4 .   ? 3.233   4.298   -14.627 1.00 55.79 ? 2007 HOH A O   1 
HETATM 1390 O  O   . HOH D 4 .   ? 4.385   1.341   -16.913 1.00 56.96 ? 2008 HOH A O   1 
HETATM 1391 O  O   . HOH D 4 .   ? -10.678 -2.293  4.633   1.00 52.41 ? 2009 HOH A O   1 
HETATM 1392 O  O   . HOH D 4 .   ? 10.912  5.676   -10.521 1.00 49.46 ? 2010 HOH A O   1 
HETATM 1393 O  O   . HOH D 4 .   ? -12.271 -9.647  18.178  1.00 69.56 ? 2011 HOH A O   1 
HETATM 1394 O  O   . HOH D 4 .   ? -10.387 13.640  8.182   1.00 61.12 ? 2012 HOH A O   1 
HETATM 1395 O  O   . HOH D 4 .   ? 16.454  -6.589  1.553   1.00 51.87 ? 2013 HOH A O   1 
HETATM 1396 O  O   . HOH D 4 .   ? 13.185  -10.866 0.754   1.00 54.33 ? 2014 HOH A O   1 
HETATM 1397 O  O   . HOH D 4 .   ? -18.328 13.021  8.618   1.00 57.85 ? 2015 HOH A O   1 
HETATM 1398 O  O   . HOH D 4 .   ? -17.725 11.146  11.359  1.00 67.36 ? 2016 HOH A O   1 
HETATM 1399 O  O   . HOH D 4 .   ? -0.571  12.540  4.600   1.00 60.14 ? 2017 HOH A O   1 
HETATM 1400 O  O   . HOH D 4 .   ? 3.996   7.673   5.798   1.00 45.12 ? 2018 HOH A O   1 
HETATM 1401 O  O   . HOH D 4 .   ? 15.147  5.132   0.341   1.00 49.04 ? 2019 HOH A O   1 
HETATM 1402 O  O   . HOH D 4 .   ? 10.070  1.995   8.858   1.00 49.55 ? 2020 HOH A O   1 
HETATM 1403 O  O   . HOH D 4 .   ? 16.924  6.692   -4.779  1.00 59.57 ? 2021 HOH A O   1 
HETATM 1404 O  O   . HOH D 4 .   ? 17.361  -7.207  -1.138  1.00 60.50 ? 2022 HOH A O   1 
HETATM 1405 O  O   . HOH D 4 .   ? 15.463  1.717   0.105   1.00 42.79 ? 2023 HOH A O   1 
HETATM 1406 O  O   . HOH D 4 .   ? 10.482  3.360   -13.094 1.00 71.85 ? 2024 HOH A O   1 
HETATM 1407 O  O   . HOH E 4 .   ? 11.938  -9.014  -5.107  1.00 50.72 ? 2001 HOH B O   1 
# 
loop_
_pdbx_poly_seq_scheme.asym_id 
_pdbx_poly_seq_scheme.entity_id 
_pdbx_poly_seq_scheme.seq_id 
_pdbx_poly_seq_scheme.mon_id 
_pdbx_poly_seq_scheme.ndb_seq_num 
_pdbx_poly_seq_scheme.pdb_seq_num 
_pdbx_poly_seq_scheme.auth_seq_num 
_pdbx_poly_seq_scheme.pdb_mon_id 
_pdbx_poly_seq_scheme.auth_mon_id 
_pdbx_poly_seq_scheme.pdb_strand_id 
_pdbx_poly_seq_scheme.pdb_ins_code 
_pdbx_poly_seq_scheme.hetero 
A 1 1   GLY 1   -4  ?   ?   ?   A . n 
A 1 2   PRO 2   -3  ?   ?   ?   A . n 
A 1 3   LEU 3   -2  ?   ?   ?   A . n 
A 1 4   GLY 4   -1  ?   ?   ?   A . n 
A 1 5   SER 5   0   0   SER SER A . n 
A 1 6   MET 6   1   1   MET MET A . n 
A 1 7   ALA 7   2   2   ALA ALA A . n 
A 1 8   GLU 8   3   3   GLU GLU A . n 
A 1 9   SER 9   4   4   SER SER A . n 
A 1 10  GLU 10  5   5   GLU GLU A . n 
A 1 11  LEU 11  6   6   LEU LEU A . n 
A 1 12  MET 12  7   7   MET MET A . n 
A 1 13  HIS 13  8   8   HIS HIS A . n 
A 1 14  ILE 14  9   9   ILE ILE A . n 
A 1 15  HIS 15  10  10  HIS HIS A . n 
A 1 16  SER 16  11  11  SER SER A . n 
A 1 17  LEU 17  12  12  LEU LEU A . n 
A 1 18  ALA 18  13  13  ALA ALA A . n 
A 1 19  GLU 19  14  14  GLU GLU A . n 
A 1 20  HIS 20  15  15  HIS HIS A . n 
A 1 21  TYR 21  16  16  TYR TYR A . n 
A 1 22  LEU 22  17  17  LEU LEU A . n 
A 1 23  GLN 23  18  18  GLN GLN A . n 
A 1 24  TYR 24  19  19  TYR TYR A . n 
A 1 25  VAL 25  20  20  VAL VAL A . n 
A 1 26  LEU 26  21  21  LEU LEU A . n 
A 1 27  GLN 27  22  22  GLN GLN A . n 
A 1 28  VAL 28  23  23  VAL VAL A . n 
A 1 29  PRO 29  24  24  PRO PRO A . n 
A 1 30  ALA 30  25  25  ALA ALA A . n 
A 1 31  PHE 31  26  26  PHE PHE A . n 
A 1 32  GLU 32  27  27  GLU GLU A . n 
A 1 33  SER 33  28  28  SER SER A . n 
A 1 34  ALA 34  29  29  ALA ALA A . n 
A 1 35  PRO 35  30  30  PRO PRO A . n 
A 1 36  SER 36  31  31  SER SER A . n 
A 1 37  GLN 37  32  32  GLN GLN A . n 
A 1 38  ALA 38  33  33  ALA ALA A . n 
A 1 39  CYS 39  34  34  CYS CYS A . n 
A 1 40  ARG 40  35  35  ARG ARG A . n 
A 1 41  VAL 41  36  36  VAL VAL A . n 
A 1 42  LEU 42  37  37  LEU LEU A . n 
A 1 43  GLN 43  38  38  GLN GLN A . n 
A 1 44  ARG 44  39  39  ARG ARG A . n 
A 1 45  VAL 45  40  40  VAL VAL A . n 
A 1 46  ALA 46  41  41  ALA ALA A . n 
A 1 47  PHE 47  42  42  PHE PHE A . n 
A 1 48  SER 48  43  43  SER SER A . n 
A 1 49  VAL 49  44  44  VAL VAL A . n 
A 1 50  GLN 50  45  45  GLN GLN A . n 
A 1 51  LYS 51  46  46  LYS LYS A . n 
A 1 52  GLU 52  47  47  GLU GLU A . n 
A 1 53  VAL 53  48  48  VAL VAL A . n 
A 1 54  GLU 54  49  49  GLU GLU A . n 
A 1 55  LYS 55  50  50  LYS LYS A . n 
A 1 56  ASN 56  51  51  ASN ASN A . n 
A 1 57  LEU 57  52  52  LEU LEU A . n 
A 1 58  LYS 58  53  53  LYS LYS A . n 
A 1 59  SER 59  54  54  SER SER A . n 
A 1 60  TYR 60  55  55  TYR TYR A . n 
A 1 61  LEU 61  56  56  LEU LEU A . n 
A 1 62  ASP 62  57  57  ASP ASP A . n 
A 1 63  ASP 63  58  58  ASP ASP A . n 
A 1 64  PHE 64  59  59  PHE PHE A . n 
A 1 65  HIS 65  60  60  HIS HIS A . n 
A 1 66  VAL 66  61  61  VAL VAL A . n 
A 1 67  GLU 67  62  62  GLU GLU A . n 
A 1 68  SER 68  63  63  SER SER A . n 
A 1 69  ILE 69  64  64  ILE ILE A . n 
A 1 70  ASP 70  65  65  ASP ASP A . n 
A 1 71  THR 71  66  66  THR THR A . n 
A 1 72  ALA 72  67  67  ALA ALA A . n 
A 1 73  ARG 73  68  68  ARG ARG A . n 
A 1 74  ILE 74  69  69  ILE ILE A . n 
A 1 75  ILE 75  70  70  ILE ILE A . n 
A 1 76  PHE 76  71  71  PHE PHE A . n 
A 1 77  ASN 77  72  72  ASN ASN A . n 
A 1 78  GLN 78  73  73  GLN GLN A . n 
A 1 79  VAL 79  74  74  VAL VAL A . n 
A 1 80  MET 80  75  75  MET MET A . n 
A 1 81  GLU 81  76  76  GLU GLU A . n 
A 1 82  LYS 82  77  77  LYS LYS A . n 
A 1 83  GLU 83  78  78  GLU GLU A . n 
A 1 84  PHE 84  79  79  PHE PHE A . n 
A 1 85  GLU 85  80  80  GLU GLU A . n 
A 1 86  ASP 86  81  81  ASP ASP A . n 
A 1 87  GLY 87  82  82  GLY GLY A . n 
A 1 88  ILE 88  83  83  ILE ILE A . n 
A 1 89  ILE 89  84  84  ILE ILE A . n 
A 1 90  ASN 90  85  85  ASN ASN A . n 
A 1 91  TRP 91  86  86  TRP TRP A . n 
A 1 92  GLY 92  87  87  GLY GLY A . n 
A 1 93  ARG 93  88  88  ARG ARG A . n 
A 1 94  ILE 94  89  89  ILE ILE A . n 
A 1 95  VAL 95  90  90  VAL VAL A . n 
A 1 96  THR 96  91  91  THR THR A . n 
A 1 97  ILE 97  92  92  ILE ILE A . n 
A 1 98  PHE 98  93  93  PHE PHE A . n 
A 1 99  ALA 99  94  94  ALA ALA A . n 
A 1 100 PHE 100 95  95  PHE PHE A . n 
A 1 101 GLY 101 96  96  GLY GLY A . n 
A 1 102 GLY 102 97  97  GLY GLY A . n 
A 1 103 VAL 103 98  98  VAL VAL A . n 
A 1 104 LEU 104 99  99  LEU LEU A . n 
A 1 105 LEU 105 100 100 LEU LEU A . n 
A 1 106 LYS 106 101 101 LYS LYS A . n 
A 1 107 LYS 107 102 102 LYS LYS A . n 
A 1 108 LEU 108 103 103 LEU LEU A . n 
A 1 109 LYS 109 104 104 LYS LYS A . n 
A 1 110 GLN 110 105 105 GLN GLN A . n 
A 1 111 GLU 111 106 106 GLU GLU A . n 
A 1 112 GLN 112 107 107 GLN GLN A . n 
A 1 113 ILE 113 108 108 ILE ILE A . n 
A 1 114 ALA 114 109 109 ALA ALA A . n 
A 1 115 LEU 115 110 110 LEU LEU A . n 
A 1 116 ASP 116 111 111 ASP ASP A . n 
A 1 117 VAL 117 112 112 VAL VAL A . n 
A 1 118 SER 118 113 113 SER SER A . n 
A 1 119 ALA 119 114 114 ALA ALA A . n 
A 1 120 TYR 120 115 115 TYR TYR A . n 
A 1 121 LYS 121 116 116 LYS LYS A . n 
A 1 122 GLN 122 117 117 GLN GLN A . n 
A 1 123 VAL 123 118 118 VAL VAL A . n 
A 1 124 SER 124 119 119 SER SER A . n 
A 1 125 SER 125 120 120 SER SER A . n 
A 1 126 PHE 126 121 121 PHE PHE A . n 
A 1 127 VAL 127 122 122 VAL VAL A . n 
A 1 128 ALA 128 123 123 ALA ALA A . n 
A 1 129 GLU 129 124 124 GLU GLU A . n 
A 1 130 PHE 130 125 125 PHE PHE A . n 
A 1 131 ILE 131 126 126 ILE ILE A . n 
A 1 132 MET 132 127 127 MET MET A . n 
A 1 133 ASN 133 128 128 ASN ASN A . n 
A 1 134 ASN 134 129 129 ASN ASN A . n 
A 1 135 THR 135 130 130 THR THR A . n 
A 1 136 GLY 136 131 131 GLY GLY A . n 
A 1 137 GLU 137 132 132 GLU GLU A . n 
A 1 138 TRP 138 133 133 TRP TRP A . n 
A 1 139 ILE 139 134 134 ILE ILE A . n 
A 1 140 ARG 140 135 135 ARG ARG A . n 
A 1 141 GLN 141 136 136 GLN GLN A . n 
A 1 142 ASN 142 137 137 ASN ASN A . n 
A 1 143 GLY 143 138 138 GLY GLY A . n 
A 1 144 GLY 144 139 139 GLY GLY A . n 
A 1 145 TRP 145 140 140 TRP TRP A . n 
A 1 146 GLU 146 141 141 GLU GLU A . n 
A 1 147 ASP 147 142 142 ASP ASP A . n 
A 1 148 GLY 148 143 143 GLY GLY A . n 
A 1 149 PHE 149 144 144 PHE PHE A . n 
A 1 150 ILE 150 145 145 ILE ILE A . n 
A 1 151 LYS 151 146 146 LYS LYS A . n 
A 1 152 LYS 152 147 147 LYS LYS A . n 
A 1 153 PHE 153 148 148 PHE PHE A . n 
A 1 154 GLU 154 149 149 GLU GLU A . n 
A 1 155 PRO 155 150 ?   ?   ?   A . n 
A 1 156 LYS 156 151 ?   ?   ?   A . n 
A 1 157 SER 157 152 ?   ?   ?   A . n 
B 2 1   SER 1   76  ?   ?   ?   B . n 
B 2 2   GLU 2   77  ?   ?   ?   B . n 
B 2 3   SER 3   78  78  SER SER B . n 
B 2 4   GLN 4   79  79  GLN GLN B . n 
B 2 5   GLU 5   80  80  GLU GLU B . n 
B 2 6   GLU 6   81  81  GLU GLU B . n 
B 2 7   ILE 7   82  82  ILE ILE B . n 
B 2 8   ILE 8   83  83  ILE ILE B . n 
B 2 9   HIS 9   84  84  HIS HIS B . n 
B 2 10  ASN 10  85  85  ASN ASN B . n 
B 2 11  ILE 11  86  86  ILE ILE B . n 
B 2 12  ALA 12  87  87  ALA ALA B . n 
B 2 13  ARG 13  88  88  ARG ARG B . n 
B 2 14  HIS 14  89  89  HIS HIS B . n 
B 2 15  LEU 15  90  90  LEU LEU B . n 
B 2 16  ALA 16  91  91  ALA ALA B . n 
B 2 17  GLN 17  92  92  GLN GLN B . n 
B 2 18  ILE 18  93  93  ILE ILE B . n 
B 2 19  GLY 19  94  94  GLY GLY B . n 
B 2 20  ASP 20  95  95  ASP ASP B . n 
B 2 21  GLU 21  96  96  GLU GLU B . n 
B 2 22  MET 22  97  97  MET MET B . n 
B 2 23  ASP 23  98  98  ASP ASP B . n 
B 2 24  HIS 24  99  99  HIS HIS B . n 
B 2 25  ASN 25  100 100 ASN ASN B . n 
B 2 26  ILE 26  101 101 ILE ILE B . n 
B 2 27  GLN 27  102 ?   ?   ?   B . n 
B 2 28  PRO 28  103 ?   ?   ?   B . n 
B 2 29  THR 29  104 ?   ?   ?   B . n 
B 2 30  LEU 30  105 ?   ?   ?   B . n 
B 2 31  VAL 31  106 ?   ?   ?   B . n 
B 2 32  ARG 32  107 ?   ?   ?   B . n 
B 2 33  GLN 33  108 ?   ?   ?   B . n 
B 2 34  LEU 34  109 ?   ?   ?   B . n 
# 
loop_
_pdbx_nonpoly_scheme.asym_id 
_pdbx_nonpoly_scheme.entity_id 
_pdbx_nonpoly_scheme.mon_id 
_pdbx_nonpoly_scheme.ndb_seq_num 
_pdbx_nonpoly_scheme.pdb_seq_num 
_pdbx_nonpoly_scheme.auth_seq_num 
_pdbx_nonpoly_scheme.pdb_mon_id 
_pdbx_nonpoly_scheme.auth_mon_id 
_pdbx_nonpoly_scheme.pdb_strand_id 
_pdbx_nonpoly_scheme.pdb_ins_code 
C 3 CL  1  1150 1150 CL  CL  A . 
D 4 HOH 1  2001 2001 HOH HOH A . 
D 4 HOH 2  2002 2002 HOH HOH A . 
D 4 HOH 3  2003 2003 HOH HOH A . 
D 4 HOH 4  2004 2004 HOH HOH A . 
D 4 HOH 5  2005 2005 HOH HOH A . 
D 4 HOH 6  2006 2006 HOH HOH A . 
D 4 HOH 7  2007 2007 HOH HOH A . 
D 4 HOH 8  2008 2008 HOH HOH A . 
D 4 HOH 9  2009 2009 HOH HOH A . 
D 4 HOH 10 2010 2010 HOH HOH A . 
D 4 HOH 11 2011 2011 HOH HOH A . 
D 4 HOH 12 2012 2012 HOH HOH A . 
D 4 HOH 13 2013 2013 HOH HOH A . 
D 4 HOH 14 2014 2014 HOH HOH A . 
D 4 HOH 15 2015 2015 HOH HOH A . 
D 4 HOH 16 2016 2016 HOH HOH A . 
D 4 HOH 17 2017 2017 HOH HOH A . 
D 4 HOH 18 2018 2018 HOH HOH A . 
D 4 HOH 19 2019 2019 HOH HOH A . 
D 4 HOH 20 2020 2020 HOH HOH A . 
D 4 HOH 21 2021 2021 HOH HOH A . 
D 4 HOH 22 2022 2022 HOH HOH A . 
D 4 HOH 23 2023 2023 HOH HOH A . 
D 4 HOH 24 2024 2024 HOH HOH A . 
E 4 HOH 1  2001 2001 HOH HOH B . 
# 
_pdbx_struct_assembly.id                   1 
_pdbx_struct_assembly.details              author_and_software_defined_assembly 
_pdbx_struct_assembly.method_details       PQS 
_pdbx_struct_assembly.oligomeric_details   dimeric 
_pdbx_struct_assembly.oligomeric_count     2 
# 
_pdbx_struct_assembly_gen.assembly_id       1 
_pdbx_struct_assembly_gen.oper_expression   1 
_pdbx_struct_assembly_gen.asym_id_list      A,B,C,D,E 
# 
loop_
_pdbx_struct_assembly_prop.biol_id 
_pdbx_struct_assembly_prop.type 
_pdbx_struct_assembly_prop.value 
_pdbx_struct_assembly_prop.details 
1 'ABSA (A^2)' 1970  ? 
1 MORE         -18   ? 
1 'SSA (A^2)'  10800 ? 
# 
_pdbx_struct_oper_list.id                   1 
_pdbx_struct_oper_list.type                 'identity operation' 
_pdbx_struct_oper_list.name                 1_555 
_pdbx_struct_oper_list.symmetry_operation   x,y,z 
_pdbx_struct_oper_list.matrix[1][1]         1.0000000000 
_pdbx_struct_oper_list.matrix[1][2]         0.0000000000 
_pdbx_struct_oper_list.matrix[1][3]         0.0000000000 
_pdbx_struct_oper_list.vector[1]            0.0000000000 
_pdbx_struct_oper_list.matrix[2][1]         0.0000000000 
_pdbx_struct_oper_list.matrix[2][2]         1.0000000000 
_pdbx_struct_oper_list.matrix[2][3]         0.0000000000 
_pdbx_struct_oper_list.vector[2]            0.0000000000 
_pdbx_struct_oper_list.matrix[3][1]         0.0000000000 
_pdbx_struct_oper_list.matrix[3][2]         0.0000000000 
_pdbx_struct_oper_list.matrix[3][3]         1.0000000000 
_pdbx_struct_oper_list.vector[3]            0.0000000000 
# 
_pdbx_struct_special_symmetry.id              1 
_pdbx_struct_special_symmetry.PDB_model_num   1 
_pdbx_struct_special_symmetry.auth_asym_id    A 
_pdbx_struct_special_symmetry.auth_comp_id    CL 
_pdbx_struct_special_symmetry.auth_seq_id     1150 
_pdbx_struct_special_symmetry.PDB_ins_code    ? 
_pdbx_struct_special_symmetry.label_asym_id   C 
_pdbx_struct_special_symmetry.label_comp_id   CL 
_pdbx_struct_special_symmetry.label_seq_id    . 
# 
loop_
_pdbx_audit_revision_history.ordinal 
_pdbx_audit_revision_history.data_content_type 
_pdbx_audit_revision_history.major_revision 
_pdbx_audit_revision_history.minor_revision 
_pdbx_audit_revision_history.revision_date 
1 'Structure model' 1 0 2008-03-04 
2 'Structure model' 1 1 2011-07-13 
3 'Structure model' 1 2 2023-12-13 
# 
_pdbx_audit_revision_details.ordinal             1 
_pdbx_audit_revision_details.revision_ordinal    1 
_pdbx_audit_revision_details.data_content_type   'Structure model' 
_pdbx_audit_revision_details.provider            repository 
_pdbx_audit_revision_details.type                'Initial release' 
_pdbx_audit_revision_details.description         ? 
_pdbx_audit_revision_details.details             ? 
# 
loop_
_pdbx_audit_revision_group.ordinal 
_pdbx_audit_revision_group.revision_ordinal 
_pdbx_audit_revision_group.data_content_type 
_pdbx_audit_revision_group.group 
1 2 'Structure model' Advisory                    
2 2 'Structure model' 'Refinement description'    
3 2 'Structure model' 'Version format compliance' 
4 3 'Structure model' 'Data collection'           
5 3 'Structure model' 'Database references'       
6 3 'Structure model' Other                       
7 3 'Structure model' 'Refinement description'    
# 
loop_
_pdbx_audit_revision_category.ordinal 
_pdbx_audit_revision_category.revision_ordinal 
_pdbx_audit_revision_category.data_content_type 
_pdbx_audit_revision_category.category 
1 3 'Structure model' chem_comp_atom                
2 3 'Structure model' chem_comp_bond                
3 3 'Structure model' database_2                    
4 3 'Structure model' pdbx_database_status          
5 3 'Structure model' pdbx_initial_refinement_model 
# 
loop_
_pdbx_audit_revision_item.ordinal 
_pdbx_audit_revision_item.revision_ordinal 
_pdbx_audit_revision_item.data_content_type 
_pdbx_audit_revision_item.item 
1 3 'Structure model' '_database_2.pdbx_DOI'                 
2 3 'Structure model' '_database_2.pdbx_database_accession'  
3 3 'Structure model' '_pdbx_database_status.status_code_sf' 
# 
loop_
_pdbx_refine_tls.pdbx_refine_id 
_pdbx_refine_tls.id 
_pdbx_refine_tls.details 
_pdbx_refine_tls.method 
_pdbx_refine_tls.origin_x 
_pdbx_refine_tls.origin_y 
_pdbx_refine_tls.origin_z 
_pdbx_refine_tls.T[1][1] 
_pdbx_refine_tls.T[2][2] 
_pdbx_refine_tls.T[3][3] 
_pdbx_refine_tls.T[1][2] 
_pdbx_refine_tls.T[1][3] 
_pdbx_refine_tls.T[2][3] 
_pdbx_refine_tls.L[1][1] 
_pdbx_refine_tls.L[2][2] 
_pdbx_refine_tls.L[3][3] 
_pdbx_refine_tls.L[1][2] 
_pdbx_refine_tls.L[1][3] 
_pdbx_refine_tls.L[2][3] 
_pdbx_refine_tls.S[1][1] 
_pdbx_refine_tls.S[1][2] 
_pdbx_refine_tls.S[1][3] 
_pdbx_refine_tls.S[2][1] 
_pdbx_refine_tls.S[2][2] 
_pdbx_refine_tls.S[2][3] 
_pdbx_refine_tls.S[3][1] 
_pdbx_refine_tls.S[3][2] 
_pdbx_refine_tls.S[3][3] 
'X-RAY DIFFRACTION' 1 ? refined -0.2462 1.2910   -1.0936 -0.2421 -0.1446 -0.2613 0.0300  -0.0170 0.0196 7.0277  7.2397  3.8809  -0.0772  0.4838   -0.9273 -0.1391 -0.3987 -0.0384 0.0083 0.2915 0.2102 0.0141 -0.6588 -0.1524 
'X-RAY DIFFRACTION' 2 ? refined 1.9986  -10.2353 7.2797  -0.0686 0.1045  0.0691  -0.0735 -0.0290 0.3443 15.4429 18.2693 35.8454 -11.1144 -10.2063 12.0007 -0.7328 -1.4441 -1.0110 1.2017 0.7253 0.8303 1.4220 -1.6290 0.0075 
# 
loop_
_pdbx_refine_tls_group.pdbx_refine_id 
_pdbx_refine_tls_group.id 
_pdbx_refine_tls_group.refine_tls_id 
_pdbx_refine_tls_group.beg_auth_asym_id 
_pdbx_refine_tls_group.beg_auth_seq_id 
_pdbx_refine_tls_group.beg_label_asym_id 
_pdbx_refine_tls_group.beg_label_seq_id 
_pdbx_refine_tls_group.end_auth_asym_id 
_pdbx_refine_tls_group.end_auth_seq_id 
_pdbx_refine_tls_group.end_label_asym_id 
_pdbx_refine_tls_group.end_label_seq_id 
_pdbx_refine_tls_group.selection 
_pdbx_refine_tls_group.selection_details 
'X-RAY DIFFRACTION' 1 1 A 0  ? ? A 149 ? ? ? ? 
'X-RAY DIFFRACTION' 2 2 B 78 ? ? B 101 ? ? ? ? 
# 
loop_
_software.name 
_software.classification 
_software.version 
_software.citation_id 
_software.pdbx_ordinal 
REFMAC refinement       5.2.0005 ? 1 
MOSFLM 'data reduction' .        ? 2 
SCALA  'data scaling'   .        ? 3 
PHASER phasing          .        ? 4 
# 
_pdbx_entry_details.entry_id                 2VOI 
_pdbx_entry_details.compound_details         
;ENGINEERED RESIDUE IN CHAIN A, PRO 104 TO LYS
ENGINEERED RESIDUE IN CHAIN A, CYS 113 TO SER
;
_pdbx_entry_details.source_details           ? 
_pdbx_entry_details.nonpolymer_details       ? 
_pdbx_entry_details.sequence_details         ? 
_pdbx_entry_details.has_ligand_of_interest   ? 
# 
loop_
_pdbx_validate_torsion.id 
_pdbx_validate_torsion.PDB_model_num 
_pdbx_validate_torsion.auth_comp_id 
_pdbx_validate_torsion.auth_asym_id 
_pdbx_validate_torsion.auth_seq_id 
_pdbx_validate_torsion.PDB_ins_code 
_pdbx_validate_torsion.label_alt_id 
_pdbx_validate_torsion.phi 
_pdbx_validate_torsion.psi 
1 1 PRO A 24  ? ? -30.01  130.55 
2 1 PHE A 26  ? ? 64.59   -9.55  
3 1 GLU A 27  ? ? -94.19  -62.19 
4 1 VAL A 112 ? ? -67.13  94.85  
5 1 SER A 113 ? ? 157.23  -52.81 
6 1 ASP A 142 ? ? -102.38 -70.86 
# 
loop_
_pdbx_unobs_or_zero_occ_atoms.id 
_pdbx_unobs_or_zero_occ_atoms.PDB_model_num 
_pdbx_unobs_or_zero_occ_atoms.polymer_flag 
_pdbx_unobs_or_zero_occ_atoms.occupancy_flag 
_pdbx_unobs_or_zero_occ_atoms.auth_asym_id 
_pdbx_unobs_or_zero_occ_atoms.auth_comp_id 
_pdbx_unobs_or_zero_occ_atoms.auth_seq_id 
_pdbx_unobs_or_zero_occ_atoms.PDB_ins_code 
_pdbx_unobs_or_zero_occ_atoms.auth_atom_id 
_pdbx_unobs_or_zero_occ_atoms.label_alt_id 
_pdbx_unobs_or_zero_occ_atoms.label_asym_id 
_pdbx_unobs_or_zero_occ_atoms.label_comp_id 
_pdbx_unobs_or_zero_occ_atoms.label_seq_id 
_pdbx_unobs_or_zero_occ_atoms.label_atom_id 
1  1 Y 1 A GLU 27  ? CG  ? A GLU 32  CG  
2  1 Y 1 A GLU 27  ? CD  ? A GLU 32  CD  
3  1 Y 1 A GLU 27  ? OE1 ? A GLU 32  OE1 
4  1 Y 1 A GLU 27  ? OE2 ? A GLU 32  OE2 
5  1 Y 1 A LYS 77  ? CG  ? A LYS 82  CG  
6  1 Y 1 A LYS 77  ? CD  ? A LYS 82  CD  
7  1 Y 1 A LYS 77  ? CE  ? A LYS 82  CE  
8  1 Y 1 A LYS 77  ? NZ  ? A LYS 82  NZ  
9  1 Y 1 A LYS 104 ? CG  ? A LYS 109 CG  
10 1 Y 1 A LYS 104 ? CD  ? A LYS 109 CD  
11 1 Y 1 A LYS 104 ? CE  ? A LYS 109 CE  
12 1 Y 1 A LYS 104 ? NZ  ? A LYS 109 NZ  
13 1 Y 1 A ILE 108 ? CG1 ? A ILE 113 CG1 
14 1 Y 1 A ILE 108 ? CG2 ? A ILE 113 CG2 
15 1 Y 1 A ILE 108 ? CD1 ? A ILE 113 CD1 
16 1 Y 1 A VAL 112 ? CG1 ? A VAL 117 CG1 
17 1 Y 1 A VAL 112 ? CG2 ? A VAL 117 CG2 
18 1 Y 1 B GLN 79  ? CG  ? B GLN 4   CG  
19 1 Y 1 B GLN 79  ? CD  ? B GLN 4   CD  
20 1 Y 1 B GLN 79  ? OE1 ? B GLN 4   OE1 
21 1 Y 1 B GLN 79  ? NE2 ? B GLN 4   NE2 
22 1 Y 1 B GLU 81  ? CG  ? B GLU 6   CG  
23 1 Y 1 B GLU 81  ? CD  ? B GLU 6   CD  
24 1 Y 1 B GLU 81  ? OE1 ? B GLU 6   OE1 
25 1 Y 1 B GLU 81  ? OE2 ? B GLU 6   OE2 
26 1 Y 1 B ARG 88  ? CG  ? B ARG 13  CG  
27 1 Y 1 B ARG 88  ? CD  ? B ARG 13  CD  
28 1 Y 1 B ARG 88  ? NE  ? B ARG 13  NE  
29 1 Y 1 B ARG 88  ? CZ  ? B ARG 13  CZ  
30 1 Y 1 B ARG 88  ? NH1 ? B ARG 13  NH1 
31 1 Y 1 B ARG 88  ? NH2 ? B ARG 13  NH2 
# 
loop_
_pdbx_unobs_or_zero_occ_residues.id 
_pdbx_unobs_or_zero_occ_residues.PDB_model_num 
_pdbx_unobs_or_zero_occ_residues.polymer_flag 
_pdbx_unobs_or_zero_occ_residues.occupancy_flag 
_pdbx_unobs_or_zero_occ_residues.auth_asym_id 
_pdbx_unobs_or_zero_occ_residues.auth_comp_id 
_pdbx_unobs_or_zero_occ_residues.auth_seq_id 
_pdbx_unobs_or_zero_occ_residues.PDB_ins_code 
_pdbx_unobs_or_zero_occ_residues.label_asym_id 
_pdbx_unobs_or_zero_occ_residues.label_comp_id 
_pdbx_unobs_or_zero_occ_residues.label_seq_id 
1  1 Y 1 A GLY -4  ? A GLY 1   
2  1 Y 1 A PRO -3  ? A PRO 2   
3  1 Y 1 A LEU -2  ? A LEU 3   
4  1 Y 1 A GLY -1  ? A GLY 4   
5  1 Y 1 A PRO 150 ? A PRO 155 
6  1 Y 1 A LYS 151 ? A LYS 156 
7  1 Y 1 A SER 152 ? A SER 157 
8  1 Y 1 B SER 76  ? B SER 1   
9  1 Y 1 B GLU 77  ? B GLU 2   
10 1 Y 1 B GLN 102 ? B GLN 27  
11 1 Y 1 B PRO 103 ? B PRO 28  
12 1 Y 1 B THR 104 ? B THR 29  
13 1 Y 1 B LEU 105 ? B LEU 30  
14 1 Y 1 B VAL 106 ? B VAL 31  
15 1 Y 1 B ARG 107 ? B ARG 32  
16 1 Y 1 B GLN 108 ? B GLN 33  
17 1 Y 1 B LEU 109 ? B LEU 34  
# 
loop_
_chem_comp_atom.comp_id 
_chem_comp_atom.atom_id 
_chem_comp_atom.type_symbol 
_chem_comp_atom.pdbx_aromatic_flag 
_chem_comp_atom.pdbx_stereo_config 
_chem_comp_atom.pdbx_ordinal 
ALA N    N  N N 1   
ALA CA   C  N S 2   
ALA C    C  N N 3   
ALA O    O  N N 4   
ALA CB   C  N N 5   
ALA OXT  O  N N 6   
ALA H    H  N N 7   
ALA H2   H  N N 8   
ALA HA   H  N N 9   
ALA HB1  H  N N 10  
ALA HB2  H  N N 11  
ALA HB3  H  N N 12  
ALA HXT  H  N N 13  
ARG N    N  N N 14  
ARG CA   C  N S 15  
ARG C    C  N N 16  
ARG O    O  N N 17  
ARG CB   C  N N 18  
ARG CG   C  N N 19  
ARG CD   C  N N 20  
ARG NE   N  N N 21  
ARG CZ   C  N N 22  
ARG NH1  N  N N 23  
ARG NH2  N  N N 24  
ARG OXT  O  N N 25  
ARG H    H  N N 26  
ARG H2   H  N N 27  
ARG HA   H  N N 28  
ARG HB2  H  N N 29  
ARG HB3  H  N N 30  
ARG HG2  H  N N 31  
ARG HG3  H  N N 32  
ARG HD2  H  N N 33  
ARG HD3  H  N N 34  
ARG HE   H  N N 35  
ARG HH11 H  N N 36  
ARG HH12 H  N N 37  
ARG HH21 H  N N 38  
ARG HH22 H  N N 39  
ARG HXT  H  N N 40  
ASN N    N  N N 41  
ASN CA   C  N S 42  
ASN C    C  N N 43  
ASN O    O  N N 44  
ASN CB   C  N N 45  
ASN CG   C  N N 46  
ASN OD1  O  N N 47  
ASN ND2  N  N N 48  
ASN OXT  O  N N 49  
ASN H    H  N N 50  
ASN H2   H  N N 51  
ASN HA   H  N N 52  
ASN HB2  H  N N 53  
ASN HB3  H  N N 54  
ASN HD21 H  N N 55  
ASN HD22 H  N N 56  
ASN HXT  H  N N 57  
ASP N    N  N N 58  
ASP CA   C  N S 59  
ASP C    C  N N 60  
ASP O    O  N N 61  
ASP CB   C  N N 62  
ASP CG   C  N N 63  
ASP OD1  O  N N 64  
ASP OD2  O  N N 65  
ASP OXT  O  N N 66  
ASP H    H  N N 67  
ASP H2   H  N N 68  
ASP HA   H  N N 69  
ASP HB2  H  N N 70  
ASP HB3  H  N N 71  
ASP HD2  H  N N 72  
ASP HXT  H  N N 73  
CL  CL   CL N N 74  
CYS N    N  N N 75  
CYS CA   C  N R 76  
CYS C    C  N N 77  
CYS O    O  N N 78  
CYS CB   C  N N 79  
CYS SG   S  N N 80  
CYS OXT  O  N N 81  
CYS H    H  N N 82  
CYS H2   H  N N 83  
CYS HA   H  N N 84  
CYS HB2  H  N N 85  
CYS HB3  H  N N 86  
CYS HG   H  N N 87  
CYS HXT  H  N N 88  
GLN N    N  N N 89  
GLN CA   C  N S 90  
GLN C    C  N N 91  
GLN O    O  N N 92  
GLN CB   C  N N 93  
GLN CG   C  N N 94  
GLN CD   C  N N 95  
GLN OE1  O  N N 96  
GLN NE2  N  N N 97  
GLN OXT  O  N N 98  
GLN H    H  N N 99  
GLN H2   H  N N 100 
GLN HA   H  N N 101 
GLN HB2  H  N N 102 
GLN HB3  H  N N 103 
GLN HG2  H  N N 104 
GLN HG3  H  N N 105 
GLN HE21 H  N N 106 
GLN HE22 H  N N 107 
GLN HXT  H  N N 108 
GLU N    N  N N 109 
GLU CA   C  N S 110 
GLU C    C  N N 111 
GLU O    O  N N 112 
GLU CB   C  N N 113 
GLU CG   C  N N 114 
GLU CD   C  N N 115 
GLU OE1  O  N N 116 
GLU OE2  O  N N 117 
GLU OXT  O  N N 118 
GLU H    H  N N 119 
GLU H2   H  N N 120 
GLU HA   H  N N 121 
GLU HB2  H  N N 122 
GLU HB3  H  N N 123 
GLU HG2  H  N N 124 
GLU HG3  H  N N 125 
GLU HE2  H  N N 126 
GLU HXT  H  N N 127 
GLY N    N  N N 128 
GLY CA   C  N N 129 
GLY C    C  N N 130 
GLY O    O  N N 131 
GLY OXT  O  N N 132 
GLY H    H  N N 133 
GLY H2   H  N N 134 
GLY HA2  H  N N 135 
GLY HA3  H  N N 136 
GLY HXT  H  N N 137 
HIS N    N  N N 138 
HIS CA   C  N S 139 
HIS C    C  N N 140 
HIS O    O  N N 141 
HIS CB   C  N N 142 
HIS CG   C  Y N 143 
HIS ND1  N  Y N 144 
HIS CD2  C  Y N 145 
HIS CE1  C  Y N 146 
HIS NE2  N  Y N 147 
HIS OXT  O  N N 148 
HIS H    H  N N 149 
HIS H2   H  N N 150 
HIS HA   H  N N 151 
HIS HB2  H  N N 152 
HIS HB3  H  N N 153 
HIS HD1  H  N N 154 
HIS HD2  H  N N 155 
HIS HE1  H  N N 156 
HIS HE2  H  N N 157 
HIS HXT  H  N N 158 
HOH O    O  N N 159 
HOH H1   H  N N 160 
HOH H2   H  N N 161 
ILE N    N  N N 162 
ILE CA   C  N S 163 
ILE C    C  N N 164 
ILE O    O  N N 165 
ILE CB   C  N S 166 
ILE CG1  C  N N 167 
ILE CG2  C  N N 168 
ILE CD1  C  N N 169 
ILE OXT  O  N N 170 
ILE H    H  N N 171 
ILE H2   H  N N 172 
ILE HA   H  N N 173 
ILE HB   H  N N 174 
ILE HG12 H  N N 175 
ILE HG13 H  N N 176 
ILE HG21 H  N N 177 
ILE HG22 H  N N 178 
ILE HG23 H  N N 179 
ILE HD11 H  N N 180 
ILE HD12 H  N N 181 
ILE HD13 H  N N 182 
ILE HXT  H  N N 183 
LEU N    N  N N 184 
LEU CA   C  N S 185 
LEU C    C  N N 186 
LEU O    O  N N 187 
LEU CB   C  N N 188 
LEU CG   C  N N 189 
LEU CD1  C  N N 190 
LEU CD2  C  N N 191 
LEU OXT  O  N N 192 
LEU H    H  N N 193 
LEU H2   H  N N 194 
LEU HA   H  N N 195 
LEU HB2  H  N N 196 
LEU HB3  H  N N 197 
LEU HG   H  N N 198 
LEU HD11 H  N N 199 
LEU HD12 H  N N 200 
LEU HD13 H  N N 201 
LEU HD21 H  N N 202 
LEU HD22 H  N N 203 
LEU HD23 H  N N 204 
LEU HXT  H  N N 205 
LYS N    N  N N 206 
LYS CA   C  N S 207 
LYS C    C  N N 208 
LYS O    O  N N 209 
LYS CB   C  N N 210 
LYS CG   C  N N 211 
LYS CD   C  N N 212 
LYS CE   C  N N 213 
LYS NZ   N  N N 214 
LYS OXT  O  N N 215 
LYS H    H  N N 216 
LYS H2   H  N N 217 
LYS HA   H  N N 218 
LYS HB2  H  N N 219 
LYS HB3  H  N N 220 
LYS HG2  H  N N 221 
LYS HG3  H  N N 222 
LYS HD2  H  N N 223 
LYS HD3  H  N N 224 
LYS HE2  H  N N 225 
LYS HE3  H  N N 226 
LYS HZ1  H  N N 227 
LYS HZ2  H  N N 228 
LYS HZ3  H  N N 229 
LYS HXT  H  N N 230 
MET N    N  N N 231 
MET CA   C  N S 232 
MET C    C  N N 233 
MET O    O  N N 234 
MET CB   C  N N 235 
MET CG   C  N N 236 
MET SD   S  N N 237 
MET CE   C  N N 238 
MET OXT  O  N N 239 
MET H    H  N N 240 
MET H2   H  N N 241 
MET HA   H  N N 242 
MET HB2  H  N N 243 
MET HB3  H  N N 244 
MET HG2  H  N N 245 
MET HG3  H  N N 246 
MET HE1  H  N N 247 
MET HE2  H  N N 248 
MET HE3  H  N N 249 
MET HXT  H  N N 250 
PHE N    N  N N 251 
PHE CA   C  N S 252 
PHE C    C  N N 253 
PHE O    O  N N 254 
PHE CB   C  N N 255 
PHE CG   C  Y N 256 
PHE CD1  C  Y N 257 
PHE CD2  C  Y N 258 
PHE CE1  C  Y N 259 
PHE CE2  C  Y N 260 
PHE CZ   C  Y N 261 
PHE OXT  O  N N 262 
PHE H    H  N N 263 
PHE H2   H  N N 264 
PHE HA   H  N N 265 
PHE HB2  H  N N 266 
PHE HB3  H  N N 267 
PHE HD1  H  N N 268 
PHE HD2  H  N N 269 
PHE HE1  H  N N 270 
PHE HE2  H  N N 271 
PHE HZ   H  N N 272 
PHE HXT  H  N N 273 
PRO N    N  N N 274 
PRO CA   C  N S 275 
PRO C    C  N N 276 
PRO O    O  N N 277 
PRO CB   C  N N 278 
PRO CG   C  N N 279 
PRO CD   C  N N 280 
PRO OXT  O  N N 281 
PRO H    H  N N 282 
PRO HA   H  N N 283 
PRO HB2  H  N N 284 
PRO HB3  H  N N 285 
PRO HG2  H  N N 286 
PRO HG3  H  N N 287 
PRO HD2  H  N N 288 
PRO HD3  H  N N 289 
PRO HXT  H  N N 290 
SER N    N  N N 291 
SER CA   C  N S 292 
SER C    C  N N 293 
SER O    O  N N 294 
SER CB   C  N N 295 
SER OG   O  N N 296 
SER OXT  O  N N 297 
SER H    H  N N 298 
SER H2   H  N N 299 
SER HA   H  N N 300 
SER HB2  H  N N 301 
SER HB3  H  N N 302 
SER HG   H  N N 303 
SER HXT  H  N N 304 
THR N    N  N N 305 
THR CA   C  N S 306 
THR C    C  N N 307 
THR O    O  N N 308 
THR CB   C  N R 309 
THR OG1  O  N N 310 
THR CG2  C  N N 311 
THR OXT  O  N N 312 
THR H    H  N N 313 
THR H2   H  N N 314 
THR HA   H  N N 315 
THR HB   H  N N 316 
THR HG1  H  N N 317 
THR HG21 H  N N 318 
THR HG22 H  N N 319 
THR HG23 H  N N 320 
THR HXT  H  N N 321 
TRP N    N  N N 322 
TRP CA   C  N S 323 
TRP C    C  N N 324 
TRP O    O  N N 325 
TRP CB   C  N N 326 
TRP CG   C  Y N 327 
TRP CD1  C  Y N 328 
TRP CD2  C  Y N 329 
TRP NE1  N  Y N 330 
TRP CE2  C  Y N 331 
TRP CE3  C  Y N 332 
TRP CZ2  C  Y N 333 
TRP CZ3  C  Y N 334 
TRP CH2  C  Y N 335 
TRP OXT  O  N N 336 
TRP H    H  N N 337 
TRP H2   H  N N 338 
TRP HA   H  N N 339 
TRP HB2  H  N N 340 
TRP HB3  H  N N 341 
TRP HD1  H  N N 342 
TRP HE1  H  N N 343 
TRP HE3  H  N N 344 
TRP HZ2  H  N N 345 
TRP HZ3  H  N N 346 
TRP HH2  H  N N 347 
TRP HXT  H  N N 348 
TYR N    N  N N 349 
TYR CA   C  N S 350 
TYR C    C  N N 351 
TYR O    O  N N 352 
TYR CB   C  N N 353 
TYR CG   C  Y N 354 
TYR CD1  C  Y N 355 
TYR CD2  C  Y N 356 
TYR CE1  C  Y N 357 
TYR CE2  C  Y N 358 
TYR CZ   C  Y N 359 
TYR OH   O  N N 360 
TYR OXT  O  N N 361 
TYR H    H  N N 362 
TYR H2   H  N N 363 
TYR HA   H  N N 364 
TYR HB2  H  N N 365 
TYR HB3  H  N N 366 
TYR HD1  H  N N 367 
TYR HD2  H  N N 368 
TYR HE1  H  N N 369 
TYR HE2  H  N N 370 
TYR HH   H  N N 371 
TYR HXT  H  N N 372 
VAL N    N  N N 373 
VAL CA   C  N S 374 
VAL C    C  N N 375 
VAL O    O  N N 376 
VAL CB   C  N N 377 
VAL CG1  C  N N 378 
VAL CG2  C  N N 379 
VAL OXT  O  N N 380 
VAL H    H  N N 381 
VAL H2   H  N N 382 
VAL HA   H  N N 383 
VAL HB   H  N N 384 
VAL HG11 H  N N 385 
VAL HG12 H  N N 386 
VAL HG13 H  N N 387 
VAL HG21 H  N N 388 
VAL HG22 H  N N 389 
VAL HG23 H  N N 390 
VAL HXT  H  N N 391 
# 
loop_
_chem_comp_bond.comp_id 
_chem_comp_bond.atom_id_1 
_chem_comp_bond.atom_id_2 
_chem_comp_bond.value_order 
_chem_comp_bond.pdbx_aromatic_flag 
_chem_comp_bond.pdbx_stereo_config 
_chem_comp_bond.pdbx_ordinal 
ALA N   CA   sing N N 1   
ALA N   H    sing N N 2   
ALA N   H2   sing N N 3   
ALA CA  C    sing N N 4   
ALA CA  CB   sing N N 5   
ALA CA  HA   sing N N 6   
ALA C   O    doub N N 7   
ALA C   OXT  sing N N 8   
ALA CB  HB1  sing N N 9   
ALA CB  HB2  sing N N 10  
ALA CB  HB3  sing N N 11  
ALA OXT HXT  sing N N 12  
ARG N   CA   sing N N 13  
ARG N   H    sing N N 14  
ARG N   H2   sing N N 15  
ARG CA  C    sing N N 16  
ARG CA  CB   sing N N 17  
ARG CA  HA   sing N N 18  
ARG C   O    doub N N 19  
ARG C   OXT  sing N N 20  
ARG CB  CG   sing N N 21  
ARG CB  HB2  sing N N 22  
ARG CB  HB3  sing N N 23  
ARG CG  CD   sing N N 24  
ARG CG  HG2  sing N N 25  
ARG CG  HG3  sing N N 26  
ARG CD  NE   sing N N 27  
ARG CD  HD2  sing N N 28  
ARG CD  HD3  sing N N 29  
ARG NE  CZ   sing N N 30  
ARG NE  HE   sing N N 31  
ARG CZ  NH1  sing N N 32  
ARG CZ  NH2  doub N N 33  
ARG NH1 HH11 sing N N 34  
ARG NH1 HH12 sing N N 35  
ARG NH2 HH21 sing N N 36  
ARG NH2 HH22 sing N N 37  
ARG OXT HXT  sing N N 38  
ASN N   CA   sing N N 39  
ASN N   H    sing N N 40  
ASN N   H2   sing N N 41  
ASN CA  C    sing N N 42  
ASN CA  CB   sing N N 43  
ASN CA  HA   sing N N 44  
ASN C   O    doub N N 45  
ASN C   OXT  sing N N 46  
ASN CB  CG   sing N N 47  
ASN CB  HB2  sing N N 48  
ASN CB  HB3  sing N N 49  
ASN CG  OD1  doub N N 50  
ASN CG  ND2  sing N N 51  
ASN ND2 HD21 sing N N 52  
ASN ND2 HD22 sing N N 53  
ASN OXT HXT  sing N N 54  
ASP N   CA   sing N N 55  
ASP N   H    sing N N 56  
ASP N   H2   sing N N 57  
ASP CA  C    sing N N 58  
ASP CA  CB   sing N N 59  
ASP CA  HA   sing N N 60  
ASP C   O    doub N N 61  
ASP C   OXT  sing N N 62  
ASP CB  CG   sing N N 63  
ASP CB  HB2  sing N N 64  
ASP CB  HB3  sing N N 65  
ASP CG  OD1  doub N N 66  
ASP CG  OD2  sing N N 67  
ASP OD2 HD2  sing N N 68  
ASP OXT HXT  sing N N 69  
CYS N   CA   sing N N 70  
CYS N   H    sing N N 71  
CYS N   H2   sing N N 72  
CYS CA  C    sing N N 73  
CYS CA  CB   sing N N 74  
CYS CA  HA   sing N N 75  
CYS C   O    doub N N 76  
CYS C   OXT  sing N N 77  
CYS CB  SG   sing N N 78  
CYS CB  HB2  sing N N 79  
CYS CB  HB3  sing N N 80  
CYS SG  HG   sing N N 81  
CYS OXT HXT  sing N N 82  
GLN N   CA   sing N N 83  
GLN N   H    sing N N 84  
GLN N   H2   sing N N 85  
GLN CA  C    sing N N 86  
GLN CA  CB   sing N N 87  
GLN CA  HA   sing N N 88  
GLN C   O    doub N N 89  
GLN C   OXT  sing N N 90  
GLN CB  CG   sing N N 91  
GLN CB  HB2  sing N N 92  
GLN CB  HB3  sing N N 93  
GLN CG  CD   sing N N 94  
GLN CG  HG2  sing N N 95  
GLN CG  HG3  sing N N 96  
GLN CD  OE1  doub N N 97  
GLN CD  NE2  sing N N 98  
GLN NE2 HE21 sing N N 99  
GLN NE2 HE22 sing N N 100 
GLN OXT HXT  sing N N 101 
GLU N   CA   sing N N 102 
GLU N   H    sing N N 103 
GLU N   H2   sing N N 104 
GLU CA  C    sing N N 105 
GLU CA  CB   sing N N 106 
GLU CA  HA   sing N N 107 
GLU C   O    doub N N 108 
GLU C   OXT  sing N N 109 
GLU CB  CG   sing N N 110 
GLU CB  HB2  sing N N 111 
GLU CB  HB3  sing N N 112 
GLU CG  CD   sing N N 113 
GLU CG  HG2  sing N N 114 
GLU CG  HG3  sing N N 115 
GLU CD  OE1  doub N N 116 
GLU CD  OE2  sing N N 117 
GLU OE2 HE2  sing N N 118 
GLU OXT HXT  sing N N 119 
GLY N   CA   sing N N 120 
GLY N   H    sing N N 121 
GLY N   H2   sing N N 122 
GLY CA  C    sing N N 123 
GLY CA  HA2  sing N N 124 
GLY CA  HA3  sing N N 125 
GLY C   O    doub N N 126 
GLY C   OXT  sing N N 127 
GLY OXT HXT  sing N N 128 
HIS N   CA   sing N N 129 
HIS N   H    sing N N 130 
HIS N   H2   sing N N 131 
HIS CA  C    sing N N 132 
HIS CA  CB   sing N N 133 
HIS CA  HA   sing N N 134 
HIS C   O    doub N N 135 
HIS C   OXT  sing N N 136 
HIS CB  CG   sing N N 137 
HIS CB  HB2  sing N N 138 
HIS CB  HB3  sing N N 139 
HIS CG  ND1  sing Y N 140 
HIS CG  CD2  doub Y N 141 
HIS ND1 CE1  doub Y N 142 
HIS ND1 HD1  sing N N 143 
HIS CD2 NE2  sing Y N 144 
HIS CD2 HD2  sing N N 145 
HIS CE1 NE2  sing Y N 146 
HIS CE1 HE1  sing N N 147 
HIS NE2 HE2  sing N N 148 
HIS OXT HXT  sing N N 149 
HOH O   H1   sing N N 150 
HOH O   H2   sing N N 151 
ILE N   CA   sing N N 152 
ILE N   H    sing N N 153 
ILE N   H2   sing N N 154 
ILE CA  C    sing N N 155 
ILE CA  CB   sing N N 156 
ILE CA  HA   sing N N 157 
ILE C   O    doub N N 158 
ILE C   OXT  sing N N 159 
ILE CB  CG1  sing N N 160 
ILE CB  CG2  sing N N 161 
ILE CB  HB   sing N N 162 
ILE CG1 CD1  sing N N 163 
ILE CG1 HG12 sing N N 164 
ILE CG1 HG13 sing N N 165 
ILE CG2 HG21 sing N N 166 
ILE CG2 HG22 sing N N 167 
ILE CG2 HG23 sing N N 168 
ILE CD1 HD11 sing N N 169 
ILE CD1 HD12 sing N N 170 
ILE CD1 HD13 sing N N 171 
ILE OXT HXT  sing N N 172 
LEU N   CA   sing N N 173 
LEU N   H    sing N N 174 
LEU N   H2   sing N N 175 
LEU CA  C    sing N N 176 
LEU CA  CB   sing N N 177 
LEU CA  HA   sing N N 178 
LEU C   O    doub N N 179 
LEU C   OXT  sing N N 180 
LEU CB  CG   sing N N 181 
LEU CB  HB2  sing N N 182 
LEU CB  HB3  sing N N 183 
LEU CG  CD1  sing N N 184 
LEU CG  CD2  sing N N 185 
LEU CG  HG   sing N N 186 
LEU CD1 HD11 sing N N 187 
LEU CD1 HD12 sing N N 188 
LEU CD1 HD13 sing N N 189 
LEU CD2 HD21 sing N N 190 
LEU CD2 HD22 sing N N 191 
LEU CD2 HD23 sing N N 192 
LEU OXT HXT  sing N N 193 
LYS N   CA   sing N N 194 
LYS N   H    sing N N 195 
LYS N   H2   sing N N 196 
LYS CA  C    sing N N 197 
LYS CA  CB   sing N N 198 
LYS CA  HA   sing N N 199 
LYS C   O    doub N N 200 
LYS C   OXT  sing N N 201 
LYS CB  CG   sing N N 202 
LYS CB  HB2  sing N N 203 
LYS CB  HB3  sing N N 204 
LYS CG  CD   sing N N 205 
LYS CG  HG2  sing N N 206 
LYS CG  HG3  sing N N 207 
LYS CD  CE   sing N N 208 
LYS CD  HD2  sing N N 209 
LYS CD  HD3  sing N N 210 
LYS CE  NZ   sing N N 211 
LYS CE  HE2  sing N N 212 
LYS CE  HE3  sing N N 213 
LYS NZ  HZ1  sing N N 214 
LYS NZ  HZ2  sing N N 215 
LYS NZ  HZ3  sing N N 216 
LYS OXT HXT  sing N N 217 
MET N   CA   sing N N 218 
MET N   H    sing N N 219 
MET N   H2   sing N N 220 
MET CA  C    sing N N 221 
MET CA  CB   sing N N 222 
MET CA  HA   sing N N 223 
MET C   O    doub N N 224 
MET C   OXT  sing N N 225 
MET CB  CG   sing N N 226 
MET CB  HB2  sing N N 227 
MET CB  HB3  sing N N 228 
MET CG  SD   sing N N 229 
MET CG  HG2  sing N N 230 
MET CG  HG3  sing N N 231 
MET SD  CE   sing N N 232 
MET CE  HE1  sing N N 233 
MET CE  HE2  sing N N 234 
MET CE  HE3  sing N N 235 
MET OXT HXT  sing N N 236 
PHE N   CA   sing N N 237 
PHE N   H    sing N N 238 
PHE N   H2   sing N N 239 
PHE CA  C    sing N N 240 
PHE CA  CB   sing N N 241 
PHE CA  HA   sing N N 242 
PHE C   O    doub N N 243 
PHE C   OXT  sing N N 244 
PHE CB  CG   sing N N 245 
PHE CB  HB2  sing N N 246 
PHE CB  HB3  sing N N 247 
PHE CG  CD1  doub Y N 248 
PHE CG  CD2  sing Y N 249 
PHE CD1 CE1  sing Y N 250 
PHE CD1 HD1  sing N N 251 
PHE CD2 CE2  doub Y N 252 
PHE CD2 HD2  sing N N 253 
PHE CE1 CZ   doub Y N 254 
PHE CE1 HE1  sing N N 255 
PHE CE2 CZ   sing Y N 256 
PHE CE2 HE2  sing N N 257 
PHE CZ  HZ   sing N N 258 
PHE OXT HXT  sing N N 259 
PRO N   CA   sing N N 260 
PRO N   CD   sing N N 261 
PRO N   H    sing N N 262 
PRO CA  C    sing N N 263 
PRO CA  CB   sing N N 264 
PRO CA  HA   sing N N 265 
PRO C   O    doub N N 266 
PRO C   OXT  sing N N 267 
PRO CB  CG   sing N N 268 
PRO CB  HB2  sing N N 269 
PRO CB  HB3  sing N N 270 
PRO CG  CD   sing N N 271 
PRO CG  HG2  sing N N 272 
PRO CG  HG3  sing N N 273 
PRO CD  HD2  sing N N 274 
PRO CD  HD3  sing N N 275 
PRO OXT HXT  sing N N 276 
SER N   CA   sing N N 277 
SER N   H    sing N N 278 
SER N   H2   sing N N 279 
SER CA  C    sing N N 280 
SER CA  CB   sing N N 281 
SER CA  HA   sing N N 282 
SER C   O    doub N N 283 
SER C   OXT  sing N N 284 
SER CB  OG   sing N N 285 
SER CB  HB2  sing N N 286 
SER CB  HB3  sing N N 287 
SER OG  HG   sing N N 288 
SER OXT HXT  sing N N 289 
THR N   CA   sing N N 290 
THR N   H    sing N N 291 
THR N   H2   sing N N 292 
THR CA  C    sing N N 293 
THR CA  CB   sing N N 294 
THR CA  HA   sing N N 295 
THR C   O    doub N N 296 
THR C   OXT  sing N N 297 
THR CB  OG1  sing N N 298 
THR CB  CG2  sing N N 299 
THR CB  HB   sing N N 300 
THR OG1 HG1  sing N N 301 
THR CG2 HG21 sing N N 302 
THR CG2 HG22 sing N N 303 
THR CG2 HG23 sing N N 304 
THR OXT HXT  sing N N 305 
TRP N   CA   sing N N 306 
TRP N   H    sing N N 307 
TRP N   H2   sing N N 308 
TRP CA  C    sing N N 309 
TRP CA  CB   sing N N 310 
TRP CA  HA   sing N N 311 
TRP C   O    doub N N 312 
TRP C   OXT  sing N N 313 
TRP CB  CG   sing N N 314 
TRP CB  HB2  sing N N 315 
TRP CB  HB3  sing N N 316 
TRP CG  CD1  doub Y N 317 
TRP CG  CD2  sing Y N 318 
TRP CD1 NE1  sing Y N 319 
TRP CD1 HD1  sing N N 320 
TRP CD2 CE2  doub Y N 321 
TRP CD2 CE3  sing Y N 322 
TRP NE1 CE2  sing Y N 323 
TRP NE1 HE1  sing N N 324 
TRP CE2 CZ2  sing Y N 325 
TRP CE3 CZ3  doub Y N 326 
TRP CE3 HE3  sing N N 327 
TRP CZ2 CH2  doub Y N 328 
TRP CZ2 HZ2  sing N N 329 
TRP CZ3 CH2  sing Y N 330 
TRP CZ3 HZ3  sing N N 331 
TRP CH2 HH2  sing N N 332 
TRP OXT HXT  sing N N 333 
TYR N   CA   sing N N 334 
TYR N   H    sing N N 335 
TYR N   H2   sing N N 336 
TYR CA  C    sing N N 337 
TYR CA  CB   sing N N 338 
TYR CA  HA   sing N N 339 
TYR C   O    doub N N 340 
TYR C   OXT  sing N N 341 
TYR CB  CG   sing N N 342 
TYR CB  HB2  sing N N 343 
TYR CB  HB3  sing N N 344 
TYR CG  CD1  doub Y N 345 
TYR CG  CD2  sing Y N 346 
TYR CD1 CE1  sing Y N 347 
TYR CD1 HD1  sing N N 348 
TYR CD2 CE2  doub Y N 349 
TYR CD2 HD2  sing N N 350 
TYR CE1 CZ   doub Y N 351 
TYR CE1 HE1  sing N N 352 
TYR CE2 CZ   sing Y N 353 
TYR CE2 HE2  sing N N 354 
TYR CZ  OH   sing N N 355 
TYR OH  HH   sing N N 356 
TYR OXT HXT  sing N N 357 
VAL N   CA   sing N N 358 
VAL N   H    sing N N 359 
VAL N   H2   sing N N 360 
VAL CA  C    sing N N 361 
VAL CA  CB   sing N N 362 
VAL CA  HA   sing N N 363 
VAL C   O    doub N N 364 
VAL C   OXT  sing N N 365 
VAL CB  CG1  sing N N 366 
VAL CB  CG2  sing N N 367 
VAL CB  HB   sing N N 368 
VAL CG1 HG11 sing N N 369 
VAL CG1 HG12 sing N N 370 
VAL CG1 HG13 sing N N 371 
VAL CG2 HG21 sing N N 372 
VAL CG2 HG22 sing N N 373 
VAL CG2 HG23 sing N N 374 
VAL OXT HXT  sing N N 375 
# 
loop_
_pdbx_entity_nonpoly.entity_id 
_pdbx_entity_nonpoly.name 
_pdbx_entity_nonpoly.comp_id 
3 'CHLORIDE ION' CL  
4 water          HOH 
# 
_pdbx_initial_refinement_model.id               1 
_pdbx_initial_refinement_model.entity_id_list   ? 
_pdbx_initial_refinement_model.type             'experimental model' 
_pdbx_initial_refinement_model.source_name      PDB 
_pdbx_initial_refinement_model.accession_code   2VOF 
_pdbx_initial_refinement_model.details          'PDB ENTRY 2VOF' 
# 
